data_3JB5
#
_entry.id   3JB5
#
_cell.length_a   1.000
_cell.length_b   1.000
_cell.length_c   1.000
_cell.angle_alpha   90.00
_cell.angle_beta   90.00
_cell.angle_gamma   90.00
#
_symmetry.space_group_name_H-M   'P 1'
#
_entity_poly.entity_id   1
_entity_poly.type   'polypeptide(L)'
_entity_poly.pdbx_seq_one_letter_code
;MADDFLSVGKLELPGSMIGAVRDRAIDSGVLAKLSPEQPTIFGPVKGAVFSGVPRAKIVGEGEVKPSASVDVSAFTAQPI
KVVTQQRVSDEFMWADADYRLGVLQDLISPALGASIGRAVDLIAFHGIDPATGKAASAVHTSLNKTKNIVDATDSATADL
VKAVGLIAGAGLQVPNGVALDPAFSFALSTEVYPKGSPLAGQPMYPAAGFAGLDNWRGLNVGASSTVSGAPEMSPASGVK
AIVGDFSRVHWGFQRNFPIELIEYGDPDQTGRDLKGHNEVMVRAEAVLYVAIESLDSFAVVKEKAAPKPNPPAEN
;
_entity_poly.pdbx_strand_id   A,B,C,D,E,F,G
#
# COMPACT_ATOMS: atom_id res chain seq x y z
N ASP A 4 -35.18 70.56 -2.77
CA ASP A 4 -34.81 69.40 -3.57
C ASP A 4 -33.62 69.71 -4.45
N PHE A 5 -33.34 68.82 -5.40
CA PHE A 5 -32.22 68.99 -6.32
C PHE A 5 -32.38 68.13 -7.57
N LEU A 6 -31.36 68.14 -8.42
CA LEU A 6 -31.38 67.33 -9.62
C LEU A 6 -30.72 65.98 -9.34
N SER A 7 -31.51 64.91 -9.45
CA SER A 7 -31.03 63.57 -9.16
C SER A 7 -30.52 62.86 -10.41
N VAL A 8 -29.85 61.74 -10.22
CA VAL A 8 -29.36 60.94 -11.33
C VAL A 8 -30.47 59.99 -11.81
N GLY A 9 -31.54 59.90 -11.02
CA GLY A 9 -32.65 59.04 -11.35
C GLY A 9 -33.54 59.58 -12.45
N LYS A 10 -33.69 60.90 -12.49
CA LYS A 10 -34.53 61.54 -13.49
C LYS A 10 -33.86 61.52 -14.87
N LEU A 11 -32.55 61.33 -14.88
CA LEU A 11 -31.83 61.16 -16.14
C LEU A 11 -32.14 59.79 -16.72
N GLU A 12 -32.37 58.83 -15.82
CA GLU A 12 -32.78 57.47 -16.17
C GLU A 12 -31.78 56.82 -17.13
N LEU A 13 -30.59 56.52 -16.60
CA LEU A 13 -29.54 55.90 -17.39
C LEU A 13 -29.90 54.44 -17.72
N PRO A 14 -29.58 54.00 -18.94
CA PRO A 14 -29.88 52.63 -19.38
C PRO A 14 -29.17 51.58 -18.53
N GLY A 15 -27.87 51.74 -18.34
CA GLY A 15 -27.10 50.82 -17.53
C GLY A 15 -25.91 50.24 -18.26
N SER A 16 -25.63 48.96 -18.01
CA SER A 16 -24.50 48.29 -18.64
C SER A 16 -24.73 46.78 -18.73
N MET A 17 -24.15 46.16 -19.76
CA MET A 17 -24.25 44.72 -19.95
C MET A 17 -22.96 44.01 -19.56
N ILE A 18 -23.08 43.07 -18.63
CA ILE A 18 -21.93 42.28 -18.18
C ILE A 18 -21.55 41.25 -19.24
N GLY A 19 -22.56 40.56 -19.75
CA GLY A 19 -22.34 39.52 -20.75
C GLY A 19 -22.57 38.13 -20.17
N ALA A 20 -22.86 37.17 -21.04
CA ALA A 20 -23.10 35.80 -20.63
C ALA A 20 -21.83 35.15 -20.09
N VAL A 21 -22.00 34.19 -19.19
CA VAL A 21 -20.86 33.51 -18.59
C VAL A 21 -20.86 32.02 -18.94
N ARG A 22 -19.70 31.51 -19.33
CA ARG A 22 -19.55 30.10 -19.66
C ARG A 22 -18.89 29.36 -18.51
N ASP A 23 -19.57 28.30 -18.03
CA ASP A 23 -19.10 27.56 -16.86
C ASP A 23 -17.79 26.82 -17.10
N ARG A 24 -17.51 26.52 -18.37
CA ARG A 24 -16.28 25.81 -18.77
C ARG A 24 -16.16 24.43 -18.12
N ALA A 25 -17.28 23.91 -17.62
CA ALA A 25 -17.28 22.61 -16.94
C ALA A 25 -18.68 22.03 -16.85
N ILE A 26 -19.18 21.52 -17.98
CA ILE A 26 -20.49 20.90 -18.01
C ILE A 26 -20.36 19.38 -17.92
N ASP A 27 -20.99 18.79 -16.92
CA ASP A 27 -20.93 17.34 -16.72
C ASP A 27 -21.73 16.60 -17.78
N SER A 28 -21.05 16.23 -18.87
CA SER A 28 -21.70 15.54 -19.97
C SER A 28 -21.97 14.07 -19.64
N GLY A 29 -21.12 13.49 -18.81
CA GLY A 29 -21.29 12.11 -18.40
C GLY A 29 -19.98 11.38 -18.18
N VAL A 30 -20.07 10.11 -17.78
CA VAL A 30 -18.89 9.31 -17.49
C VAL A 30 -18.74 8.13 -18.44
N LEU A 31 -19.88 7.54 -18.81
CA LEU A 31 -19.93 6.28 -19.55
C LEU A 31 -19.06 6.26 -20.81
N ALA A 32 -18.75 7.44 -21.35
CA ALA A 32 -17.91 7.53 -22.54
C ALA A 32 -16.44 7.34 -22.23
N LYS A 33 -16.06 7.50 -20.96
CA LYS A 33 -14.66 7.43 -20.56
C LYS A 33 -14.22 6.02 -20.16
N LEU A 34 -15.16 5.20 -19.69
CA LEU A 34 -14.83 3.88 -19.19
C LEU A 34 -15.01 2.80 -20.26
N SER A 35 -15.97 3.02 -21.16
CA SER A 35 -16.24 2.06 -22.23
C SER A 35 -16.47 2.78 -23.56
N PRO A 36 -15.69 2.42 -24.59
CA PRO A 36 -15.77 3.02 -25.92
C PRO A 36 -17.15 2.84 -26.56
N GLU A 37 -17.59 3.85 -27.31
CA GLU A 37 -18.88 3.78 -28.00
C GLU A 37 -18.82 2.79 -29.14
N GLN A 38 -19.89 2.01 -29.31
CA GLN A 38 -19.97 1.02 -30.37
C GLN A 38 -21.17 1.30 -31.27
N PRO A 39 -21.02 2.23 -32.22
CA PRO A 39 -22.10 2.63 -33.13
C PRO A 39 -22.59 1.47 -34.00
N THR A 40 -23.88 1.20 -33.94
CA THR A 40 -24.49 0.14 -34.73
C THR A 40 -25.66 0.66 -35.55
N ILE A 41 -26.15 -0.16 -36.48
CA ILE A 41 -27.31 0.20 -37.27
C ILE A 41 -28.56 0.17 -36.40
N PHE A 42 -29.65 0.75 -36.90
CA PHE A 42 -30.89 0.82 -36.13
C PHE A 42 -31.50 -0.56 -35.92
N GLY A 43 -32.15 -0.74 -34.78
CA GLY A 43 -32.79 -2.00 -34.45
C GLY A 43 -32.27 -2.61 -33.16
N PRO A 44 -32.93 -3.66 -32.67
CA PRO A 44 -32.54 -4.38 -31.45
C PRO A 44 -31.10 -4.88 -31.52
N VAL A 45 -30.45 -5.02 -30.37
CA VAL A 45 -29.05 -5.42 -30.33
C VAL A 45 -28.86 -6.68 -29.48
N LYS A 46 -28.46 -7.77 -30.15
CA LYS A 46 -28.22 -9.03 -29.46
C LYS A 46 -26.74 -9.34 -29.32
N GLY A 47 -26.42 -10.30 -28.45
CA GLY A 47 -25.05 -10.73 -28.25
C GLY A 47 -25.00 -12.20 -27.90
N ALA A 48 -23.79 -12.70 -27.65
CA ALA A 48 -23.60 -14.10 -27.30
C ALA A 48 -22.40 -14.28 -26.39
N VAL A 49 -22.58 -14.96 -25.26
CA VAL A 49 -21.50 -15.17 -24.31
C VAL A 49 -21.28 -16.65 -24.00
N PHE A 50 -20.04 -17.09 -24.13
CA PHE A 50 -19.67 -18.47 -23.87
C PHE A 50 -18.94 -18.57 -22.54
N SER A 51 -19.25 -19.60 -21.77
CA SER A 51 -18.63 -19.77 -20.45
C SER A 51 -18.35 -21.24 -20.14
N GLY A 52 -17.33 -21.48 -19.32
CA GLY A 52 -16.99 -22.82 -18.89
C GLY A 52 -15.94 -23.48 -19.76
N VAL A 53 -14.83 -23.86 -19.15
CA VAL A 53 -13.78 -24.58 -19.87
C VAL A 53 -14.02 -26.09 -19.76
N PRO A 54 -14.17 -26.75 -20.93
CA PRO A 54 -14.44 -28.18 -21.02
C PRO A 54 -13.46 -29.04 -20.22
N ARG A 55 -13.90 -30.23 -19.81
CA ARG A 55 -13.10 -31.09 -18.95
C ARG A 55 -12.53 -32.28 -19.71
N ALA A 56 -11.22 -32.47 -19.62
CA ALA A 56 -10.57 -33.59 -20.28
C ALA A 56 -10.90 -34.90 -19.57
N LYS A 57 -10.55 -36.02 -20.19
CA LYS A 57 -10.85 -37.33 -19.63
C LYS A 57 -9.73 -38.33 -19.91
N ILE A 58 -9.26 -38.98 -18.85
CA ILE A 58 -8.23 -40.01 -18.98
C ILE A 58 -8.80 -41.28 -19.59
N VAL A 59 -8.18 -41.76 -20.66
CA VAL A 59 -8.61 -43.00 -21.30
C VAL A 59 -7.41 -43.92 -21.52
N GLY A 60 -7.69 -45.22 -21.61
CA GLY A 60 -6.65 -46.21 -21.86
C GLY A 60 -6.77 -46.77 -23.26
N GLU A 61 -5.84 -47.65 -23.63
CA GLU A 61 -5.85 -48.27 -24.94
C GLU A 61 -7.07 -49.16 -25.13
N GLY A 62 -8.04 -48.66 -25.90
CA GLY A 62 -9.25 -49.41 -26.17
C GLY A 62 -10.46 -48.89 -25.42
N GLU A 63 -10.23 -47.93 -24.53
CA GLU A 63 -11.31 -47.37 -23.73
C GLU A 63 -12.02 -46.24 -24.49
N VAL A 64 -13.33 -46.12 -24.28
CA VAL A 64 -14.15 -45.15 -24.99
C VAL A 64 -13.77 -43.72 -24.69
N LYS A 65 -13.57 -42.93 -25.75
CA LYS A 65 -13.29 -41.50 -25.61
C LYS A 65 -14.59 -40.70 -25.64
N PRO A 66 -15.00 -40.18 -24.47
CA PRO A 66 -16.29 -39.49 -24.30
C PRO A 66 -16.26 -38.03 -24.77
N SER A 67 -17.36 -37.31 -24.55
CA SER A 67 -17.46 -35.92 -24.98
C SER A 67 -18.07 -35.05 -23.88
N ALA A 68 -17.93 -33.73 -24.04
CA ALA A 68 -18.51 -32.78 -23.11
C ALA A 68 -19.53 -31.89 -23.82
N SER A 69 -19.77 -30.71 -23.28
CA SER A 69 -20.74 -29.78 -23.86
C SER A 69 -20.33 -28.32 -23.69
N VAL A 70 -21.13 -27.43 -24.25
CA VAL A 70 -20.88 -25.99 -24.16
C VAL A 70 -22.08 -25.28 -23.53
N ASP A 71 -21.79 -24.35 -22.62
CA ASP A 71 -22.85 -23.57 -21.97
C ASP A 71 -22.88 -22.15 -22.51
N VAL A 72 -23.73 -21.93 -23.53
CA VAL A 72 -23.83 -20.63 -24.16
C VAL A 72 -24.92 -19.78 -23.50
N SER A 73 -24.97 -18.51 -23.86
CA SER A 73 -25.97 -17.58 -23.35
C SER A 73 -26.10 -16.37 -24.26
N ALA A 74 -26.99 -15.44 -23.91
CA ALA A 74 -27.23 -14.26 -24.73
C ALA A 74 -27.86 -13.12 -23.94
N PHE A 75 -27.72 -11.91 -24.46
CA PHE A 75 -28.36 -10.74 -23.88
C PHE A 75 -28.95 -9.86 -24.98
N THR A 76 -30.03 -9.15 -24.65
CA THR A 76 -30.71 -8.30 -25.62
C THR A 76 -30.81 -6.87 -25.14
N ALA A 77 -30.95 -5.94 -26.08
CA ALA A 77 -31.08 -4.52 -25.75
C ALA A 77 -31.97 -3.80 -26.75
N GLN A 78 -33.01 -3.16 -26.25
CA GLN A 78 -33.93 -2.41 -27.10
C GLN A 78 -33.47 -0.97 -27.28
N PRO A 79 -33.45 -0.50 -28.54
CA PRO A 79 -33.05 0.87 -28.86
C PRO A 79 -34.06 1.90 -28.35
N ILE A 80 -33.60 2.87 -27.57
CA ILE A 80 -34.48 3.90 -27.02
C ILE A 80 -34.24 5.25 -27.67
N LYS A 81 -35.33 5.99 -27.88
CA LYS A 81 -35.29 7.31 -28.50
C LYS A 81 -35.43 8.40 -27.44
N VAL A 82 -34.44 9.29 -27.38
CA VAL A 82 -34.43 10.36 -26.40
C VAL A 82 -34.29 11.73 -27.07
N VAL A 83 -35.15 12.67 -26.68
CA VAL A 83 -35.13 14.02 -27.23
C VAL A 83 -35.14 15.09 -26.15
N THR A 84 -34.98 16.33 -26.57
CA THR A 84 -35.14 17.49 -25.69
C THR A 84 -35.37 18.76 -26.51
N GLN A 85 -36.39 19.52 -26.14
CA GLN A 85 -36.76 20.71 -26.91
C GLN A 85 -36.73 21.98 -26.07
N GLN A 86 -36.52 23.10 -26.74
CA GLN A 86 -36.47 24.40 -26.10
C GLN A 86 -37.35 25.39 -26.87
N ARG A 87 -38.15 26.17 -26.15
CA ARG A 87 -39.05 27.12 -26.78
C ARG A 87 -38.52 28.55 -26.66
N VAL A 88 -37.97 29.06 -27.75
CA VAL A 88 -37.33 30.38 -27.74
C VAL A 88 -38.04 31.38 -28.65
N SER A 89 -38.58 32.44 -28.06
CA SER A 89 -39.26 33.49 -28.83
C SER A 89 -38.29 34.17 -29.80
N ASP A 90 -38.81 34.57 -30.96
CA ASP A 90 -37.99 35.21 -31.99
C ASP A 90 -37.58 36.60 -31.55
N GLU A 91 -38.29 37.15 -30.57
CA GLU A 91 -37.94 38.44 -29.99
C GLU A 91 -36.68 38.33 -29.14
N PHE A 92 -36.43 37.11 -28.65
CA PHE A 92 -35.27 36.85 -27.81
C PHE A 92 -34.01 36.66 -28.65
N MET A 93 -34.16 36.00 -29.80
CA MET A 93 -33.03 35.73 -30.68
C MET A 93 -32.48 37.01 -31.28
N TRP A 94 -33.32 38.04 -31.37
CA TRP A 94 -32.90 39.34 -31.87
C TRP A 94 -32.01 40.05 -30.85
N ALA A 95 -32.42 40.00 -29.59
CA ALA A 95 -31.64 40.56 -28.51
C ALA A 95 -30.38 39.72 -28.27
N ASP A 96 -30.42 38.49 -28.75
CA ASP A 96 -29.29 37.58 -28.63
C ASP A 96 -28.15 38.02 -29.56
N ALA A 97 -28.51 38.73 -30.62
CA ALA A 97 -27.54 39.18 -31.61
C ALA A 97 -27.32 40.70 -31.51
N ASP A 98 -28.20 41.38 -30.79
CA ASP A 98 -28.09 42.82 -30.63
C ASP A 98 -27.06 43.20 -29.57
N TYR A 99 -27.26 42.69 -28.36
CA TYR A 99 -26.36 42.97 -27.25
C TYR A 99 -25.14 42.04 -27.28
N ARG A 100 -25.14 41.14 -28.26
CA ARG A 100 -24.01 40.24 -28.52
C ARG A 100 -23.68 39.34 -27.34
N LEU A 101 -24.71 38.92 -26.61
CA LEU A 101 -24.54 37.93 -25.55
C LEU A 101 -24.90 36.54 -26.07
N GLY A 102 -23.90 35.69 -26.23
CA GLY A 102 -24.10 34.36 -26.79
C GLY A 102 -24.87 33.42 -25.88
N VAL A 103 -26.16 33.66 -25.74
CA VAL A 103 -27.02 32.82 -24.91
C VAL A 103 -27.48 31.60 -25.71
N LEU A 104 -27.65 31.78 -27.01
CA LEU A 104 -28.14 30.71 -27.88
C LEU A 104 -27.00 30.05 -28.64
N GLN A 105 -25.84 30.68 -28.65
CA GLN A 105 -24.71 30.19 -29.42
C GLN A 105 -23.71 29.39 -28.58
N ASP A 106 -23.55 29.79 -27.32
CA ASP A 106 -22.60 29.11 -26.45
C ASP A 106 -23.08 29.00 -25.01
N LEU A 107 -24.39 28.90 -24.82
CA LEU A 107 -24.95 28.80 -23.47
C LEU A 107 -26.15 27.87 -23.42
N ILE A 108 -26.91 27.80 -24.52
CA ILE A 108 -28.04 26.88 -24.59
C ILE A 108 -27.71 25.67 -25.44
N SER A 109 -27.21 25.90 -26.66
CA SER A 109 -26.87 24.82 -27.57
C SER A 109 -25.78 23.86 -27.04
N PRO A 110 -24.74 24.37 -26.35
CA PRO A 110 -23.81 23.36 -25.84
C PRO A 110 -24.34 22.63 -24.61
N ALA A 111 -25.20 23.30 -23.84
CA ALA A 111 -25.80 22.68 -22.66
C ALA A 111 -26.92 21.74 -23.06
N LEU A 112 -27.45 21.92 -24.26
CA LEU A 112 -28.51 21.07 -24.77
C LEU A 112 -27.92 19.84 -25.45
N GLY A 113 -26.71 19.98 -25.95
CA GLY A 113 -25.99 18.88 -26.57
C GLY A 113 -25.34 17.98 -25.55
N ALA A 114 -25.34 18.41 -24.30
CA ALA A 114 -24.83 17.61 -23.20
C ALA A 114 -25.98 17.01 -22.41
N SER A 115 -27.18 17.09 -22.97
CA SER A 115 -28.38 16.58 -22.30
C SER A 115 -28.66 15.13 -22.68
N ILE A 116 -28.30 14.77 -23.90
CA ILE A 116 -28.49 13.39 -24.36
C ILE A 116 -27.23 12.57 -24.10
N GLY A 117 -26.13 13.25 -23.83
CA GLY A 117 -24.89 12.61 -23.44
C GLY A 117 -24.97 12.24 -21.97
N ARG A 118 -25.81 12.97 -21.25
CA ARG A 118 -26.09 12.69 -19.85
C ARG A 118 -27.16 11.63 -19.73
N ALA A 119 -28.06 11.59 -20.70
CA ALA A 119 -29.19 10.68 -20.69
C ALA A 119 -28.77 9.21 -20.75
N VAL A 120 -27.74 8.91 -21.54
CA VAL A 120 -27.28 7.53 -21.70
C VAL A 120 -26.68 6.99 -20.39
N ASP A 121 -25.97 7.84 -19.67
CA ASP A 121 -25.40 7.45 -18.38
C ASP A 121 -26.53 7.24 -17.36
N LEU A 122 -27.52 8.12 -17.39
CA LEU A 122 -28.65 8.06 -16.49
C LEU A 122 -29.49 6.80 -16.73
N ILE A 123 -29.54 6.37 -17.98
CA ILE A 123 -30.24 5.14 -18.37
C ILE A 123 -29.45 3.91 -17.96
N ALA A 124 -28.13 3.97 -18.15
CA ALA A 124 -27.28 2.82 -17.86
C ALA A 124 -27.14 2.56 -16.35
N PHE A 125 -27.13 3.62 -15.56
CA PHE A 125 -26.84 3.52 -14.13
C PHE A 125 -28.08 3.30 -13.26
N HIS A 126 -29.24 3.75 -13.73
CA HIS A 126 -30.45 3.67 -12.93
C HIS A 126 -31.66 3.17 -13.71
N GLY A 127 -31.65 3.38 -15.03
CA GLY A 127 -32.78 3.00 -15.86
C GLY A 127 -33.98 3.89 -15.57
N ILE A 128 -33.76 5.19 -15.62
CA ILE A 128 -34.79 6.17 -15.32
C ILE A 128 -34.87 7.25 -16.39
N ASP A 129 -36.08 7.50 -16.89
CA ASP A 129 -36.33 8.58 -17.84
C ASP A 129 -35.93 9.91 -17.20
N PRO A 130 -34.89 10.55 -17.74
CA PRO A 130 -34.32 11.78 -17.17
C PRO A 130 -35.34 12.90 -16.96
N ALA A 131 -36.45 12.86 -17.70
CA ALA A 131 -37.51 13.86 -17.54
C ALA A 131 -38.19 13.72 -16.18
N THR A 132 -39.07 12.75 -16.06
CA THR A 132 -39.76 12.48 -14.80
C THR A 132 -38.95 11.48 -13.95
N GLY A 133 -38.66 11.87 -12.72
CA GLY A 133 -37.84 11.05 -11.84
C GLY A 133 -38.46 9.74 -11.41
N LYS A 134 -38.84 8.91 -12.38
CA LYS A 134 -39.44 7.61 -12.10
C LYS A 134 -38.85 6.54 -13.02
N ALA A 135 -38.93 5.29 -12.59
CA ALA A 135 -38.39 4.18 -13.36
C ALA A 135 -39.08 4.05 -14.71
N ALA A 136 -38.32 3.56 -15.70
CA ALA A 136 -38.85 3.42 -17.05
C ALA A 136 -39.45 2.03 -17.28
N SER A 137 -40.06 1.84 -18.45
CA SER A 137 -40.67 0.56 -18.80
C SER A 137 -39.92 -0.09 -19.96
N ALA A 138 -39.26 0.72 -20.76
CA ALA A 138 -38.52 0.23 -21.92
C ALA A 138 -37.26 -0.53 -21.50
N VAL A 139 -36.44 0.10 -20.66
CA VAL A 139 -35.21 -0.51 -20.19
C VAL A 139 -35.46 -1.42 -18.98
N HIS A 140 -35.02 -2.68 -19.10
CA HIS A 140 -35.21 -3.66 -18.04
C HIS A 140 -34.14 -3.54 -16.96
N THR A 141 -32.90 -3.85 -17.34
CA THR A 141 -31.80 -3.90 -16.39
C THR A 141 -31.12 -2.55 -16.18
N SER A 142 -30.35 -2.45 -15.10
CA SER A 142 -29.58 -1.25 -14.78
C SER A 142 -28.43 -1.62 -13.86
N LEU A 143 -27.39 -0.79 -13.83
CA LEU A 143 -26.21 -1.06 -13.02
C LEU A 143 -26.44 -0.81 -11.53
N ASN A 144 -27.69 -0.56 -11.15
CA ASN A 144 -28.03 -0.34 -9.77
C ASN A 144 -28.66 -1.58 -9.13
N LYS A 145 -29.21 -2.44 -9.97
CA LYS A 145 -29.92 -3.62 -9.49
C LYS A 145 -28.97 -4.79 -9.21
N THR A 146 -27.67 -4.52 -9.26
CA THR A 146 -26.68 -5.56 -8.94
C THR A 146 -26.76 -5.90 -7.45
N LYS A 147 -26.55 -7.17 -7.13
CA LYS A 147 -26.68 -7.65 -5.76
C LYS A 147 -25.38 -7.48 -4.97
N ASN A 148 -24.32 -7.09 -5.66
CA ASN A 148 -23.05 -6.81 -5.00
C ASN A 148 -23.04 -5.42 -4.39
N ILE A 149 -23.84 -5.23 -3.35
CA ILE A 149 -23.95 -3.93 -2.68
C ILE A 149 -23.06 -3.87 -1.44
N VAL A 150 -22.52 -2.69 -1.17
CA VAL A 150 -21.74 -2.46 0.03
C VAL A 150 -22.30 -1.26 0.78
N ASP A 151 -23.01 -1.54 1.88
CA ASP A 151 -23.65 -0.48 2.67
C ASP A 151 -22.62 0.54 3.15
N ALA A 152 -22.86 1.80 2.81
CA ALA A 152 -21.92 2.88 3.09
C ALA A 152 -21.73 3.09 4.60
N THR A 153 -20.46 3.16 5.00
CA THR A 153 -20.12 3.42 6.40
C THR A 153 -19.63 4.85 6.57
N ASP A 154 -18.91 5.10 7.66
CA ASP A 154 -18.34 6.42 7.91
C ASP A 154 -17.09 6.64 7.09
N SER A 155 -16.29 5.58 6.94
CA SER A 155 -15.06 5.64 6.15
C SER A 155 -15.36 5.42 4.67
N ALA A 156 -15.17 6.47 3.87
CA ALA A 156 -15.43 6.41 2.44
C ALA A 156 -14.29 5.70 1.70
N THR A 157 -13.24 5.35 2.43
CA THR A 157 -12.08 4.70 1.83
C THR A 157 -12.21 3.19 1.79
N ALA A 158 -12.54 2.60 2.94
CA ALA A 158 -12.77 1.16 3.03
C ALA A 158 -14.02 0.76 2.25
N ASP A 159 -14.93 1.72 2.11
CA ASP A 159 -16.20 1.51 1.43
C ASP A 159 -16.00 1.30 -0.07
N LEU A 160 -14.79 1.57 -0.55
CA LEU A 160 -14.44 1.38 -1.95
C LEU A 160 -13.62 0.11 -2.15
N VAL A 161 -12.65 -0.11 -1.27
CA VAL A 161 -11.79 -1.28 -1.34
C VAL A 161 -12.59 -2.55 -1.09
N LYS A 162 -13.55 -2.47 -0.18
CA LYS A 162 -14.42 -3.62 0.10
C LYS A 162 -15.41 -3.84 -1.03
N ALA A 163 -15.61 -2.79 -1.84
CA ALA A 163 -16.47 -2.89 -3.02
C ALA A 163 -15.73 -3.61 -4.14
N VAL A 164 -14.45 -3.27 -4.30
CA VAL A 164 -13.59 -3.96 -5.25
C VAL A 164 -13.39 -5.42 -4.83
N GLY A 165 -13.36 -5.65 -3.52
CA GLY A 165 -13.17 -6.99 -2.97
C GLY A 165 -14.36 -7.92 -3.19
N LEU A 166 -15.40 -7.41 -3.82
CA LEU A 166 -16.57 -8.23 -4.15
C LEU A 166 -16.51 -8.70 -5.59
N ILE A 167 -15.69 -8.03 -6.40
CA ILE A 167 -15.55 -8.38 -7.80
C ILE A 167 -14.33 -9.28 -8.02
N ALA A 168 -13.25 -8.97 -7.33
CA ALA A 168 -12.01 -9.74 -7.46
C ALA A 168 -11.78 -10.63 -6.24
N GLY A 169 -12.76 -10.65 -5.34
CA GLY A 169 -12.67 -11.47 -4.14
C GLY A 169 -12.71 -12.95 -4.47
N ALA A 170 -13.57 -13.32 -5.41
CA ALA A 170 -13.67 -14.70 -5.86
C ALA A 170 -12.59 -15.01 -6.89
N GLY A 171 -11.94 -13.96 -7.39
CA GLY A 171 -10.88 -14.11 -8.37
C GLY A 171 -11.39 -14.55 -9.72
N LEU A 172 -12.58 -14.08 -10.09
CA LEU A 172 -13.18 -14.45 -11.36
C LEU A 172 -13.13 -13.28 -12.34
N GLN A 173 -13.89 -12.22 -12.04
CA GLN A 173 -13.89 -11.02 -12.86
C GLN A 173 -12.71 -10.13 -12.50
N VAL A 174 -12.39 -9.20 -13.39
CA VAL A 174 -11.31 -8.24 -13.14
C VAL A 174 -11.80 -6.81 -13.36
N PRO A 175 -12.04 -6.07 -12.27
CA PRO A 175 -12.52 -4.69 -12.36
C PRO A 175 -11.46 -3.74 -12.90
N ASN A 176 -11.86 -2.87 -13.82
CA ASN A 176 -10.91 -1.93 -14.43
C ASN A 176 -11.46 -0.50 -14.53
N GLY A 177 -12.73 -0.33 -14.19
CA GLY A 177 -13.37 0.98 -14.27
C GLY A 177 -14.11 1.35 -13.01
N VAL A 178 -14.03 2.63 -12.63
CA VAL A 178 -14.72 3.11 -11.43
C VAL A 178 -15.30 4.50 -11.63
N ALA A 179 -16.58 4.66 -11.31
CA ALA A 179 -17.25 5.95 -11.39
C ALA A 179 -17.66 6.45 -10.00
N LEU A 180 -17.34 7.71 -9.71
CA LEU A 180 -17.61 8.28 -8.39
C LEU A 180 -18.59 9.44 -8.48
N ASP A 181 -19.26 9.72 -7.36
CA ASP A 181 -20.11 10.89 -7.25
C ASP A 181 -19.27 12.06 -6.73
N PRO A 182 -19.46 13.26 -7.32
CA PRO A 182 -18.71 14.48 -6.97
C PRO A 182 -18.62 14.73 -5.46
N ALA A 183 -19.68 14.40 -4.72
CA ALA A 183 -19.67 14.58 -3.27
C ALA A 183 -18.86 13.48 -2.59
N PHE A 184 -18.87 12.29 -3.17
CA PHE A 184 -18.14 11.16 -2.61
C PHE A 184 -16.65 11.25 -2.90
N SER A 185 -16.30 11.88 -4.03
CA SER A 185 -14.90 11.99 -4.43
C SER A 185 -14.15 12.98 -3.55
N PHE A 186 -14.88 13.78 -2.78
CA PHE A 186 -14.28 14.69 -1.82
C PHE A 186 -14.13 14.03 -0.46
N ALA A 187 -14.99 13.04 -0.19
CA ALA A 187 -14.95 12.32 1.06
C ALA A 187 -13.75 11.38 1.12
N LEU A 188 -13.27 10.97 -0.06
CA LEU A 188 -12.08 10.14 -0.16
C LEU A 188 -10.87 10.88 0.40
N SER A 189 -10.32 10.37 1.50
CA SER A 189 -9.24 11.03 2.21
C SER A 189 -7.95 11.12 1.39
N THR A 190 -7.50 12.34 1.16
CA THR A 190 -6.20 12.58 0.53
C THR A 190 -5.08 12.12 1.44
N GLU A 191 -4.36 11.09 1.04
CA GLU A 191 -3.35 10.48 1.90
C GLU A 191 -1.96 10.43 1.29
N VAL A 192 -1.87 9.82 0.10
CA VAL A 192 -0.61 9.53 -0.61
C VAL A 192 0.39 8.71 0.23
N TYR A 193 1.37 8.13 -0.45
CA TYR A 193 2.36 7.29 0.20
C TYR A 193 3.51 8.12 0.77
N PRO A 194 4.07 7.68 1.90
CA PRO A 194 5.21 8.37 2.53
C PRO A 194 6.50 8.26 1.71
N LYS A 195 7.58 8.82 2.23
CA LYS A 195 8.85 8.87 1.50
C LYS A 195 9.48 7.49 1.28
N GLY A 196 9.25 6.59 2.23
CA GLY A 196 9.87 5.26 2.19
C GLY A 196 9.39 4.36 1.07
N SER A 197 8.06 4.26 0.93
CA SER A 197 7.46 3.37 -0.06
C SER A 197 7.89 3.70 -1.49
N PRO A 198 7.99 2.67 -2.34
CA PRO A 198 8.42 2.84 -3.74
C PRO A 198 7.39 3.58 -4.60
N LEU A 199 6.22 3.87 -4.04
CA LEU A 199 5.20 4.62 -4.75
C LEU A 199 5.03 6.01 -4.13
N ALA A 200 6.14 6.58 -3.68
CA ALA A 200 6.13 7.88 -3.00
C ALA A 200 5.73 9.00 -3.96
N GLY A 201 4.77 9.81 -3.54
CA GLY A 201 4.33 10.95 -4.33
C GLY A 201 3.03 10.70 -5.07
N GLN A 202 2.61 9.44 -5.13
CA GLN A 202 1.39 9.08 -5.84
C GLN A 202 0.20 9.05 -4.90
N PRO A 203 -0.98 9.50 -5.38
CA PRO A 203 -2.20 9.50 -4.59
C PRO A 203 -2.65 8.07 -4.25
N MET A 204 -2.94 7.82 -2.97
CA MET A 204 -3.33 6.50 -2.51
C MET A 204 -4.79 6.20 -2.85
N TYR A 205 -5.54 7.27 -3.14
CA TYR A 205 -6.95 7.14 -3.46
C TYR A 205 -7.32 8.08 -4.62
N PRO A 206 -8.44 7.81 -5.30
CA PRO A 206 -8.93 8.72 -6.35
C PRO A 206 -9.00 10.17 -5.89
N ALA A 207 -9.88 10.45 -4.93
CA ALA A 207 -9.99 11.76 -4.29
C ALA A 207 -10.23 12.90 -5.29
N ALA A 208 -10.05 14.14 -4.82
CA ALA A 208 -10.24 15.31 -5.65
C ALA A 208 -9.10 16.30 -5.44
N GLY A 209 -8.82 17.10 -6.47
CA GLY A 209 -7.73 18.07 -6.41
C GLY A 209 -6.53 17.62 -7.23
N PHE A 210 -6.30 16.31 -7.26
CA PHE A 210 -5.21 15.75 -8.04
C PHE A 210 -5.50 15.91 -9.53
N ALA A 211 -5.08 17.03 -10.09
CA ALA A 211 -5.32 17.33 -11.50
C ALA A 211 -4.56 16.37 -12.41
N GLY A 212 -5.23 15.91 -13.46
CA GLY A 212 -4.62 15.00 -14.41
C GLY A 212 -4.64 13.56 -13.94
N LEU A 213 -5.64 13.20 -13.14
CA LEU A 213 -5.76 11.85 -12.64
C LEU A 213 -6.88 11.09 -13.33
N ASP A 214 -6.51 10.14 -14.18
CA ASP A 214 -7.49 9.31 -14.88
C ASP A 214 -7.15 7.84 -14.66
N ASN A 215 -6.32 7.58 -13.66
CA ASN A 215 -5.88 6.22 -13.37
C ASN A 215 -5.67 5.99 -11.88
N TRP A 216 -6.05 4.80 -11.42
CA TRP A 216 -5.86 4.42 -10.02
C TRP A 216 -5.59 2.93 -9.88
N ARG A 217 -4.33 2.60 -9.65
CA ARG A 217 -3.82 1.22 -9.51
C ARG A 217 -4.49 0.21 -10.44
N GLY A 218 -4.48 0.48 -11.73
CA GLY A 218 -4.99 -0.45 -12.73
C GLY A 218 -6.41 -0.14 -13.18
N LEU A 219 -7.10 0.70 -12.42
CA LEU A 219 -8.48 1.08 -12.75
C LEU A 219 -8.54 2.52 -13.23
N ASN A 220 -9.36 2.78 -14.23
CA ASN A 220 -9.57 4.14 -14.70
C ASN A 220 -10.72 4.81 -13.96
N VAL A 221 -10.51 6.07 -13.60
CA VAL A 221 -11.41 6.80 -12.73
C VAL A 221 -12.21 7.87 -13.46
N GLY A 222 -13.52 7.84 -13.31
CA GLY A 222 -14.37 8.89 -13.83
C GLY A 222 -15.27 9.41 -12.72
N ALA A 223 -15.72 10.66 -12.83
CA ALA A 223 -16.56 11.25 -11.79
C ALA A 223 -17.53 12.28 -12.36
N SER A 224 -18.83 12.01 -12.22
CA SER A 224 -19.86 12.94 -12.67
C SER A 224 -21.13 12.76 -11.83
N SER A 225 -22.00 13.76 -11.89
CA SER A 225 -23.22 13.78 -11.07
C SER A 225 -24.24 12.72 -11.52
N THR A 226 -24.08 12.21 -12.74
CA THR A 226 -25.05 11.28 -13.30
C THR A 226 -25.05 9.92 -12.61
N VAL A 227 -23.97 9.62 -11.89
CA VAL A 227 -23.87 8.35 -11.18
C VAL A 227 -24.80 8.36 -9.96
N SER A 228 -25.14 9.55 -9.49
CA SER A 228 -26.10 9.70 -8.41
C SER A 228 -27.43 10.20 -8.96
N GLY A 229 -27.36 10.80 -10.15
CA GLY A 229 -28.54 11.39 -10.78
C GLY A 229 -29.15 12.44 -9.88
N ALA A 230 -28.30 13.30 -9.32
CA ALA A 230 -28.71 14.26 -8.30
C ALA A 230 -29.81 15.23 -8.78
N PRO A 231 -29.65 15.84 -9.97
CA PRO A 231 -30.76 16.72 -10.35
C PRO A 231 -31.87 16.02 -11.13
N GLU A 232 -31.54 14.96 -11.86
CA GLU A 232 -32.53 14.25 -12.65
C GLU A 232 -33.21 13.12 -11.87
N MET A 233 -33.38 13.33 -10.57
CA MET A 233 -34.08 12.36 -9.73
C MET A 233 -34.58 13.07 -8.47
N SER A 234 -35.67 12.58 -7.90
CA SER A 234 -36.32 13.29 -6.79
C SER A 234 -35.67 13.03 -5.43
N PRO A 235 -35.59 11.76 -4.99
CA PRO A 235 -34.95 11.61 -3.67
C PRO A 235 -33.46 11.31 -3.78
N ALA A 236 -32.96 11.22 -5.01
CA ALA A 236 -31.57 10.87 -5.31
C ALA A 236 -31.23 9.45 -4.86
N SER A 237 -30.76 8.64 -5.81
CA SER A 237 -30.37 7.26 -5.50
C SER A 237 -29.23 7.25 -4.49
N GLY A 238 -29.25 6.27 -3.59
CA GLY A 238 -28.25 6.16 -2.55
C GLY A 238 -26.88 5.75 -3.07
N VAL A 239 -26.79 5.52 -4.37
CA VAL A 239 -25.53 5.11 -5.00
C VAL A 239 -24.46 6.20 -4.88
N LYS A 240 -23.30 5.83 -4.33
CA LYS A 240 -22.19 6.75 -4.22
C LYS A 240 -21.08 6.43 -5.22
N ALA A 241 -20.91 5.14 -5.51
CA ALA A 241 -19.83 4.72 -6.39
C ALA A 241 -20.15 3.41 -7.12
N ILE A 242 -19.66 3.32 -8.36
CA ILE A 242 -19.79 2.11 -9.16
C ILE A 242 -18.42 1.56 -9.51
N VAL A 243 -18.20 0.29 -9.25
CA VAL A 243 -16.93 -0.37 -9.59
C VAL A 243 -17.20 -1.62 -10.41
N GLY A 244 -16.63 -1.67 -11.61
CA GLY A 244 -16.87 -2.81 -12.48
C GLY A 244 -15.84 -3.03 -13.57
N ASP A 245 -16.11 -4.02 -14.42
CA ASP A 245 -15.26 -4.34 -15.56
C ASP A 245 -15.52 -3.38 -16.71
N PHE A 246 -16.77 -2.95 -16.83
CA PHE A 246 -17.21 -1.97 -17.83
C PHE A 246 -16.99 -2.36 -19.29
N SER A 247 -16.35 -3.50 -19.51
CA SER A 247 -16.28 -4.09 -20.84
C SER A 247 -17.48 -5.01 -21.03
N ARG A 248 -18.28 -5.12 -19.97
CA ARG A 248 -19.52 -5.89 -20.00
C ARG A 248 -20.67 -5.01 -20.47
N VAL A 249 -20.50 -3.70 -20.34
CA VAL A 249 -21.51 -2.75 -20.80
C VAL A 249 -21.20 -2.25 -22.20
N HIS A 250 -22.02 -2.66 -23.16
CA HIS A 250 -21.91 -2.17 -24.52
C HIS A 250 -23.01 -1.13 -24.75
N TRP A 251 -22.62 0.06 -25.22
CA TRP A 251 -23.58 1.11 -25.46
C TRP A 251 -23.28 1.84 -26.76
N GLY A 252 -24.26 2.53 -27.32
CA GLY A 252 -24.00 3.30 -28.53
C GLY A 252 -25.12 4.15 -29.10
N PHE A 253 -24.71 5.18 -29.84
CA PHE A 253 -25.66 6.01 -30.58
C PHE A 253 -25.90 5.43 -31.96
N GLN A 254 -27.09 4.88 -32.17
CA GLN A 254 -27.45 4.31 -33.46
C GLN A 254 -27.61 5.38 -34.52
N ARG A 255 -28.15 6.52 -34.12
CA ARG A 255 -28.34 7.65 -35.03
C ARG A 255 -28.40 8.96 -34.24
N ASN A 256 -27.36 9.77 -34.39
CA ASN A 256 -27.24 11.00 -33.62
C ASN A 256 -27.41 12.26 -34.48
N PHE A 257 -28.54 12.94 -34.31
CA PHE A 257 -28.77 14.21 -34.97
C PHE A 257 -28.08 15.32 -34.18
N PRO A 258 -27.46 16.28 -34.88
CA PRO A 258 -26.79 17.41 -34.22
C PRO A 258 -27.76 18.31 -33.45
N ILE A 259 -28.15 19.42 -34.06
CA ILE A 259 -29.15 20.31 -33.46
C ILE A 259 -30.11 20.82 -34.52
N GLU A 260 -31.40 20.53 -34.33
CA GLU A 260 -32.43 20.93 -35.27
C GLU A 260 -33.10 22.23 -34.84
N LEU A 261 -33.12 23.22 -35.74
CA LEU A 261 -33.80 24.47 -35.46
C LEU A 261 -35.14 24.49 -36.20
N ILE A 262 -36.19 24.12 -35.49
CA ILE A 262 -37.52 24.01 -36.08
C ILE A 262 -38.25 25.35 -36.05
N GLU A 263 -38.88 25.72 -37.16
CA GLU A 263 -39.56 27.00 -37.26
C GLU A 263 -40.97 26.89 -37.83
N TYR A 264 -41.50 25.67 -37.87
CA TYR A 264 -42.81 25.44 -38.47
C TYR A 264 -43.66 24.41 -37.73
N GLY A 265 -44.84 24.83 -37.30
CA GLY A 265 -45.83 23.91 -36.76
C GLY A 265 -45.52 23.29 -35.41
N ASP A 266 -46.52 23.31 -34.53
CA ASP A 266 -46.44 22.78 -33.16
C ASP A 266 -45.64 21.49 -33.03
N PRO A 267 -44.40 21.59 -32.52
CA PRO A 267 -43.54 20.41 -32.31
C PRO A 267 -43.88 19.68 -31.02
N ASP A 268 -44.25 20.44 -29.99
CA ASP A 268 -44.53 19.87 -28.69
C ASP A 268 -46.01 19.53 -28.50
N GLN A 269 -46.79 19.73 -29.56
CA GLN A 269 -48.23 19.47 -29.56
C GLN A 269 -48.92 20.23 -28.43
N THR A 270 -48.85 21.55 -28.48
CA THR A 270 -49.48 22.40 -27.47
C THR A 270 -50.55 23.28 -28.07
N GLY A 271 -50.79 23.11 -29.36
CA GLY A 271 -51.82 23.86 -30.06
C GLY A 271 -51.35 25.23 -30.53
N ARG A 272 -50.08 25.54 -30.29
CA ARG A 272 -49.51 26.82 -30.69
C ARG A 272 -48.46 26.64 -31.78
N ASP A 273 -48.83 26.99 -33.01
CA ASP A 273 -47.88 26.92 -34.13
C ASP A 273 -46.80 27.97 -33.95
N LEU A 274 -45.60 27.66 -34.41
CA LEU A 274 -44.43 28.51 -34.19
C LEU A 274 -44.51 29.83 -34.93
N LYS A 275 -44.93 29.79 -36.19
CA LYS A 275 -45.07 31.01 -36.98
C LYS A 275 -46.27 31.84 -36.50
N GLY A 276 -47.20 31.19 -35.81
CA GLY A 276 -48.38 31.86 -35.32
C GLY A 276 -48.13 32.64 -34.04
N HIS A 277 -47.01 32.35 -33.38
CA HIS A 277 -46.65 33.05 -32.15
C HIS A 277 -45.23 33.59 -32.22
N ASN A 278 -44.65 33.54 -33.42
CA ASN A 278 -43.29 34.01 -33.67
C ASN A 278 -42.26 33.37 -32.74
N GLU A 279 -42.32 32.05 -32.64
CA GLU A 279 -41.40 31.31 -31.78
C GLU A 279 -40.56 30.31 -32.57
N VAL A 280 -39.48 29.83 -31.96
CA VAL A 280 -38.54 28.92 -32.61
C VAL A 280 -38.16 27.79 -31.66
N MET A 281 -38.16 26.56 -32.18
CA MET A 281 -37.84 25.38 -31.39
C MET A 281 -36.37 24.96 -31.55
N VAL A 282 -35.70 24.71 -30.43
CA VAL A 282 -34.33 24.23 -30.44
C VAL A 282 -34.31 22.78 -29.98
N ARG A 283 -33.99 21.86 -30.89
CA ARG A 283 -34.20 20.45 -30.63
C ARG A 283 -32.92 19.62 -30.68
N ALA A 284 -32.77 18.73 -29.70
CA ALA A 284 -31.68 17.76 -29.70
C ALA A 284 -32.26 16.36 -29.63
N GLU A 285 -32.04 15.58 -30.68
CA GLU A 285 -32.64 14.27 -30.82
C GLU A 285 -31.60 13.19 -31.04
N ALA A 286 -31.74 12.07 -30.33
CA ALA A 286 -30.80 10.96 -30.47
C ALA A 286 -31.51 9.64 -30.19
N VAL A 287 -30.91 8.54 -30.65
CA VAL A 287 -31.41 7.21 -30.33
C VAL A 287 -30.25 6.30 -29.94
N LEU A 288 -30.27 5.84 -28.70
CA LEU A 288 -29.14 5.08 -28.16
C LEU A 288 -29.56 3.72 -27.64
N TYR A 289 -28.58 2.87 -27.35
CA TYR A 289 -28.85 1.56 -26.77
C TYR A 289 -27.84 1.21 -25.68
N VAL A 290 -28.33 0.52 -24.65
CA VAL A 290 -27.51 0.09 -23.52
C VAL A 290 -27.73 -1.39 -23.23
N ALA A 291 -26.67 -2.17 -23.40
CA ALA A 291 -26.70 -3.61 -23.17
C ALA A 291 -25.72 -4.02 -22.09
N ILE A 292 -26.16 -4.91 -21.20
CA ILE A 292 -25.33 -5.36 -20.08
C ILE A 292 -25.15 -6.86 -20.12
N GLU A 293 -23.91 -7.30 -20.29
CA GLU A 293 -23.58 -8.71 -20.38
C GLU A 293 -23.92 -9.46 -19.09
N SER A 294 -23.60 -8.84 -17.95
CA SER A 294 -23.88 -9.44 -16.64
C SER A 294 -23.92 -8.39 -15.54
N LEU A 295 -24.73 -8.64 -14.52
CA LEU A 295 -24.84 -7.72 -13.39
C LEU A 295 -24.03 -8.20 -12.20
N ASP A 296 -23.62 -9.46 -12.24
CA ASP A 296 -22.78 -10.03 -11.20
C ASP A 296 -21.32 -9.68 -11.44
N SER A 297 -21.08 -8.74 -12.34
CA SER A 297 -19.73 -8.26 -12.64
C SER A 297 -19.59 -6.80 -12.24
N PHE A 298 -20.57 -6.31 -11.50
CA PHE A 298 -20.58 -4.92 -11.05
C PHE A 298 -20.88 -4.78 -9.57
N ALA A 299 -20.27 -3.79 -8.93
CA ALA A 299 -20.49 -3.52 -7.52
C ALA A 299 -20.88 -2.06 -7.32
N VAL A 300 -21.73 -1.80 -6.35
CA VAL A 300 -22.17 -0.44 -6.09
C VAL A 300 -21.98 -0.06 -4.63
N VAL A 301 -22.18 1.21 -4.33
CA VAL A 301 -22.10 1.68 -2.95
C VAL A 301 -23.34 2.48 -2.60
N LYS A 302 -24.18 1.92 -1.72
CA LYS A 302 -25.45 2.57 -1.38
C LYS A 302 -25.46 3.06 0.07
N GLU A 303 -26.29 4.07 0.32
CA GLU A 303 -26.44 4.62 1.67
C GLU A 303 -27.66 4.02 2.36
N ASP B 4 -53.61 4.44 -38.55
CA ASP B 4 -53.18 5.81 -38.35
C ASP B 4 -51.90 6.13 -39.13
N PHE B 5 -50.89 5.27 -38.96
CA PHE B 5 -49.62 5.45 -39.66
C PHE B 5 -48.82 4.15 -39.70
N LEU B 6 -47.72 4.16 -40.45
CA LEU B 6 -46.88 2.98 -40.61
C LEU B 6 -45.82 2.91 -39.52
N SER B 7 -46.02 2.02 -38.55
CA SER B 7 -45.09 1.87 -37.44
C SER B 7 -43.94 0.93 -37.78
N VAL B 8 -42.96 0.86 -36.90
CA VAL B 8 -41.85 -0.07 -37.06
C VAL B 8 -42.05 -1.27 -36.14
N GLY B 9 -43.28 -1.43 -35.66
CA GLY B 9 -43.63 -2.53 -34.79
C GLY B 9 -44.18 -3.70 -35.59
N LYS B 10 -45.01 -3.40 -36.58
CA LYS B 10 -45.53 -4.41 -37.49
C LYS B 10 -44.38 -5.07 -38.24
N LEU B 11 -43.47 -4.24 -38.72
CA LEU B 11 -42.24 -4.72 -39.36
C LEU B 11 -41.24 -5.15 -38.30
N GLU B 12 -41.35 -6.41 -37.85
CA GLU B 12 -40.48 -6.92 -36.81
C GLU B 12 -39.03 -6.95 -37.28
N LEU B 13 -38.23 -6.04 -36.75
CA LEU B 13 -36.83 -5.91 -37.16
C LEU B 13 -35.95 -6.99 -36.57
N PRO B 14 -34.98 -7.47 -37.38
CA PRO B 14 -33.97 -8.43 -36.90
C PRO B 14 -33.04 -7.79 -35.87
N GLY B 15 -32.02 -7.07 -36.34
CA GLY B 15 -31.10 -6.39 -35.45
C GLY B 15 -29.65 -6.50 -35.86
N SER B 16 -28.76 -6.39 -34.88
CA SER B 16 -27.33 -6.49 -35.14
C SER B 16 -26.65 -7.37 -34.10
N MET B 17 -25.49 -7.92 -34.45
CA MET B 17 -24.71 -8.77 -33.56
C MET B 17 -23.52 -8.03 -32.97
N ILE B 18 -23.46 -7.95 -31.65
CA ILE B 18 -22.31 -7.37 -30.96
C ILE B 18 -21.07 -8.21 -31.24
N GLY B 19 -21.23 -9.53 -31.11
CA GLY B 19 -20.14 -10.45 -31.34
C GLY B 19 -20.22 -11.66 -30.42
N ALA B 20 -19.06 -12.26 -30.13
CA ALA B 20 -18.99 -13.40 -29.25
C ALA B 20 -17.93 -13.18 -28.16
N VAL B 21 -18.39 -12.92 -26.95
CA VAL B 21 -17.49 -12.63 -25.83
C VAL B 21 -17.41 -13.82 -24.88
N ARG B 22 -16.22 -14.08 -24.36
CA ARG B 22 -16.05 -15.11 -23.34
C ARG B 22 -16.14 -14.49 -21.95
N ASP B 23 -16.94 -15.12 -21.08
CA ASP B 23 -17.21 -14.58 -19.75
C ASP B 23 -15.95 -14.35 -18.92
N ARG B 24 -15.20 -15.41 -18.66
CA ARG B 24 -14.01 -15.33 -17.82
C ARG B 24 -12.73 -15.39 -18.64
N ALA B 25 -11.66 -14.85 -18.08
CA ALA B 25 -10.33 -15.04 -18.65
C ALA B 25 -9.94 -16.50 -18.48
N ILE B 26 -9.20 -17.04 -19.44
CA ILE B 26 -8.88 -18.46 -19.44
C ILE B 26 -7.83 -18.84 -18.39
N ASP B 27 -8.19 -19.79 -17.52
CA ASP B 27 -7.26 -20.31 -16.54
C ASP B 27 -6.61 -21.59 -17.05
N SER B 28 -5.70 -21.44 -18.00
CA SER B 28 -5.08 -22.57 -18.69
C SER B 28 -4.28 -23.48 -17.75
N GLY B 29 -3.13 -23.00 -17.30
CA GLY B 29 -2.27 -23.83 -16.48
C GLY B 29 -1.35 -23.11 -15.51
N VAL B 30 -0.68 -23.89 -14.67
CA VAL B 30 0.28 -23.36 -13.71
C VAL B 30 1.52 -24.26 -13.64
N LEU B 31 1.33 -25.54 -13.92
CA LEU B 31 2.44 -26.49 -13.92
C LEU B 31 3.43 -26.18 -15.04
N ALA B 32 2.96 -25.53 -16.09
CA ALA B 32 3.78 -25.20 -17.24
C ALA B 32 4.67 -23.99 -16.95
N LYS B 33 4.33 -23.24 -15.92
CA LYS B 33 5.06 -22.01 -15.57
C LYS B 33 6.09 -22.26 -14.48
N LEU B 34 5.81 -23.21 -13.60
CA LEU B 34 6.67 -23.48 -12.46
C LEU B 34 7.78 -24.48 -12.82
N SER B 35 7.39 -25.58 -13.45
CA SER B 35 8.36 -26.59 -13.87
C SER B 35 8.38 -26.71 -15.39
N PRO B 36 9.51 -26.33 -16.01
CA PRO B 36 9.70 -26.40 -17.46
C PRO B 36 9.46 -27.81 -18.01
N GLU B 37 8.64 -27.91 -19.05
CA GLU B 37 8.31 -29.20 -19.63
C GLU B 37 9.54 -29.87 -20.24
N GLN B 38 9.83 -31.08 -19.78
CA GLN B 38 10.93 -31.87 -20.33
C GLN B 38 10.38 -33.08 -21.08
N PRO B 39 10.16 -32.92 -22.38
CA PRO B 39 9.52 -33.95 -23.22
C PRO B 39 10.39 -35.18 -23.42
N THR B 40 9.75 -36.34 -23.49
CA THR B 40 10.44 -37.60 -23.74
C THR B 40 9.71 -38.41 -24.80
N ILE B 41 10.26 -39.57 -25.16
CA ILE B 41 9.60 -40.47 -26.09
C ILE B 41 8.44 -41.17 -25.39
N PHE B 42 7.64 -41.89 -26.15
CA PHE B 42 6.49 -42.59 -25.59
C PHE B 42 6.95 -43.74 -24.71
N GLY B 43 6.16 -44.05 -23.69
CA GLY B 43 6.48 -45.10 -22.75
C GLY B 43 6.56 -44.57 -21.34
N PRO B 44 6.73 -45.47 -20.35
CA PRO B 44 6.84 -45.08 -18.95
C PRO B 44 8.11 -44.29 -18.67
N VAL B 45 8.18 -43.66 -17.51
CA VAL B 45 9.41 -43.03 -17.06
C VAL B 45 9.74 -43.52 -15.66
N LYS B 46 11.02 -43.62 -15.34
CA LYS B 46 11.42 -44.10 -14.02
C LYS B 46 12.76 -43.52 -13.58
N GLY B 47 12.84 -43.19 -12.30
CA GLY B 47 14.05 -42.61 -11.74
C GLY B 47 14.43 -43.19 -10.38
N ALA B 48 15.73 -43.18 -10.11
CA ALA B 48 16.25 -43.68 -8.83
C ALA B 48 16.52 -42.53 -7.88
N VAL B 49 16.20 -42.74 -6.61
CA VAL B 49 16.43 -41.72 -5.57
C VAL B 49 17.25 -42.28 -4.41
N PHE B 50 18.43 -41.71 -4.22
CA PHE B 50 19.31 -42.14 -3.13
C PHE B 50 19.18 -41.21 -1.94
N SER B 51 18.51 -41.69 -0.89
CA SER B 51 18.22 -40.87 0.27
C SER B 51 18.97 -41.31 1.51
N GLY B 52 19.29 -40.35 2.38
CA GLY B 52 19.91 -40.65 3.65
C GLY B 52 21.43 -40.70 3.61
N VAL B 53 22.05 -40.37 4.74
CA VAL B 53 23.50 -40.44 4.88
C VAL B 53 23.87 -41.52 5.90
N PRO B 54 24.74 -42.46 5.50
CA PRO B 54 25.18 -43.57 6.35
C PRO B 54 25.79 -43.10 7.67
N ARG B 55 25.82 -43.99 8.67
CA ARG B 55 26.35 -43.65 9.98
C ARG B 55 27.67 -44.37 10.25
N ALA B 56 28.71 -43.60 10.52
CA ALA B 56 30.00 -44.17 10.88
C ALA B 56 29.96 -44.75 12.30
N LYS B 57 30.93 -45.58 12.64
CA LYS B 57 30.95 -46.21 13.96
C LYS B 57 32.34 -46.11 14.60
N ILE B 58 32.35 -45.87 15.91
CA ILE B 58 33.60 -45.82 16.65
C ILE B 58 34.18 -47.22 16.82
N VAL B 59 35.44 -47.40 16.40
CA VAL B 59 36.06 -48.72 16.38
C VAL B 59 37.41 -48.73 17.09
N GLY B 60 37.60 -49.71 17.97
CA GLY B 60 38.87 -49.89 18.64
C GLY B 60 39.87 -50.64 17.77
N GLU B 61 41.11 -50.76 18.23
CA GLU B 61 42.16 -51.39 17.45
C GLU B 61 41.86 -52.86 17.14
N GLY B 62 41.10 -53.51 18.02
CA GLY B 62 40.80 -54.92 17.84
C GLY B 62 39.37 -55.20 17.41
N GLU B 63 38.48 -54.24 17.65
CA GLU B 63 37.07 -54.43 17.35
C GLU B 63 36.80 -54.50 15.84
N VAL B 64 35.61 -54.98 15.49
CA VAL B 64 35.26 -55.23 14.08
C VAL B 64 34.62 -54.01 13.42
N LYS B 65 35.20 -53.61 12.28
CA LYS B 65 34.63 -52.54 11.47
C LYS B 65 33.43 -53.06 10.68
N PRO B 66 32.22 -52.62 11.03
CA PRO B 66 30.98 -53.15 10.45
C PRO B 66 30.62 -52.50 9.12
N SER B 67 29.36 -52.67 8.70
CA SER B 67 28.88 -52.11 7.45
C SER B 67 27.50 -51.49 7.63
N ALA B 68 27.06 -50.74 6.61
CA ALA B 68 25.74 -50.13 6.64
C ALA B 68 24.98 -50.47 5.35
N SER B 69 23.70 -50.16 5.32
CA SER B 69 22.87 -50.44 4.16
C SER B 69 22.52 -49.17 3.39
N VAL B 70 22.40 -49.30 2.07
CA VAL B 70 22.07 -48.16 1.22
C VAL B 70 20.58 -48.09 0.98
N ASP B 71 20.02 -46.89 1.14
CA ASP B 71 18.59 -46.69 0.95
C ASP B 71 18.28 -46.12 -0.43
N VAL B 72 17.63 -46.91 -1.28
CA VAL B 72 17.30 -46.50 -2.63
C VAL B 72 15.80 -46.63 -2.89
N SER B 73 15.21 -45.60 -3.50
CA SER B 73 13.79 -45.61 -3.82
C SER B 73 13.54 -45.21 -5.26
N ALA B 74 12.99 -46.13 -6.05
CA ALA B 74 12.72 -45.88 -7.45
C ALA B 74 11.26 -45.52 -7.68
N PHE B 75 11.01 -44.44 -8.42
CA PHE B 75 9.65 -44.04 -8.74
C PHE B 75 9.38 -44.20 -10.25
N THR B 76 8.14 -44.54 -10.58
CA THR B 76 7.77 -44.72 -11.98
C THR B 76 6.40 -44.10 -12.29
N ALA B 77 6.32 -43.49 -13.48
CA ALA B 77 5.09 -42.86 -13.94
C ALA B 77 4.70 -43.41 -15.31
N GLN B 78 3.44 -43.82 -15.44
CA GLN B 78 2.93 -44.37 -16.68
C GLN B 78 2.28 -43.27 -17.52
N PRO B 79 2.54 -43.27 -18.84
CA PRO B 79 2.01 -42.24 -19.73
C PRO B 79 0.50 -42.32 -19.85
N ILE B 80 -0.17 -41.17 -19.74
CA ILE B 80 -1.63 -41.12 -19.86
C ILE B 80 -2.08 -40.15 -20.95
N LYS B 81 -2.97 -40.62 -21.80
CA LYS B 81 -3.53 -39.77 -22.84
C LYS B 81 -4.87 -39.18 -22.43
N VAL B 82 -5.05 -37.89 -22.70
CA VAL B 82 -6.29 -37.20 -22.38
C VAL B 82 -6.98 -36.68 -23.64
N VAL B 83 -8.30 -36.77 -23.64
CA VAL B 83 -9.10 -36.36 -24.80
C VAL B 83 -10.16 -35.35 -24.39
N THR B 84 -10.48 -34.43 -25.29
CA THR B 84 -11.54 -33.46 -25.03
C THR B 84 -12.36 -33.25 -26.29
N GLN B 85 -13.64 -33.58 -26.23
CA GLN B 85 -14.49 -33.55 -27.42
C GLN B 85 -15.73 -32.67 -27.27
N GLN B 86 -16.01 -31.90 -28.32
CA GLN B 86 -17.22 -31.08 -28.38
C GLN B 86 -17.99 -31.40 -29.65
N ARG B 87 -19.27 -31.72 -29.50
CA ARG B 87 -20.10 -32.11 -30.64
C ARG B 87 -20.90 -30.94 -31.20
N VAL B 88 -20.39 -30.34 -32.28
CA VAL B 88 -21.04 -29.19 -32.90
C VAL B 88 -21.84 -29.61 -34.14
N SER B 89 -22.91 -28.88 -34.43
CA SER B 89 -23.73 -29.17 -35.60
C SER B 89 -23.30 -28.34 -36.80
N ASP B 90 -23.60 -28.84 -38.00
CA ASP B 90 -23.23 -28.16 -39.23
C ASP B 90 -24.02 -26.87 -39.45
N GLU B 91 -25.24 -26.84 -38.93
CA GLU B 91 -26.09 -25.65 -39.04
C GLU B 91 -25.41 -24.48 -38.34
N PHE B 92 -24.70 -24.80 -37.26
CA PHE B 92 -23.89 -23.82 -36.54
C PHE B 92 -22.63 -23.48 -37.33
N MET B 93 -22.09 -24.48 -38.02
CA MET B 93 -20.81 -24.36 -38.71
C MET B 93 -20.91 -23.41 -39.89
N TRP B 94 -22.04 -23.44 -40.58
CA TRP B 94 -22.31 -22.52 -41.68
C TRP B 94 -22.54 -21.12 -41.14
N ALA B 95 -23.19 -21.07 -39.98
CA ALA B 95 -23.50 -19.79 -39.33
C ALA B 95 -22.24 -19.02 -38.99
N ASP B 96 -21.29 -19.67 -38.32
CA ASP B 96 -20.05 -18.98 -37.96
C ASP B 96 -19.23 -18.63 -39.20
N ALA B 97 -19.56 -19.24 -40.33
CA ALA B 97 -18.84 -19.01 -41.58
C ALA B 97 -19.33 -17.77 -42.31
N ASP B 98 -20.63 -17.68 -42.52
CA ASP B 98 -21.19 -16.60 -43.34
C ASP B 98 -21.73 -15.42 -42.51
N TYR B 99 -22.15 -15.67 -41.28
CA TYR B 99 -22.63 -14.60 -40.41
C TYR B 99 -21.45 -13.81 -39.87
N ARG B 100 -20.25 -14.36 -40.04
CA ARG B 100 -19.00 -13.75 -39.58
C ARG B 100 -19.00 -13.48 -38.08
N LEU B 101 -18.78 -14.53 -37.29
CA LEU B 101 -18.64 -14.38 -35.85
C LEU B 101 -17.25 -14.86 -35.41
N GLY B 102 -16.69 -15.80 -36.15
CA GLY B 102 -15.40 -16.38 -35.81
C GLY B 102 -15.45 -17.08 -34.47
N VAL B 103 -16.27 -18.13 -34.38
CA VAL B 103 -16.50 -18.81 -33.10
C VAL B 103 -15.48 -19.91 -32.84
N LEU B 104 -15.17 -20.70 -33.87
CA LEU B 104 -14.31 -21.87 -33.69
C LEU B 104 -12.86 -21.52 -33.42
N GLN B 105 -12.32 -20.57 -34.17
CA GLN B 105 -10.90 -20.23 -34.06
C GLN B 105 -10.63 -19.29 -32.87
N ASP B 106 -11.59 -18.43 -32.56
CA ASP B 106 -11.38 -17.40 -31.56
C ASP B 106 -11.94 -17.73 -30.18
N LEU B 107 -12.80 -18.75 -30.10
CA LEU B 107 -13.49 -19.05 -28.85
C LEU B 107 -13.39 -20.52 -28.41
N ILE B 108 -13.81 -21.43 -29.28
CA ILE B 108 -13.91 -22.84 -28.93
C ILE B 108 -12.55 -23.54 -28.85
N SER B 109 -11.67 -23.27 -29.81
CA SER B 109 -10.36 -23.92 -29.85
C SER B 109 -9.49 -23.66 -28.61
N PRO B 110 -9.36 -22.39 -28.17
CA PRO B 110 -8.52 -22.18 -26.98
C PRO B 110 -9.13 -22.78 -25.71
N ALA B 111 -10.43 -23.05 -25.74
CA ALA B 111 -11.09 -23.68 -24.59
C ALA B 111 -10.59 -25.11 -24.38
N LEU B 112 -10.36 -25.81 -25.49
CA LEU B 112 -9.85 -27.18 -25.43
C LEU B 112 -8.34 -27.18 -25.22
N GLY B 113 -7.68 -26.25 -25.91
CA GLY B 113 -6.24 -26.05 -25.76
C GLY B 113 -5.89 -25.76 -24.32
N ALA B 114 -6.83 -25.13 -23.61
CA ALA B 114 -6.68 -24.92 -22.18
C ALA B 114 -7.21 -26.10 -21.38
N SER B 115 -8.13 -26.86 -21.97
CA SER B 115 -8.72 -28.02 -21.31
C SER B 115 -7.66 -29.09 -21.10
N ILE B 116 -6.61 -29.04 -21.89
CA ILE B 116 -5.44 -29.91 -21.66
C ILE B 116 -4.57 -29.40 -20.52
N GLY B 117 -4.28 -28.11 -20.55
CA GLY B 117 -3.43 -27.47 -19.56
C GLY B 117 -4.00 -27.60 -18.16
N ARG B 118 -5.32 -27.55 -18.06
CA ARG B 118 -6.01 -27.75 -16.79
C ARG B 118 -5.94 -29.21 -16.36
N ALA B 119 -5.94 -30.10 -17.34
CA ALA B 119 -5.86 -31.54 -17.08
C ALA B 119 -4.53 -31.90 -16.44
N VAL B 120 -3.45 -31.32 -16.95
CA VAL B 120 -2.12 -31.54 -16.39
C VAL B 120 -2.05 -31.18 -14.91
N ASP B 121 -2.51 -29.98 -14.58
CA ASP B 121 -2.52 -29.50 -13.20
C ASP B 121 -3.41 -30.36 -12.31
N LEU B 122 -4.57 -30.75 -12.86
CA LEU B 122 -5.51 -31.57 -12.10
C LEU B 122 -4.95 -32.95 -11.80
N ILE B 123 -4.07 -33.42 -12.68
CA ILE B 123 -3.38 -34.69 -12.46
C ILE B 123 -2.29 -34.53 -11.43
N ALA B 124 -1.50 -33.47 -11.56
CA ALA B 124 -0.35 -33.24 -10.67
C ALA B 124 -0.77 -32.94 -9.23
N PHE B 125 -1.87 -32.21 -9.07
CA PHE B 125 -2.25 -31.69 -7.75
C PHE B 125 -3.21 -32.59 -6.98
N HIS B 126 -4.13 -33.24 -7.69
CA HIS B 126 -5.17 -34.03 -7.01
C HIS B 126 -5.23 -35.47 -7.53
N GLY B 127 -4.67 -35.70 -8.71
CA GLY B 127 -4.65 -37.02 -9.30
C GLY B 127 -6.03 -37.56 -9.62
N ILE B 128 -6.85 -36.73 -10.25
CA ILE B 128 -8.19 -37.13 -10.64
C ILE B 128 -8.42 -36.94 -12.14
N ASP B 129 -9.32 -37.73 -12.72
CA ASP B 129 -9.74 -37.51 -14.08
C ASP B 129 -10.77 -36.38 -14.09
N PRO B 130 -10.40 -35.23 -14.67
CA PRO B 130 -11.16 -33.98 -14.62
C PRO B 130 -12.64 -34.12 -14.95
N ALA B 131 -12.98 -35.04 -15.84
CA ALA B 131 -14.37 -35.26 -16.24
C ALA B 131 -15.22 -35.76 -15.08
N THR B 132 -14.87 -36.93 -14.55
CA THR B 132 -15.62 -37.53 -13.47
C THR B 132 -15.43 -36.78 -12.16
N GLY B 133 -14.19 -36.44 -11.85
CA GLY B 133 -13.86 -35.71 -10.64
C GLY B 133 -13.90 -36.59 -9.40
N LYS B 134 -13.44 -37.82 -9.55
CA LYS B 134 -13.43 -38.79 -8.45
C LYS B 134 -12.01 -39.05 -7.98
N ALA B 135 -11.45 -40.18 -8.39
CA ALA B 135 -10.08 -40.54 -8.06
C ALA B 135 -9.49 -41.38 -9.18
N ALA B 136 -8.65 -40.75 -10.01
CA ALA B 136 -8.07 -41.42 -11.16
C ALA B 136 -7.19 -42.59 -10.75
N SER B 137 -7.42 -43.73 -11.39
CA SER B 137 -6.61 -44.92 -11.14
C SER B 137 -5.30 -44.84 -11.92
N ALA B 138 -4.33 -45.65 -11.51
CA ALA B 138 -3.02 -45.71 -12.16
C ALA B 138 -2.30 -44.37 -12.17
N VAL B 139 -2.55 -43.55 -11.14
CA VAL B 139 -1.83 -42.30 -10.96
C VAL B 139 -1.14 -42.30 -9.59
N HIS B 140 -1.60 -43.20 -8.73
CA HIS B 140 -1.01 -43.42 -7.40
C HIS B 140 -0.95 -42.17 -6.54
N THR B 141 0.06 -41.33 -6.78
CA THR B 141 0.33 -40.20 -5.88
C THR B 141 0.07 -38.83 -6.52
N SER B 142 -0.38 -37.89 -5.70
CA SER B 142 -0.60 -36.52 -6.13
C SER B 142 0.08 -35.54 -5.17
N LEU B 143 0.15 -34.28 -5.55
CA LEU B 143 0.88 -33.27 -4.78
C LEU B 143 0.17 -32.90 -3.47
N ASN B 144 -1.15 -32.93 -3.48
CA ASN B 144 -1.93 -32.56 -2.30
C ASN B 144 -1.72 -33.52 -1.14
N LYS B 145 -1.81 -34.81 -1.42
CA LYS B 145 -1.71 -35.83 -0.39
C LYS B 145 -0.31 -35.90 0.22
N THR B 146 -0.01 -34.94 1.09
CA THR B 146 1.27 -34.89 1.78
C THR B 146 1.07 -34.71 3.28
N LYS B 147 2.12 -34.97 4.06
CA LYS B 147 2.03 -34.90 5.51
C LYS B 147 2.13 -33.46 6.01
N ASN B 148 2.79 -32.61 5.24
CA ASN B 148 2.98 -31.21 5.63
C ASN B 148 1.75 -30.36 5.35
N ILE B 149 1.02 -30.02 6.41
CA ILE B 149 -0.18 -29.20 6.30
C ILE B 149 -0.09 -27.97 7.20
N VAL B 150 -0.52 -26.83 6.68
CA VAL B 150 -0.52 -25.59 7.46
C VAL B 150 -1.95 -25.06 7.61
N ASP B 151 -2.36 -24.84 8.86
CA ASP B 151 -3.70 -24.35 9.16
C ASP B 151 -3.86 -22.93 8.64
N ALA B 152 -4.93 -22.71 7.87
CA ALA B 152 -5.18 -21.41 7.25
C ALA B 152 -5.42 -20.32 8.29
N THR B 153 -4.62 -19.25 8.21
CA THR B 153 -4.75 -18.12 9.12
C THR B 153 -5.33 -16.92 8.38
N ASP B 154 -5.80 -15.92 9.13
CA ASP B 154 -6.36 -14.72 8.53
C ASP B 154 -5.31 -13.95 7.73
N SER B 155 -4.06 -14.06 8.15
CA SER B 155 -2.95 -13.42 7.45
C SER B 155 -2.31 -14.39 6.45
N ALA B 156 -2.44 -14.07 5.16
CA ALA B 156 -1.93 -14.93 4.10
C ALA B 156 -0.41 -15.00 4.11
N THR B 157 0.22 -13.82 4.15
CA THR B 157 1.68 -13.72 4.13
C THR B 157 2.30 -14.45 5.30
N ALA B 158 1.58 -14.47 6.43
CA ALA B 158 2.06 -15.15 7.63
C ALA B 158 1.88 -16.66 7.52
N ASP B 159 0.93 -17.09 6.70
CA ASP B 159 0.60 -18.50 6.59
C ASP B 159 1.41 -19.19 5.50
N LEU B 160 1.89 -18.41 4.54
CA LEU B 160 2.74 -18.94 3.48
C LEU B 160 4.16 -19.16 3.98
N VAL B 161 4.63 -18.25 4.82
CA VAL B 161 5.99 -18.29 5.34
C VAL B 161 6.13 -19.44 6.34
N LYS B 162 5.00 -19.98 6.79
CA LYS B 162 5.01 -21.19 7.61
C LYS B 162 5.15 -22.40 6.70
N ALA B 163 4.48 -22.33 5.55
CA ALA B 163 4.49 -23.43 4.58
C ALA B 163 5.90 -23.66 4.05
N VAL B 164 6.57 -22.57 3.67
CA VAL B 164 7.96 -22.66 3.23
C VAL B 164 8.85 -23.13 4.39
N GLY B 165 8.39 -22.91 5.61
CA GLY B 165 9.12 -23.31 6.80
C GLY B 165 9.06 -24.80 7.03
N LEU B 166 7.94 -25.42 6.67
CA LEU B 166 7.79 -26.87 6.79
C LEU B 166 8.72 -27.63 5.85
N ILE B 167 9.27 -26.94 4.85
CA ILE B 167 10.17 -27.55 3.89
C ILE B 167 11.63 -27.18 4.18
N ALA B 168 11.88 -25.90 4.41
CA ALA B 168 13.23 -25.42 4.67
C ALA B 168 13.69 -25.78 6.09
N GLY B 169 12.77 -26.27 6.91
CA GLY B 169 13.08 -26.63 8.28
C GLY B 169 13.47 -28.09 8.45
N ALA B 170 13.25 -28.88 7.40
CA ALA B 170 13.55 -30.30 7.44
C ALA B 170 14.95 -30.58 6.89
N GLY B 171 15.43 -29.71 6.02
CA GLY B 171 16.75 -29.87 5.42
C GLY B 171 16.69 -30.00 3.92
N LEU B 172 15.49 -29.87 3.36
CA LEU B 172 15.30 -29.96 1.91
C LEU B 172 15.81 -28.69 1.22
N GLN B 173 15.86 -28.73 -0.10
CA GLN B 173 16.19 -27.54 -0.87
C GLN B 173 15.04 -26.53 -0.76
N VAL B 174 15.39 -25.28 -0.48
CA VAL B 174 14.41 -24.21 -0.33
C VAL B 174 13.48 -24.12 -1.54
N PRO B 175 12.17 -24.11 -1.29
CA PRO B 175 11.13 -23.99 -2.32
C PRO B 175 11.40 -22.85 -3.29
N ASN B 176 10.87 -22.98 -4.51
CA ASN B 176 11.03 -21.93 -5.51
C ASN B 176 9.75 -21.71 -6.30
N GLY B 177 8.71 -22.47 -5.98
CA GLY B 177 7.46 -22.38 -6.69
C GLY B 177 6.24 -22.36 -5.77
N VAL B 178 5.29 -21.47 -6.09
CA VAL B 178 4.05 -21.36 -5.34
C VAL B 178 2.86 -21.32 -6.30
N ALA B 179 1.88 -22.18 -6.04
CA ALA B 179 0.66 -22.22 -6.85
C ALA B 179 -0.56 -22.06 -5.94
N LEU B 180 -1.34 -21.00 -6.17
CA LEU B 180 -2.43 -20.68 -5.25
C LEU B 180 -3.77 -20.44 -5.95
N ASP B 181 -4.85 -20.62 -5.20
CA ASP B 181 -6.20 -20.38 -5.69
C ASP B 181 -6.42 -18.88 -5.85
N PRO B 182 -7.18 -18.47 -6.89
CA PRO B 182 -7.47 -17.06 -7.20
C PRO B 182 -7.94 -16.23 -6.01
N ALA B 183 -8.71 -16.82 -5.11
CA ALA B 183 -9.17 -16.10 -3.91
C ALA B 183 -8.00 -15.78 -2.99
N PHE B 184 -7.26 -16.81 -2.60
CA PHE B 184 -6.08 -16.64 -1.77
C PHE B 184 -5.01 -15.83 -2.50
N SER B 185 -5.04 -15.88 -3.83
CA SER B 185 -4.11 -15.12 -4.65
C SER B 185 -4.43 -13.64 -4.61
N PHE B 186 -5.72 -13.33 -4.45
CA PHE B 186 -6.17 -11.95 -4.31
C PHE B 186 -5.91 -11.43 -2.90
N ALA B 187 -6.11 -12.30 -1.92
CA ALA B 187 -5.89 -11.93 -0.52
C ALA B 187 -4.42 -11.62 -0.26
N LEU B 188 -3.54 -12.29 -1.00
CA LEU B 188 -2.10 -12.12 -0.83
C LEU B 188 -1.63 -10.79 -1.41
N SER B 189 -2.23 -10.37 -2.51
CA SER B 189 -1.83 -9.16 -3.21
C SER B 189 -2.22 -7.89 -2.43
N THR B 190 -3.41 -7.91 -1.84
CA THR B 190 -3.92 -6.72 -1.15
C THR B 190 -3.84 -6.85 0.36
N GLU B 191 -2.94 -7.69 0.85
CA GLU B 191 -2.78 -7.89 2.29
C GLU B 191 -2.12 -6.67 2.92
N VAL B 192 -2.95 -5.75 3.42
CA VAL B 192 -2.44 -4.58 4.12
C VAL B 192 -2.00 -4.96 5.53
N TYR B 193 -1.08 -4.19 6.09
CA TYR B 193 -0.55 -4.45 7.42
C TYR B 193 -1.64 -4.42 8.49
N PRO B 194 -1.49 -5.24 9.53
CA PRO B 194 -2.45 -5.32 10.64
C PRO B 194 -2.64 -3.98 11.36
N LYS B 195 -3.69 -3.89 12.17
CA LYS B 195 -3.99 -2.67 12.91
C LYS B 195 -3.19 -2.60 14.20
N GLY B 196 -2.58 -1.44 14.46
CA GLY B 196 -1.75 -1.26 15.64
C GLY B 196 -0.27 -1.30 15.30
N SER B 197 0.07 -2.04 14.26
CA SER B 197 1.43 -2.13 13.78
C SER B 197 1.90 -0.78 13.24
N PRO B 198 3.23 -0.61 13.05
CA PRO B 198 3.77 0.61 12.42
C PRO B 198 3.14 0.92 11.06
N LEU B 199 3.70 0.40 9.98
CA LEU B 199 3.23 0.74 8.64
C LEU B 199 1.83 0.20 8.35
N ALA B 200 0.87 0.52 9.22
CA ALA B 200 -0.49 0.00 9.09
C ALA B 200 -1.27 0.72 7.99
N GLY B 201 -2.22 0.01 7.39
CA GLY B 201 -3.04 0.58 6.33
C GLY B 201 -2.40 0.45 4.95
N GLN B 202 -1.07 0.56 4.91
CA GLN B 202 -0.36 0.49 3.64
C GLN B 202 -0.27 -0.95 3.14
N PRO B 203 -0.22 -1.12 1.81
CA PRO B 203 -0.10 -2.46 1.23
C PRO B 203 1.29 -3.07 1.45
N MET B 204 1.33 -4.35 1.80
CA MET B 204 2.59 -5.05 1.95
C MET B 204 3.29 -5.18 0.60
N TYR B 205 2.49 -5.19 -0.46
CA TYR B 205 3.01 -5.24 -1.82
C TYR B 205 2.44 -4.10 -2.65
N PRO B 206 3.29 -3.13 -3.01
CA PRO B 206 2.90 -1.87 -3.66
C PRO B 206 2.41 -2.04 -5.10
N ALA B 207 3.09 -2.89 -5.88
CA ALA B 207 2.77 -3.02 -7.30
C ALA B 207 1.71 -4.08 -7.57
N ALA B 208 0.89 -4.37 -6.56
CA ALA B 208 -0.19 -5.34 -6.71
C ALA B 208 -1.30 -4.75 -7.58
N GLY B 209 -2.06 -3.83 -7.00
CA GLY B 209 -3.11 -3.15 -7.73
C GLY B 209 -4.22 -4.06 -8.21
N PHE B 210 -4.75 -4.87 -7.29
CA PHE B 210 -5.85 -5.78 -7.58
C PHE B 210 -5.49 -6.77 -8.70
N ALA B 211 -4.21 -7.12 -8.77
CA ALA B 211 -3.72 -8.07 -9.76
C ALA B 211 -2.77 -9.07 -9.12
N GLY B 212 -2.74 -10.29 -9.64
CA GLY B 212 -1.89 -11.33 -9.10
C GLY B 212 -0.42 -11.00 -9.16
N LEU B 213 0.32 -11.43 -8.15
CA LEU B 213 1.76 -11.16 -8.07
C LEU B 213 2.53 -12.00 -9.09
N ASP B 214 3.40 -11.34 -9.84
CA ASP B 214 4.27 -12.03 -10.79
C ASP B 214 5.40 -12.72 -10.05
N ASN B 215 5.82 -12.12 -8.95
CA ASN B 215 6.93 -12.63 -8.15
C ASN B 215 6.73 -12.35 -6.66
N TRP B 216 7.11 -13.30 -5.82
CA TRP B 216 7.02 -13.13 -4.38
C TRP B 216 8.42 -12.90 -3.80
N ARG B 217 8.54 -12.86 -2.48
CA ARG B 217 9.83 -12.64 -1.83
C ARG B 217 10.81 -13.78 -2.13
N GLY B 218 11.28 -13.82 -3.38
CA GLY B 218 12.23 -14.83 -3.80
C GLY B 218 11.64 -15.88 -4.72
N LEU B 219 10.45 -16.38 -4.37
CA LEU B 219 9.86 -17.50 -5.08
C LEU B 219 9.05 -17.05 -6.31
N ASN B 220 8.94 -17.95 -7.28
CA ASN B 220 8.11 -17.70 -8.46
C ASN B 220 6.66 -18.12 -8.22
N VAL B 221 5.72 -17.24 -8.52
CA VAL B 221 4.32 -17.46 -8.18
C VAL B 221 3.39 -17.45 -9.39
N GLY B 222 2.56 -18.49 -9.50
CA GLY B 222 1.53 -18.56 -10.52
C GLY B 222 0.19 -18.88 -9.88
N ALA B 223 -0.87 -18.24 -10.36
CA ALA B 223 -2.19 -18.40 -9.78
C ALA B 223 -3.19 -18.96 -10.78
N SER B 224 -3.82 -20.09 -10.41
CA SER B 224 -4.86 -20.69 -11.25
C SER B 224 -5.89 -21.41 -10.38
N SER B 225 -7.10 -21.58 -10.93
CA SER B 225 -8.19 -22.20 -10.18
C SER B 225 -8.09 -23.72 -10.17
N THR B 226 -7.01 -24.26 -10.73
CA THR B 226 -6.79 -25.70 -10.76
C THR B 226 -6.20 -26.21 -9.46
N VAL B 227 -5.86 -25.28 -8.56
CA VAL B 227 -5.32 -25.64 -7.26
C VAL B 227 -6.41 -26.22 -6.36
N SER B 228 -7.51 -25.49 -6.22
CA SER B 228 -8.65 -25.97 -5.44
C SER B 228 -9.51 -26.92 -6.28
N GLY B 229 -9.42 -26.78 -7.60
CA GLY B 229 -10.24 -27.56 -8.51
C GLY B 229 -11.71 -27.26 -8.27
N ALA B 230 -12.06 -25.98 -8.31
CA ALA B 230 -13.40 -25.53 -7.97
C ALA B 230 -14.51 -26.12 -8.85
N PRO B 231 -14.35 -26.09 -10.18
CA PRO B 231 -15.45 -26.69 -10.94
C PRO B 231 -15.30 -28.20 -11.16
N GLU B 232 -14.06 -28.68 -11.14
CA GLU B 232 -13.78 -30.09 -11.42
C GLU B 232 -14.24 -31.00 -10.29
N MET B 233 -13.74 -30.76 -9.09
CA MET B 233 -14.07 -31.58 -7.93
C MET B 233 -15.43 -31.19 -7.35
N SER B 234 -16.05 -32.12 -6.62
CA SER B 234 -17.38 -31.89 -6.07
C SER B 234 -17.35 -31.22 -4.69
N PRO B 235 -16.59 -31.78 -3.72
CA PRO B 235 -16.58 -31.06 -2.44
C PRO B 235 -15.53 -29.96 -2.39
N ALA B 236 -14.65 -29.95 -3.39
CA ALA B 236 -13.54 -28.99 -3.49
C ALA B 236 -12.60 -29.08 -2.30
N SER B 237 -11.46 -29.72 -2.51
CA SER B 237 -10.43 -29.83 -1.49
C SER B 237 -9.98 -28.45 -1.03
N GLY B 238 -10.18 -28.14 0.25
CA GLY B 238 -9.88 -26.83 0.79
C GLY B 238 -8.41 -26.46 0.76
N VAL B 239 -7.79 -26.54 -0.41
CA VAL B 239 -6.38 -26.21 -0.58
C VAL B 239 -6.25 -24.82 -1.17
N LYS B 240 -5.58 -23.93 -0.44
CA LYS B 240 -5.42 -22.55 -0.88
C LYS B 240 -4.15 -22.37 -1.69
N ALA B 241 -3.10 -23.10 -1.33
CA ALA B 241 -1.81 -22.97 -2.01
C ALA B 241 -0.88 -24.15 -1.76
N ILE B 242 -0.24 -24.63 -2.82
CA ILE B 242 0.84 -25.58 -2.71
C ILE B 242 2.17 -24.84 -2.91
N VAL B 243 3.13 -25.14 -2.03
CA VAL B 243 4.42 -24.46 -2.05
C VAL B 243 5.55 -25.50 -2.05
N GLY B 244 6.57 -25.30 -2.87
CA GLY B 244 7.70 -26.20 -2.85
C GLY B 244 8.71 -26.07 -3.97
N ASP B 245 9.71 -26.96 -3.93
CA ASP B 245 10.72 -27.06 -4.96
C ASP B 245 10.16 -27.82 -6.16
N PHE B 246 9.75 -27.08 -7.19
CA PHE B 246 9.10 -27.69 -8.34
C PHE B 246 10.10 -28.28 -9.34
N SER B 247 11.31 -28.56 -8.87
CA SER B 247 12.27 -29.34 -9.65
C SER B 247 12.14 -30.80 -9.24
N ARG B 248 11.37 -31.03 -8.17
CA ARG B 248 11.12 -32.37 -7.66
C ARG B 248 9.99 -33.05 -8.41
N VAL B 249 9.39 -32.32 -9.34
CA VAL B 249 8.30 -32.87 -10.15
C VAL B 249 8.62 -32.80 -11.64
N HIS B 250 8.77 -33.97 -12.24
CA HIS B 250 9.08 -34.07 -13.67
C HIS B 250 7.82 -34.40 -14.46
N TRP B 251 7.42 -33.47 -15.33
CA TRP B 251 6.26 -33.69 -16.19
C TRP B 251 6.60 -33.43 -17.64
N GLY B 252 5.83 -33.99 -18.56
CA GLY B 252 6.09 -33.80 -19.98
C GLY B 252 5.03 -34.27 -20.94
N PHE B 253 5.01 -33.63 -22.11
CA PHE B 253 4.14 -34.04 -23.22
C PHE B 253 4.89 -34.98 -24.17
N GLN B 254 4.55 -36.26 -24.13
CA GLN B 254 5.16 -37.23 -25.03
C GLN B 254 4.56 -37.09 -26.43
N ARG B 255 3.27 -36.76 -26.48
CA ARG B 255 2.57 -36.53 -27.74
C ARG B 255 1.53 -35.42 -27.58
N ASN B 256 1.79 -34.28 -28.21
CA ASN B 256 0.86 -33.15 -28.16
C ASN B 256 0.30 -32.80 -29.54
N PHE B 257 -0.88 -33.32 -29.83
CA PHE B 257 -1.53 -33.07 -31.12
C PHE B 257 -2.21 -31.70 -31.14
N PRO B 258 -2.40 -31.14 -32.35
CA PRO B 258 -3.18 -29.91 -32.50
C PRO B 258 -4.67 -30.18 -32.38
N ILE B 259 -5.50 -29.22 -32.79
CA ILE B 259 -6.95 -29.39 -32.73
C ILE B 259 -7.46 -30.18 -33.93
N GLU B 260 -7.98 -31.37 -33.65
CA GLU B 260 -8.50 -32.24 -34.70
C GLU B 260 -9.97 -31.99 -35.00
N LEU B 261 -10.32 -32.01 -36.29
CA LEU B 261 -11.69 -31.84 -36.72
C LEU B 261 -12.18 -33.11 -37.40
N ILE B 262 -13.15 -33.76 -36.76
CA ILE B 262 -13.69 -35.02 -37.24
C ILE B 262 -15.01 -34.81 -37.99
N GLU B 263 -15.13 -35.42 -39.17
CA GLU B 263 -16.30 -35.25 -40.01
C GLU B 263 -17.06 -36.55 -40.23
N TYR B 264 -16.48 -37.66 -39.80
CA TYR B 264 -17.08 -38.97 -40.03
C TYR B 264 -17.16 -39.82 -38.77
N GLY B 265 -17.75 -41.00 -38.90
CA GLY B 265 -17.77 -41.98 -37.84
C GLY B 265 -18.59 -41.62 -36.62
N ASP B 266 -18.29 -42.26 -35.49
CA ASP B 266 -18.98 -42.01 -34.23
C ASP B 266 -18.00 -41.97 -33.08
N PRO B 267 -17.27 -40.84 -32.94
CA PRO B 267 -16.19 -40.69 -31.95
C PRO B 267 -16.69 -40.73 -30.51
N ASP B 268 -17.87 -40.20 -30.25
CA ASP B 268 -18.40 -40.15 -28.90
C ASP B 268 -18.88 -41.53 -28.44
N GLN B 269 -19.08 -42.43 -29.40
CA GLN B 269 -19.55 -43.79 -29.14
C GLN B 269 -20.87 -43.77 -28.37
N THR B 270 -21.84 -43.04 -28.90
CA THR B 270 -23.18 -42.99 -28.33
C THR B 270 -24.19 -43.47 -29.37
N GLY B 271 -23.68 -44.09 -30.43
CA GLY B 271 -24.52 -44.57 -31.50
C GLY B 271 -24.65 -43.55 -32.61
N ARG B 272 -24.95 -42.31 -32.25
CA ARG B 272 -25.13 -41.21 -33.20
C ARG B 272 -23.88 -40.98 -34.04
N ASP B 273 -24.00 -41.18 -35.35
CA ASP B 273 -22.89 -40.94 -36.26
C ASP B 273 -22.86 -39.47 -36.66
N LEU B 274 -21.77 -39.04 -37.29
CA LEU B 274 -21.55 -37.63 -37.57
C LEU B 274 -22.03 -37.20 -38.95
N LYS B 275 -22.55 -38.15 -39.72
CA LYS B 275 -23.07 -37.83 -41.04
C LYS B 275 -24.53 -38.24 -41.15
N GLY B 276 -25.06 -38.80 -40.07
CA GLY B 276 -26.45 -39.16 -39.99
C GLY B 276 -27.24 -38.14 -39.18
N HIS B 277 -26.51 -37.19 -38.61
CA HIS B 277 -27.13 -36.12 -37.82
C HIS B 277 -26.59 -34.76 -38.26
N ASN B 278 -25.73 -34.78 -39.28
CA ASN B 278 -25.12 -33.56 -39.82
C ASN B 278 -24.40 -32.75 -38.74
N GLU B 279 -23.50 -33.40 -38.01
CA GLU B 279 -22.77 -32.75 -36.94
C GLU B 279 -21.26 -33.00 -37.05
N VAL B 280 -20.48 -31.95 -36.80
CA VAL B 280 -19.03 -32.06 -36.82
C VAL B 280 -18.53 -32.37 -35.40
N MET B 281 -17.27 -32.77 -35.27
CA MET B 281 -16.69 -33.04 -33.97
C MET B 281 -15.38 -32.26 -33.81
N VAL B 282 -15.23 -31.58 -32.68
CA VAL B 282 -13.99 -30.87 -32.39
C VAL B 282 -13.28 -31.56 -31.24
N ARG B 283 -12.15 -32.20 -31.51
CA ARG B 283 -11.46 -32.95 -30.48
C ARG B 283 -10.02 -32.48 -30.27
N ALA B 284 -9.53 -32.66 -29.04
CA ALA B 284 -8.17 -32.30 -28.68
C ALA B 284 -7.57 -33.37 -27.78
N GLU B 285 -6.53 -34.03 -28.29
CA GLU B 285 -5.91 -35.14 -27.57
C GLU B 285 -4.44 -34.87 -27.28
N ALA B 286 -3.97 -35.34 -26.14
CA ALA B 286 -2.57 -35.18 -25.78
C ALA B 286 -2.09 -36.37 -24.96
N VAL B 287 -0.77 -36.56 -24.89
CA VAL B 287 -0.19 -37.60 -24.05
C VAL B 287 0.79 -36.97 -23.08
N LEU B 288 0.54 -37.15 -21.78
CA LEU B 288 1.36 -36.52 -20.75
C LEU B 288 1.76 -37.50 -19.65
N TYR B 289 2.77 -37.12 -18.88
CA TYR B 289 3.13 -37.90 -17.70
C TYR B 289 3.49 -37.00 -16.52
N VAL B 290 3.24 -37.49 -15.32
CA VAL B 290 3.56 -36.75 -14.10
C VAL B 290 4.29 -37.63 -13.08
N ALA B 291 5.55 -37.30 -12.83
CA ALA B 291 6.35 -38.03 -11.84
C ALA B 291 6.77 -37.10 -10.72
N ILE B 292 6.78 -37.62 -9.50
CA ILE B 292 7.16 -36.82 -8.33
C ILE B 292 8.23 -37.55 -7.51
N GLU B 293 9.41 -36.92 -7.43
CA GLU B 293 10.56 -37.51 -6.76
C GLU B 293 10.32 -37.73 -5.27
N SER B 294 9.54 -36.83 -4.65
CA SER B 294 9.25 -36.94 -3.23
C SER B 294 7.94 -36.24 -2.87
N LEU B 295 7.64 -36.20 -1.57
CA LEU B 295 6.44 -35.53 -1.07
C LEU B 295 6.75 -34.66 0.15
N ASP B 296 7.87 -34.94 0.79
CA ASP B 296 8.28 -34.17 1.95
C ASP B 296 8.90 -32.83 1.56
N SER B 297 8.86 -32.53 0.26
CA SER B 297 9.38 -31.27 -0.26
C SER B 297 8.23 -30.39 -0.77
N PHE B 298 7.05 -30.61 -0.22
CA PHE B 298 5.86 -29.84 -0.61
C PHE B 298 4.96 -29.54 0.59
N ALA B 299 4.57 -28.28 0.73
CA ALA B 299 3.68 -27.86 1.81
C ALA B 299 2.35 -27.41 1.25
N VAL B 300 1.29 -27.58 2.04
CA VAL B 300 -0.06 -27.26 1.59
C VAL B 300 -0.80 -26.41 2.61
N VAL B 301 -1.36 -25.30 2.14
CA VAL B 301 -2.19 -24.45 2.99
C VAL B 301 -3.65 -24.85 2.89
N LYS B 302 -4.16 -25.47 3.95
CA LYS B 302 -5.54 -25.96 3.96
C LYS B 302 -6.45 -25.13 4.86
N GLU B 303 -7.67 -24.90 4.39
CA GLU B 303 -8.67 -24.15 5.15
C GLU B 303 -9.24 -24.99 6.29
N ASP C 4 -11.17 -58.21 -30.39
CA ASP C 4 -9.82 -57.89 -29.91
C ASP C 4 -9.03 -57.15 -30.98
N PHE C 5 -7.80 -56.75 -30.62
CA PHE C 5 -6.93 -56.04 -31.55
C PHE C 5 -5.47 -56.14 -31.14
N LEU C 6 -4.63 -55.33 -31.77
CA LEU C 6 -3.20 -55.32 -31.47
C LEU C 6 -2.83 -54.07 -30.67
N SER C 7 -2.59 -54.26 -29.37
CA SER C 7 -2.32 -53.15 -28.47
C SER C 7 -0.84 -52.89 -28.29
N VAL C 8 -0.51 -52.08 -27.28
CA VAL C 8 0.88 -51.70 -27.00
C VAL C 8 1.45 -52.56 -25.88
N GLY C 9 0.57 -53.12 -25.06
CA GLY C 9 0.97 -53.92 -23.92
C GLY C 9 1.70 -55.21 -24.27
N LYS C 10 1.65 -55.59 -25.53
CA LYS C 10 2.32 -56.80 -26.00
C LYS C 10 3.83 -56.61 -26.11
N LEU C 11 4.25 -55.42 -26.52
CA LEU C 11 5.66 -55.15 -26.79
C LEU C 11 6.49 -54.99 -25.51
N GLU C 12 5.85 -54.49 -24.46
CA GLU C 12 6.52 -54.20 -23.19
C GLU C 12 7.71 -53.26 -23.42
N LEU C 13 7.40 -52.10 -23.99
CA LEU C 13 8.41 -51.10 -24.34
C LEU C 13 9.16 -50.60 -23.11
N PRO C 14 10.50 -50.51 -23.20
CA PRO C 14 11.32 -49.98 -22.11
C PRO C 14 11.10 -48.48 -21.90
N GLY C 15 11.09 -48.06 -20.64
CA GLY C 15 10.89 -46.66 -20.31
C GLY C 15 12.16 -45.84 -20.47
N SER C 16 12.07 -44.56 -20.12
CA SER C 16 13.22 -43.66 -20.22
C SER C 16 13.80 -43.36 -18.84
N MET C 17 15.12 -43.40 -18.74
CA MET C 17 15.81 -43.11 -17.49
C MET C 17 15.99 -41.60 -17.30
N ILE C 18 15.32 -41.05 -16.29
CA ILE C 18 15.48 -39.64 -15.95
C ILE C 18 16.88 -39.38 -15.41
N GLY C 19 17.36 -40.30 -14.58
CA GLY C 19 18.67 -40.18 -13.98
C GLY C 19 18.68 -40.64 -12.53
N ALA C 20 19.70 -40.24 -11.80
CA ALA C 20 19.81 -40.60 -10.38
C ALA C 20 20.10 -39.37 -9.53
N VAL C 21 19.13 -38.98 -8.71
CA VAL C 21 19.24 -37.76 -7.92
C VAL C 21 19.04 -38.05 -6.43
N ARG C 22 19.80 -37.37 -5.59
CA ARG C 22 19.64 -37.48 -4.14
C ARG C 22 18.30 -36.88 -3.72
N ASP C 23 17.79 -37.32 -2.57
CA ASP C 23 16.52 -36.81 -2.06
C ASP C 23 16.67 -35.38 -1.57
N ARG C 24 17.67 -35.16 -0.72
CA ARG C 24 17.91 -33.83 -0.15
C ARG C 24 19.38 -33.47 -0.21
N ALA C 25 19.69 -32.21 0.06
CA ALA C 25 21.07 -31.74 0.10
C ALA C 25 21.83 -32.42 1.23
N ILE C 26 23.14 -32.54 1.07
CA ILE C 26 23.96 -33.26 2.03
C ILE C 26 24.36 -32.40 3.24
N ASP C 27 24.02 -32.88 4.43
CA ASP C 27 24.45 -32.22 5.66
C ASP C 27 25.73 -32.88 6.16
N SER C 28 26.83 -32.12 6.11
CA SER C 28 28.14 -32.68 6.44
C SER C 28 28.66 -32.23 7.80
N GLY C 29 27.88 -31.38 8.48
CA GLY C 29 28.26 -30.90 9.80
C GLY C 29 28.52 -29.41 9.83
N VAL C 30 28.78 -28.88 11.02
CA VAL C 30 28.96 -27.44 11.18
C VAL C 30 30.28 -27.08 11.86
N LEU C 31 30.97 -28.08 12.39
CA LEU C 31 32.19 -27.83 13.17
C LEU C 31 33.35 -27.31 12.31
N ALA C 32 33.12 -27.22 11.01
CA ALA C 32 34.12 -26.66 10.10
C ALA C 32 34.06 -25.13 10.12
N LYS C 33 32.88 -24.59 10.34
CA LYS C 33 32.69 -23.14 10.37
C LYS C 33 33.03 -22.54 11.73
N LEU C 34 32.63 -23.23 12.79
CA LEU C 34 32.80 -22.73 14.15
C LEU C 34 34.26 -22.69 14.58
N SER C 35 34.91 -23.84 14.59
CA SER C 35 36.31 -23.93 15.00
C SER C 35 37.16 -24.58 13.91
N PRO C 36 38.24 -23.91 13.50
CA PRO C 36 39.14 -24.42 12.45
C PRO C 36 39.84 -25.70 12.88
N GLU C 37 40.12 -26.59 11.92
CA GLU C 37 40.76 -27.87 12.23
C GLU C 37 42.22 -27.68 12.60
N GLN C 38 42.67 -28.45 13.59
CA GLN C 38 44.06 -28.42 14.01
C GLN C 38 44.69 -29.80 13.84
N PRO C 39 45.10 -30.12 12.60
CA PRO C 39 45.63 -31.46 12.27
C PRO C 39 46.99 -31.74 12.92
N THR C 40 47.01 -32.72 13.80
CA THR C 40 48.26 -33.16 14.43
C THR C 40 48.59 -34.59 13.98
N ILE C 41 49.75 -35.08 14.41
CA ILE C 41 50.14 -36.45 14.10
C ILE C 41 49.39 -37.44 14.99
N PHE C 42 49.56 -38.73 14.74
CA PHE C 42 48.86 -39.76 15.50
C PHE C 42 49.37 -39.81 16.94
N GLY C 43 48.44 -39.96 17.88
CA GLY C 43 48.78 -40.04 19.29
C GLY C 43 47.85 -39.22 20.16
N PRO C 44 47.69 -39.64 21.44
CA PRO C 44 46.82 -38.95 22.40
C PRO C 44 47.27 -37.51 22.64
N VAL C 45 46.47 -36.56 22.14
CA VAL C 45 46.85 -35.15 22.18
C VAL C 45 46.52 -34.54 23.56
N LYS C 46 47.39 -33.63 24.01
CA LYS C 46 47.19 -32.94 25.29
C LYS C 46 47.37 -31.43 25.11
N GLY C 47 46.94 -30.68 26.11
CA GLY C 47 47.07 -29.22 26.08
C GLY C 47 46.66 -28.58 27.39
N ALA C 48 47.29 -27.45 27.70
CA ALA C 48 46.99 -26.73 28.94
C ALA C 48 46.19 -25.46 28.65
N VAL C 49 45.23 -25.15 29.52
CA VAL C 49 44.41 -23.96 29.35
C VAL C 49 44.37 -23.11 30.62
N PHE C 50 44.18 -21.80 30.43
CA PHE C 50 44.09 -20.86 31.54
C PHE C 50 42.80 -20.05 31.39
N SER C 51 41.98 -20.06 32.43
CA SER C 51 40.66 -19.43 32.39
C SER C 51 40.76 -17.95 32.07
N GLY C 52 41.48 -17.20 32.90
CA GLY C 52 41.72 -15.80 32.63
C GLY C 52 41.33 -14.85 33.75
N VAL C 53 42.20 -13.87 33.99
CA VAL C 53 41.97 -12.79 34.95
C VAL C 53 41.80 -13.25 36.39
N PRO C 54 42.84 -13.07 37.21
CA PRO C 54 42.74 -13.29 38.66
C PRO C 54 42.21 -12.05 39.37
N ARG C 55 42.26 -12.05 40.70
CA ARG C 55 41.78 -10.93 41.49
C ARG C 55 42.93 -10.06 41.99
N ALA C 56 42.67 -8.77 42.13
CA ALA C 56 43.69 -7.83 42.61
C ALA C 56 43.23 -7.14 43.89
N LYS C 57 43.88 -7.44 45.00
CA LYS C 57 43.46 -6.92 46.29
C LYS C 57 44.03 -5.53 46.59
N ILE C 58 43.19 -4.67 47.18
CA ILE C 58 43.61 -3.35 47.62
C ILE C 58 44.12 -3.41 49.06
N VAL C 59 45.31 -2.90 49.29
CA VAL C 59 45.92 -2.93 50.61
C VAL C 59 46.36 -1.56 51.09
N GLY C 60 46.54 -1.43 52.40
CA GLY C 60 47.06 -0.21 52.99
C GLY C 60 48.53 -0.37 53.33
N GLU C 61 49.22 0.74 53.56
CA GLU C 61 50.64 0.70 53.88
C GLU C 61 50.87 0.10 55.26
N GLY C 62 51.54 -1.05 55.29
CA GLY C 62 51.79 -1.76 56.52
C GLY C 62 51.01 -3.07 56.58
N GLU C 63 49.99 -3.18 55.72
CA GLU C 63 49.18 -4.39 55.65
C GLU C 63 49.80 -5.42 54.72
N VAL C 64 49.51 -6.69 54.97
CA VAL C 64 50.09 -7.79 54.22
C VAL C 64 49.52 -7.90 52.81
N LYS C 65 50.41 -7.88 51.82
CA LYS C 65 50.02 -8.10 50.43
C LYS C 65 49.83 -9.59 50.18
N PRO C 66 48.57 -10.02 49.97
CA PRO C 66 48.22 -11.44 49.85
C PRO C 66 48.46 -12.01 48.46
N SER C 67 48.50 -13.33 48.36
CA SER C 67 48.68 -14.01 47.09
C SER C 67 47.35 -14.53 46.57
N ALA C 68 47.13 -14.41 45.26
CA ALA C 68 45.91 -14.91 44.63
C ALA C 68 46.16 -16.27 44.01
N SER C 69 45.07 -16.99 43.71
CA SER C 69 45.17 -18.30 43.09
C SER C 69 45.21 -18.18 41.57
N VAL C 70 45.47 -19.29 40.90
CA VAL C 70 45.53 -19.31 39.45
C VAL C 70 44.88 -20.58 38.89
N ASP C 71 44.00 -20.41 37.91
CA ASP C 71 43.31 -21.54 37.30
C ASP C 71 44.07 -22.07 36.09
N VAL C 72 44.59 -23.29 36.23
CA VAL C 72 45.27 -23.96 35.12
C VAL C 72 44.73 -25.37 34.97
N SER C 73 44.17 -25.67 33.79
CA SER C 73 43.65 -27.00 33.52
C SER C 73 44.41 -27.67 32.39
N ALA C 74 44.18 -28.97 32.21
CA ALA C 74 44.85 -29.73 31.15
C ALA C 74 43.91 -30.77 30.56
N PHE C 75 43.60 -30.63 29.28
CA PHE C 75 42.74 -31.59 28.61
C PHE C 75 43.54 -32.67 27.90
N THR C 76 42.89 -33.81 27.64
CA THR C 76 43.52 -34.91 26.93
C THR C 76 42.52 -35.65 26.06
N ALA C 77 42.83 -35.77 24.78
CA ALA C 77 41.97 -36.49 23.84
C ALA C 77 42.71 -37.64 23.20
N GLN C 78 42.17 -38.85 23.38
CA GLN C 78 42.74 -40.03 22.73
C GLN C 78 42.04 -40.27 21.39
N PRO C 79 42.84 -40.43 20.32
CA PRO C 79 42.37 -40.50 18.93
C PRO C 79 41.34 -41.59 18.70
N ILE C 80 40.27 -41.27 17.96
CA ILE C 80 39.27 -42.28 17.62
C ILE C 80 39.14 -42.40 16.10
N LYS C 81 38.98 -43.63 15.63
CA LYS C 81 38.83 -43.86 14.20
C LYS C 81 37.38 -44.21 13.85
N VAL C 82 36.81 -43.41 12.96
CA VAL C 82 35.47 -43.70 12.45
C VAL C 82 35.61 -44.38 11.09
N VAL C 83 34.64 -45.21 10.75
CA VAL C 83 34.68 -45.95 9.49
C VAL C 83 33.27 -46.35 9.05
N THR C 84 32.98 -46.10 7.78
CA THR C 84 31.70 -46.49 7.21
C THR C 84 31.89 -47.27 5.91
N GLN C 85 31.14 -48.36 5.77
CA GLN C 85 31.28 -49.23 4.60
C GLN C 85 29.93 -49.55 3.96
N GLN C 86 29.96 -49.83 2.66
CA GLN C 86 28.75 -50.19 1.92
C GLN C 86 29.02 -51.30 0.92
N ARG C 87 28.18 -52.33 0.96
CA ARG C 87 28.30 -53.46 0.04
C ARG C 87 27.53 -53.22 -1.25
N VAL C 88 28.23 -53.25 -2.38
CA VAL C 88 27.64 -52.99 -3.68
C VAL C 88 27.84 -54.16 -4.63
N SER C 89 26.76 -54.63 -5.25
CA SER C 89 26.84 -55.75 -6.18
C SER C 89 27.70 -55.40 -7.39
N ASP C 90 28.47 -56.38 -7.87
CA ASP C 90 29.36 -56.17 -9.01
C ASP C 90 28.56 -56.02 -10.31
N GLU C 91 27.32 -56.49 -10.28
CA GLU C 91 26.42 -56.31 -11.41
C GLU C 91 26.02 -54.85 -11.53
N PHE C 92 25.85 -54.21 -10.37
CA PHE C 92 25.53 -52.78 -10.30
C PHE C 92 26.70 -51.94 -10.78
N MET C 93 27.92 -52.42 -10.52
CA MET C 93 29.13 -51.70 -10.85
C MET C 93 29.40 -51.72 -12.36
N TRP C 94 28.61 -52.52 -13.08
CA TRP C 94 28.67 -52.54 -14.53
C TRP C 94 27.55 -51.67 -15.10
N ALA C 95 26.40 -51.73 -14.43
CA ALA C 95 25.23 -50.96 -14.84
C ALA C 95 25.48 -49.47 -14.67
N ASP C 96 26.33 -49.10 -13.73
CA ASP C 96 26.63 -47.69 -13.50
C ASP C 96 27.50 -47.13 -14.63
N ALA C 97 27.99 -48.03 -15.48
CA ALA C 97 28.83 -47.65 -16.61
C ALA C 97 28.09 -47.78 -17.94
N ASP C 98 27.35 -48.87 -18.09
CA ASP C 98 26.60 -49.14 -19.31
C ASP C 98 25.36 -48.25 -19.42
N TYR C 99 24.50 -48.33 -18.41
CA TYR C 99 23.31 -47.47 -18.34
C TYR C 99 23.71 -46.00 -18.25
N ARG C 100 24.94 -45.76 -17.80
CA ARG C 100 25.52 -44.43 -17.68
C ARG C 100 24.72 -43.55 -16.73
N LEU C 101 24.61 -43.99 -15.48
CA LEU C 101 24.04 -43.17 -14.42
C LEU C 101 25.14 -42.36 -13.74
N GLY C 102 26.30 -42.99 -13.55
CA GLY C 102 27.41 -42.36 -12.86
C GLY C 102 27.08 -42.18 -11.38
N VAL C 103 26.75 -43.28 -10.72
CA VAL C 103 26.30 -43.24 -9.33
C VAL C 103 27.46 -43.29 -8.34
N LEU C 104 28.39 -44.21 -8.56
CA LEU C 104 29.50 -44.41 -7.62
C LEU C 104 30.41 -43.19 -7.54
N GLN C 105 30.65 -42.55 -8.68
CA GLN C 105 31.49 -41.36 -8.72
C GLN C 105 30.84 -40.19 -7.98
N ASP C 106 29.54 -39.99 -8.21
CA ASP C 106 28.80 -38.96 -7.52
C ASP C 106 28.00 -39.59 -6.38
N LEU C 107 26.83 -39.02 -6.10
CA LEU C 107 25.85 -39.55 -5.13
C LEU C 107 26.43 -40.33 -3.95
N ILE C 108 26.95 -41.52 -4.23
CA ILE C 108 27.46 -42.42 -3.20
C ILE C 108 28.70 -41.87 -2.48
N SER C 109 29.72 -41.50 -3.26
CA SER C 109 30.99 -41.04 -2.69
C SER C 109 30.86 -39.81 -1.77
N PRO C 110 30.12 -38.77 -2.20
CA PRO C 110 29.99 -37.65 -1.26
C PRO C 110 29.13 -37.98 -0.05
N ALA C 111 28.20 -38.91 -0.20
CA ALA C 111 27.34 -39.31 0.90
C ALA C 111 28.08 -40.24 1.87
N LEU C 112 29.20 -40.77 1.41
CA LEU C 112 30.02 -41.66 2.20
C LEU C 112 31.18 -40.90 2.84
N GLY C 113 31.54 -39.78 2.22
CA GLY C 113 32.60 -38.93 2.73
C GLY C 113 32.07 -37.88 3.70
N ALA C 114 30.75 -37.72 3.73
CA ALA C 114 30.12 -36.76 4.63
C ALA C 114 29.78 -37.43 5.96
N SER C 115 29.82 -38.75 5.97
CA SER C 115 29.51 -39.53 7.17
C SER C 115 30.53 -39.28 8.27
N ILE C 116 31.79 -39.16 7.87
CA ILE C 116 32.88 -38.95 8.82
C ILE C 116 32.87 -37.53 9.39
N GLY C 117 32.16 -36.62 8.73
CA GLY C 117 32.00 -35.27 9.24
C GLY C 117 30.86 -35.21 10.24
N ARG C 118 29.75 -35.84 9.88
CA ARG C 118 28.62 -36.01 10.78
C ARG C 118 29.07 -36.71 12.05
N ALA C 119 30.03 -37.61 11.91
CA ALA C 119 30.64 -38.31 13.03
C ALA C 119 31.30 -37.33 13.99
N VAL C 120 32.09 -36.42 13.42
CA VAL C 120 32.76 -35.37 14.18
C VAL C 120 31.76 -34.50 14.93
N ASP C 121 30.72 -34.07 14.22
CA ASP C 121 29.69 -33.23 14.81
C ASP C 121 28.74 -33.99 15.73
N LEU C 122 28.94 -35.30 15.84
CA LEU C 122 28.11 -36.11 16.72
C LEU C 122 28.87 -36.57 17.95
N ILE C 123 30.19 -36.54 17.85
CA ILE C 123 31.05 -36.85 18.99
C ILE C 123 31.25 -35.58 19.81
N ALA C 124 31.32 -34.46 19.12
CA ALA C 124 31.58 -33.17 19.75
C ALA C 124 30.38 -32.66 20.55
N PHE C 125 29.17 -32.95 20.07
CA PHE C 125 27.96 -32.40 20.67
C PHE C 125 27.29 -33.35 21.67
N HIS C 126 27.21 -34.63 21.33
CA HIS C 126 26.48 -35.57 22.17
C HIS C 126 27.35 -36.73 22.66
N GLY C 127 28.54 -36.87 22.06
CA GLY C 127 29.47 -37.90 22.46
C GLY C 127 28.93 -39.30 22.26
N ILE C 128 28.26 -39.53 21.13
CA ILE C 128 27.67 -40.82 20.83
C ILE C 128 28.22 -41.40 19.52
N ASP C 129 28.32 -42.71 19.45
CA ASP C 129 28.66 -43.37 18.20
C ASP C 129 27.46 -43.34 17.27
N PRO C 130 27.58 -42.62 16.15
CA PRO C 130 26.48 -42.34 15.21
C PRO C 130 25.79 -43.59 14.68
N ALA C 131 26.46 -44.73 14.73
CA ALA C 131 25.89 -45.98 14.24
C ALA C 131 24.74 -46.47 15.10
N THR C 132 25.03 -46.70 16.38
CA THR C 132 24.03 -47.23 17.30
C THR C 132 23.07 -46.14 17.77
N GLY C 133 23.61 -45.12 18.41
CA GLY C 133 22.81 -44.04 18.96
C GLY C 133 22.84 -44.06 20.48
N LYS C 134 23.86 -44.72 21.02
CA LYS C 134 24.01 -44.84 22.46
C LYS C 134 25.26 -44.09 22.92
N ALA C 135 25.39 -43.91 24.24
CA ALA C 135 26.54 -43.22 24.80
C ALA C 135 27.82 -44.03 24.59
N ALA C 136 28.85 -43.38 24.06
CA ALA C 136 30.12 -44.05 23.79
C ALA C 136 31.01 -44.07 25.02
N SER C 137 31.99 -44.96 25.03
CA SER C 137 32.89 -45.11 26.17
C SER C 137 34.21 -44.37 25.95
N ALA C 138 34.48 -44.02 24.69
CA ALA C 138 35.72 -43.34 24.35
C ALA C 138 35.59 -41.82 24.46
N VAL C 139 34.51 -41.37 25.08
CA VAL C 139 34.25 -39.94 25.27
C VAL C 139 33.35 -39.71 26.49
N HIS C 140 33.81 -38.85 27.40
CA HIS C 140 33.08 -38.57 28.62
C HIS C 140 32.64 -37.12 28.70
N THR C 141 33.14 -36.30 27.78
CA THR C 141 32.96 -34.86 27.85
C THR C 141 31.59 -34.39 27.33
N SER C 142 31.37 -34.55 26.03
CA SER C 142 30.17 -34.06 25.35
C SER C 142 30.06 -32.53 25.44
N LEU C 143 29.02 -31.96 24.84
CA LEU C 143 28.85 -30.51 24.84
C LEU C 143 27.41 -30.12 25.15
N ASN C 144 26.47 -31.00 24.82
CA ASN C 144 25.07 -30.79 25.18
C ASN C 144 24.87 -31.19 26.63
N LYS C 145 25.90 -31.79 27.21
CA LYS C 145 25.88 -32.21 28.61
C LYS C 145 26.36 -31.08 29.51
N THR C 146 26.05 -29.85 29.12
CA THR C 146 26.39 -28.69 29.92
C THR C 146 25.43 -28.54 31.08
N LYS C 147 25.47 -27.39 31.76
CA LYS C 147 24.64 -27.19 32.94
C LYS C 147 23.64 -26.06 32.74
N ASN C 148 24.13 -24.88 32.38
CA ASN C 148 23.27 -23.71 32.18
C ASN C 148 22.45 -23.83 30.89
N ILE C 149 21.24 -24.35 31.02
CA ILE C 149 20.35 -24.49 29.87
C ILE C 149 19.24 -23.45 29.90
N VAL C 150 18.52 -23.32 28.78
CA VAL C 150 17.40 -22.38 28.67
C VAL C 150 16.19 -23.06 28.06
N ASP C 151 15.03 -22.92 28.69
CA ASP C 151 13.78 -23.44 28.14
C ASP C 151 13.42 -22.73 26.84
N ALA C 152 12.93 -23.49 25.87
CA ALA C 152 12.62 -22.95 24.55
C ALA C 152 11.43 -22.00 24.58
N THR C 153 11.56 -20.90 23.84
CA THR C 153 10.48 -19.93 23.71
C THR C 153 9.98 -19.91 22.26
N ASP C 154 8.81 -19.31 22.04
CA ASP C 154 8.27 -19.20 20.69
C ASP C 154 9.14 -18.32 19.81
N SER C 155 9.77 -17.32 20.42
CA SER C 155 10.70 -16.44 19.71
C SER C 155 12.07 -17.08 19.60
N ALA C 156 12.67 -17.00 18.42
CA ALA C 156 13.94 -17.65 18.15
C ALA C 156 15.13 -16.80 18.59
N THR C 157 14.91 -15.50 18.76
CA THR C 157 16.01 -14.60 19.10
C THR C 157 16.01 -14.21 20.57
N ALA C 158 14.85 -14.30 21.23
CA ALA C 158 14.76 -13.97 22.64
C ALA C 158 15.44 -15.05 23.47
N ASP C 159 15.12 -16.30 23.13
CA ASP C 159 15.71 -17.46 23.79
C ASP C 159 17.22 -17.49 23.60
N LEU C 160 17.68 -17.06 22.43
CA LEU C 160 19.10 -17.04 22.11
C LEU C 160 19.82 -15.96 22.93
N VAL C 161 19.15 -14.83 23.14
CA VAL C 161 19.71 -13.73 23.93
C VAL C 161 19.75 -14.12 25.40
N LYS C 162 18.77 -14.91 25.82
CA LYS C 162 18.81 -15.51 27.16
C LYS C 162 20.03 -16.42 27.29
N ALA C 163 20.27 -17.22 26.25
CA ALA C 163 21.38 -18.17 26.24
C ALA C 163 22.73 -17.46 26.34
N VAL C 164 22.91 -16.40 25.54
CA VAL C 164 24.14 -15.60 25.59
C VAL C 164 24.19 -14.81 26.89
N GLY C 165 23.04 -14.60 27.51
CA GLY C 165 22.95 -13.88 28.76
C GLY C 165 23.50 -14.70 29.90
N LEU C 166 23.25 -16.01 29.85
CA LEU C 166 23.78 -16.92 30.87
C LEU C 166 25.30 -17.02 30.83
N ILE C 167 25.87 -16.90 29.64
CA ILE C 167 27.32 -17.00 29.46
C ILE C 167 28.00 -15.68 29.81
N ALA C 168 27.44 -14.58 29.31
CA ALA C 168 28.01 -13.26 29.54
C ALA C 168 27.75 -12.78 30.98
N GLY C 169 26.82 -13.44 31.66
CA GLY C 169 26.43 -13.05 33.00
C GLY C 169 27.53 -13.26 34.04
N ALA C 170 28.27 -14.36 33.90
CA ALA C 170 29.34 -14.67 34.83
C ALA C 170 30.70 -14.42 34.20
N GLY C 171 30.77 -13.42 33.32
CA GLY C 171 31.99 -13.10 32.61
C GLY C 171 32.30 -14.18 31.57
N LEU C 172 33.44 -14.85 31.75
CA LEU C 172 33.82 -15.99 30.92
C LEU C 172 33.89 -15.68 29.43
N GLN C 173 34.00 -14.39 29.09
CA GLN C 173 34.06 -13.92 27.71
C GLN C 173 32.79 -14.18 26.91
N VAL C 174 32.34 -13.17 26.17
CA VAL C 174 31.18 -13.30 25.30
C VAL C 174 31.44 -14.36 24.23
N PRO C 175 30.55 -15.36 24.13
CA PRO C 175 30.67 -16.44 23.16
C PRO C 175 30.71 -15.93 21.72
N ASN C 176 31.39 -16.64 20.84
CA ASN C 176 31.53 -16.20 19.46
C ASN C 176 30.95 -17.20 18.45
N GLY C 177 30.44 -18.32 18.95
CA GLY C 177 29.92 -19.36 18.07
C GLY C 177 28.52 -19.81 18.40
N VAL C 178 27.72 -20.04 17.36
CA VAL C 178 26.36 -20.55 17.51
C VAL C 178 26.12 -21.69 16.52
N ALA C 179 25.27 -22.64 16.90
CA ALA C 179 24.91 -23.75 16.02
C ALA C 179 23.43 -24.09 16.17
N LEU C 180 22.71 -24.12 15.06
CA LEU C 180 21.26 -24.25 15.10
C LEU C 180 20.72 -25.47 14.37
N ASP C 181 19.59 -25.98 14.85
CA ASP C 181 18.82 -27.00 14.14
C ASP C 181 18.14 -26.32 12.96
N PRO C 182 18.07 -27.00 11.81
CA PRO C 182 17.48 -26.49 10.56
C PRO C 182 16.18 -25.71 10.76
N ALA C 183 15.24 -26.27 11.51
CA ALA C 183 13.97 -25.61 11.80
C ALA C 183 14.18 -24.32 12.60
N PHE C 184 15.02 -24.42 13.62
CA PHE C 184 15.34 -23.26 14.45
C PHE C 184 16.08 -22.21 13.62
N SER C 185 16.89 -22.67 12.67
CA SER C 185 17.64 -21.77 11.80
C SER C 185 16.71 -20.96 10.91
N PHE C 186 15.73 -21.65 10.32
CA PHE C 186 14.72 -20.97 9.51
C PHE C 186 13.92 -19.99 10.35
N ALA C 187 13.52 -20.42 11.53
CA ALA C 187 12.72 -19.59 12.43
C ALA C 187 13.51 -18.37 12.87
N LEU C 188 14.84 -18.48 12.84
CA LEU C 188 15.71 -17.37 13.18
C LEU C 188 15.87 -16.41 12.00
N SER C 189 15.96 -16.97 10.80
CA SER C 189 16.16 -16.17 9.60
C SER C 189 14.91 -15.38 9.21
N THR C 190 13.75 -15.85 9.66
CA THR C 190 12.48 -15.23 9.27
C THR C 190 11.70 -14.69 10.46
N GLU C 191 12.38 -14.45 11.57
CA GLU C 191 11.73 -13.92 12.77
C GLU C 191 11.43 -12.42 12.58
N VAL C 192 10.37 -11.96 13.23
CA VAL C 192 9.95 -10.57 13.14
C VAL C 192 9.84 -9.94 14.52
N TYR C 193 10.24 -8.67 14.64
CA TYR C 193 10.17 -7.93 15.89
C TYR C 193 8.81 -8.08 16.59
N PRO C 194 8.84 -8.50 17.86
CA PRO C 194 7.61 -8.62 18.65
C PRO C 194 6.97 -7.26 18.89
N LYS C 195 5.66 -7.22 19.09
CA LYS C 195 4.95 -5.96 19.28
C LYS C 195 5.42 -5.25 20.55
N GLY C 196 5.24 -3.94 20.59
CA GLY C 196 5.78 -3.13 21.66
C GLY C 196 7.13 -2.57 21.23
N SER C 197 7.30 -2.43 19.91
CA SER C 197 8.55 -1.99 19.34
C SER C 197 8.32 -1.43 17.94
N PRO C 198 9.17 -0.46 17.53
CA PRO C 198 9.12 0.02 16.14
C PRO C 198 9.44 -1.10 15.16
N LEU C 199 9.00 -0.95 13.91
CA LEU C 199 9.24 -1.95 12.86
C LEU C 199 8.60 -3.30 13.20
N ALA C 200 7.55 -3.28 14.02
CA ALA C 200 6.85 -4.51 14.37
C ALA C 200 6.04 -5.01 13.18
N GLY C 201 6.51 -6.08 12.57
CA GLY C 201 5.89 -6.62 11.36
C GLY C 201 6.92 -6.70 10.26
N GLN C 202 8.02 -6.01 10.45
CA GLN C 202 9.12 -5.99 9.49
C GLN C 202 10.09 -7.13 9.76
N PRO C 203 10.74 -7.64 8.69
CA PRO C 203 11.76 -8.69 8.85
C PRO C 203 12.94 -8.22 9.68
N MET C 204 13.31 -8.99 10.70
CA MET C 204 14.39 -8.61 11.61
C MET C 204 15.76 -8.77 10.95
N TYR C 205 15.87 -9.75 10.06
CA TYR C 205 17.11 -9.95 9.31
C TYR C 205 16.81 -9.98 7.81
N PRO C 206 16.68 -8.79 7.20
CA PRO C 206 16.28 -8.64 5.80
C PRO C 206 17.35 -9.10 4.81
N ALA C 207 18.58 -9.27 5.28
CA ALA C 207 19.70 -9.66 4.43
C ALA C 207 19.51 -11.08 3.89
N ALA C 208 19.03 -11.97 4.74
CA ALA C 208 18.87 -13.37 4.35
C ALA C 208 17.39 -13.77 4.34
N GLY C 209 16.93 -14.24 3.19
CA GLY C 209 15.56 -14.71 3.04
C GLY C 209 15.51 -16.20 2.78
N PHE C 210 14.86 -16.93 3.68
CA PHE C 210 14.70 -18.38 3.60
C PHE C 210 16.02 -19.13 3.63
N ALA C 211 17.11 -18.41 3.91
CA ALA C 211 18.44 -19.01 3.99
C ALA C 211 19.10 -18.66 5.31
N GLY C 212 19.77 -19.64 5.91
CA GLY C 212 20.43 -19.45 7.18
C GLY C 212 21.47 -18.35 7.13
N LEU C 213 21.61 -17.62 8.23
CA LEU C 213 22.55 -16.51 8.30
C LEU C 213 24.00 -16.99 8.14
N ASP C 214 24.87 -16.07 7.74
CA ASP C 214 26.30 -16.35 7.71
C ASP C 214 26.91 -15.97 9.05
N ASN C 215 26.43 -14.87 9.61
CA ASN C 215 26.82 -14.44 10.95
C ASN C 215 25.65 -13.74 11.65
N TRP C 216 25.54 -13.95 12.95
CA TRP C 216 24.43 -13.38 13.71
C TRP C 216 24.94 -12.47 14.82
N ARG C 217 24.82 -11.17 14.62
CA ARG C 217 25.19 -10.16 15.60
C ARG C 217 26.63 -10.32 16.09
N GLY C 218 27.53 -10.60 15.16
CA GLY C 218 28.94 -10.74 15.49
C GLY C 218 29.36 -12.16 15.79
N LEU C 219 28.40 -13.07 15.78
CA LEU C 219 28.67 -14.47 16.07
C LEU C 219 28.55 -15.33 14.82
N ASN C 220 29.42 -16.32 14.68
CA ASN C 220 29.37 -17.23 13.55
C ASN C 220 28.32 -18.32 13.76
N VAL C 221 27.47 -18.51 12.76
CA VAL C 221 26.39 -19.47 12.86
C VAL C 221 26.49 -20.57 11.81
N GLY C 222 26.09 -21.78 12.19
CA GLY C 222 26.05 -22.92 11.29
C GLY C 222 24.78 -23.71 11.50
N ALA C 223 24.18 -24.17 10.40
CA ALA C 223 22.90 -24.87 10.48
C ALA C 223 23.00 -26.29 9.91
N SER C 224 23.10 -27.27 10.81
CA SER C 224 23.09 -28.67 10.41
C SER C 224 22.12 -29.45 11.28
N SER C 225 21.73 -30.63 10.81
CA SER C 225 20.80 -31.49 11.55
C SER C 225 21.52 -32.33 12.59
N THR C 226 22.71 -31.90 12.99
CA THR C 226 23.53 -32.69 13.90
C THR C 226 23.41 -32.22 15.35
N VAL C 227 23.09 -30.95 15.54
CA VAL C 227 22.93 -30.39 16.88
C VAL C 227 21.69 -31.00 17.55
N SER C 228 20.78 -31.53 16.73
CA SER C 228 19.62 -32.24 17.24
C SER C 228 19.84 -33.74 17.07
N GLY C 229 20.59 -34.12 16.05
CA GLY C 229 20.85 -35.51 15.75
C GLY C 229 19.57 -36.26 15.46
N ALA C 230 18.74 -35.69 14.59
CA ALA C 230 17.42 -36.24 14.31
C ALA C 230 17.43 -37.68 13.79
N PRO C 231 18.29 -38.00 12.80
CA PRO C 231 18.19 -39.40 12.34
C PRO C 231 19.07 -40.38 13.13
N GLU C 232 20.23 -39.94 13.60
CA GLU C 232 21.16 -40.83 14.30
C GLU C 232 20.68 -41.17 15.71
N MET C 233 20.33 -40.15 16.49
CA MET C 233 19.80 -40.37 17.83
C MET C 233 18.42 -41.01 17.74
N SER C 234 18.14 -41.96 18.62
CA SER C 234 16.85 -42.65 18.58
C SER C 234 15.72 -41.72 19.07
N PRO C 235 15.90 -41.06 20.23
CA PRO C 235 14.95 -39.98 20.50
C PRO C 235 15.60 -38.60 20.32
N ALA C 236 15.00 -37.76 19.48
CA ALA C 236 15.55 -36.44 19.19
C ALA C 236 15.79 -35.63 20.46
N SER C 237 17.06 -35.46 20.81
CA SER C 237 17.44 -34.69 21.99
C SER C 237 16.90 -33.27 21.89
N GLY C 238 16.38 -32.77 23.01
CA GLY C 238 15.69 -31.49 23.04
C GLY C 238 16.47 -30.29 22.56
N VAL C 239 17.78 -30.44 22.38
CA VAL C 239 18.64 -29.36 21.93
C VAL C 239 18.24 -28.82 20.56
N LYS C 240 17.93 -27.54 20.50
CA LYS C 240 17.57 -26.89 19.24
C LYS C 240 18.69 -25.99 18.77
N ALA C 241 19.42 -25.42 19.73
CA ALA C 241 20.52 -24.52 19.43
C ALA C 241 21.55 -24.51 20.55
N ILE C 242 22.82 -24.36 20.18
CA ILE C 242 23.90 -24.34 21.15
C ILE C 242 24.85 -23.17 20.90
N VAL C 243 25.04 -22.35 21.93
CA VAL C 243 25.86 -21.15 21.84
C VAL C 243 27.04 -21.25 22.80
N GLY C 244 28.22 -20.84 22.34
CA GLY C 244 29.41 -20.89 23.18
C GLY C 244 30.67 -20.36 22.53
N ASP C 245 31.73 -20.27 23.33
CA ASP C 245 33.04 -19.89 22.85
C ASP C 245 33.71 -21.09 22.18
N PHE C 246 33.52 -21.22 20.88
CA PHE C 246 34.00 -22.39 20.15
C PHE C 246 35.50 -22.38 19.91
N SER C 247 36.19 -21.39 20.45
CA SER C 247 37.65 -21.37 20.41
C SER C 247 38.20 -22.38 21.41
N ARG C 248 37.36 -22.77 22.36
CA ARG C 248 37.71 -23.77 23.35
C ARG C 248 37.81 -25.16 22.74
N VAL C 249 36.82 -25.50 21.93
CA VAL C 249 36.77 -26.83 21.31
C VAL C 249 37.89 -27.05 20.32
N HIS C 250 38.80 -27.97 20.66
CA HIS C 250 39.89 -28.35 19.77
C HIS C 250 39.59 -29.69 19.11
N TRP C 251 39.49 -29.69 17.78
CA TRP C 251 39.26 -30.93 17.05
C TRP C 251 40.27 -31.07 15.91
N GLY C 252 40.23 -32.20 15.20
CA GLY C 252 41.13 -32.39 14.09
C GLY C 252 41.23 -33.80 13.53
N PHE C 253 41.56 -33.88 12.24
CA PHE C 253 41.86 -35.15 11.58
C PHE C 253 43.35 -35.46 11.65
N GLN C 254 43.71 -36.46 12.45
CA GLN C 254 45.10 -36.89 12.53
C GLN C 254 45.49 -37.64 11.26
N ARG C 255 44.51 -38.27 10.62
CA ARG C 255 44.74 -38.98 9.37
C ARG C 255 43.43 -39.24 8.64
N ASN C 256 43.31 -38.66 7.44
CA ASN C 256 42.09 -38.81 6.64
C ASN C 256 42.37 -39.56 5.33
N PHE C 257 41.56 -40.57 5.05
CA PHE C 257 41.73 -41.38 3.85
C PHE C 257 40.66 -41.06 2.82
N PRO C 258 41.03 -41.14 1.52
CA PRO C 258 40.05 -41.01 0.44
C PRO C 258 39.16 -42.26 0.34
N ILE C 259 38.17 -42.23 -0.53
CA ILE C 259 37.26 -43.35 -0.69
C ILE C 259 37.98 -44.60 -1.21
N GLU C 260 37.93 -45.66 -0.41
CA GLU C 260 38.61 -46.91 -0.74
C GLU C 260 37.66 -47.94 -1.35
N LEU C 261 38.13 -48.64 -2.38
CA LEU C 261 37.38 -49.72 -2.99
C LEU C 261 38.06 -51.06 -2.72
N ILE C 262 37.45 -51.85 -1.83
CA ILE C 262 37.96 -53.16 -1.48
C ILE C 262 37.29 -54.24 -2.33
N GLU C 263 38.08 -54.99 -3.07
CA GLU C 263 37.53 -56.02 -3.95
C GLU C 263 37.90 -57.43 -3.50
N TYR C 264 38.65 -57.52 -2.40
CA TYR C 264 39.07 -58.81 -1.89
C TYR C 264 38.72 -58.99 -0.41
N GLY C 265 39.15 -60.11 0.15
CA GLY C 265 38.97 -60.38 1.57
C GLY C 265 37.51 -60.49 1.99
N ASP C 266 37.25 -60.19 3.26
CA ASP C 266 35.89 -60.23 3.79
C ASP C 266 35.71 -59.23 4.93
N PRO C 267 35.53 -57.94 4.59
CA PRO C 267 35.26 -56.92 5.60
C PRO C 267 33.92 -57.15 6.27
N ASP C 268 33.63 -56.37 7.32
CA ASP C 268 32.39 -56.48 8.09
C ASP C 268 32.32 -57.78 8.91
N GLN C 269 33.21 -58.72 8.59
CA GLN C 269 33.31 -60.01 9.29
C GLN C 269 31.95 -60.70 9.38
N THR C 270 31.39 -61.04 8.21
CA THR C 270 30.10 -61.70 8.15
C THR C 270 30.20 -63.05 7.44
N GLY C 271 31.43 -63.45 7.13
CA GLY C 271 31.67 -64.75 6.53
C GLY C 271 31.40 -64.78 5.02
N ARG C 272 30.91 -63.67 4.49
CA ARG C 272 30.59 -63.58 3.07
C ARG C 272 31.71 -62.89 2.30
N ASP C 273 32.46 -63.68 1.53
CA ASP C 273 33.59 -63.17 0.76
C ASP C 273 33.13 -62.18 -0.31
N LEU C 274 34.05 -61.33 -0.75
CA LEU C 274 33.73 -60.33 -1.76
C LEU C 274 33.85 -60.91 -3.17
N LYS C 275 34.89 -61.68 -3.40
CA LYS C 275 35.07 -62.37 -4.68
C LYS C 275 34.21 -63.63 -4.72
N GLY C 276 33.71 -64.03 -3.55
CA GLY C 276 32.89 -65.22 -3.44
C GLY C 276 31.44 -64.96 -3.81
N HIS C 277 30.99 -63.73 -3.62
CA HIS C 277 29.62 -63.35 -3.93
C HIS C 277 29.57 -62.32 -5.04
N ASN C 278 30.72 -62.05 -5.66
CA ASN C 278 30.85 -61.03 -6.69
C ASN C 278 30.33 -59.69 -6.21
N GLU C 279 30.95 -59.16 -5.15
CA GLU C 279 30.54 -57.88 -4.57
C GLU C 279 31.75 -57.02 -4.21
N VAL C 280 31.53 -55.71 -4.12
CA VAL C 280 32.59 -54.76 -3.86
C VAL C 280 32.27 -53.93 -2.62
N MET C 281 33.30 -53.62 -1.83
CA MET C 281 33.12 -52.84 -0.61
C MET C 281 33.58 -51.40 -0.81
N VAL C 282 32.75 -50.46 -0.39
CA VAL C 282 33.10 -49.05 -0.46
C VAL C 282 33.31 -48.51 0.95
N ARG C 283 34.56 -48.15 1.28
CA ARG C 283 34.91 -47.79 2.64
C ARG C 283 35.45 -46.38 2.78
N ALA C 284 35.09 -45.72 3.88
CA ALA C 284 35.68 -44.43 4.25
C ALA C 284 36.07 -44.45 5.71
N GLU C 285 37.37 -44.33 5.96
CA GLU C 285 37.90 -44.34 7.32
C GLU C 285 38.70 -43.10 7.62
N ALA C 286 38.33 -42.41 8.69
CA ALA C 286 39.06 -41.24 9.14
C ALA C 286 39.46 -41.41 10.60
N VAL C 287 40.48 -40.68 11.04
CA VAL C 287 40.91 -40.75 12.44
C VAL C 287 40.94 -39.37 13.07
N LEU C 288 39.89 -39.03 13.80
CA LEU C 288 39.78 -37.69 14.38
C LEU C 288 39.86 -37.69 15.91
N TYR C 289 39.99 -36.50 16.47
CA TYR C 289 39.96 -36.34 17.93
C TYR C 289 39.12 -35.14 18.33
N VAL C 290 38.40 -35.25 19.43
CA VAL C 290 37.58 -34.16 19.94
C VAL C 290 37.88 -33.86 21.40
N ALA C 291 38.47 -32.69 21.64
CA ALA C 291 38.84 -32.27 22.98
C ALA C 291 38.26 -30.90 23.33
N ILE C 292 37.24 -30.91 24.18
CA ILE C 292 36.70 -29.66 24.70
C ILE C 292 37.42 -29.31 26.00
N GLU C 293 37.75 -28.03 26.17
CA GLU C 293 38.49 -27.59 27.34
C GLU C 293 37.60 -27.64 28.59
N SER C 294 36.47 -26.95 28.53
CA SER C 294 35.50 -26.94 29.61
C SER C 294 34.16 -26.40 29.13
N LEU C 295 33.08 -27.04 29.56
CA LEU C 295 31.74 -26.63 29.13
C LEU C 295 31.15 -25.56 30.06
N ASP C 296 32.01 -24.78 30.69
CA ASP C 296 31.56 -23.71 31.58
C ASP C 296 31.04 -22.54 30.75
N SER C 297 31.46 -22.48 29.49
CA SER C 297 31.08 -21.39 28.60
C SER C 297 30.24 -21.89 27.43
N PHE C 298 29.23 -22.70 27.73
CA PHE C 298 28.33 -23.23 26.72
C PHE C 298 26.90 -23.29 27.22
N ALA C 299 25.97 -22.90 26.36
CA ALA C 299 24.55 -22.86 26.70
C ALA C 299 23.71 -23.45 25.59
N VAL C 300 22.96 -24.50 25.92
CA VAL C 300 22.07 -25.12 24.96
C VAL C 300 20.63 -24.72 25.25
N VAL C 301 19.75 -24.93 24.28
CA VAL C 301 18.33 -24.64 24.51
C VAL C 301 17.49 -25.88 24.23
N LYS C 302 16.62 -26.23 25.18
CA LYS C 302 15.84 -27.46 25.07
C LYS C 302 14.33 -27.19 25.06
N GLU C 303 13.59 -28.08 24.41
CA GLU C 303 12.14 -27.98 24.35
C GLU C 303 11.52 -28.42 25.67
N ASP D 4 47.18 -61.54 20.79
CA ASP D 4 46.66 -61.89 19.48
C ASP D 4 47.36 -61.08 18.38
N PHE D 5 47.67 -59.83 18.69
CA PHE D 5 48.40 -58.97 17.76
C PHE D 5 49.18 -57.89 18.51
N LEU D 6 49.96 -57.11 17.77
CA LEU D 6 50.90 -56.16 18.36
C LEU D 6 50.21 -54.95 19.00
N SER D 7 49.21 -54.40 18.30
CA SER D 7 48.51 -53.19 18.72
C SER D 7 49.45 -52.00 18.87
N VAL D 8 48.96 -50.93 19.48
CA VAL D 8 49.72 -49.69 19.61
C VAL D 8 49.98 -49.35 21.07
N GLY D 9 49.10 -49.80 21.95
CA GLY D 9 49.16 -49.47 23.37
C GLY D 9 50.46 -49.82 24.07
N LYS D 10 51.20 -50.79 23.53
CA LYS D 10 52.45 -51.21 24.13
C LYS D 10 53.58 -50.24 23.83
N LEU D 11 53.45 -49.49 22.74
CA LEU D 11 54.46 -48.53 22.33
C LEU D 11 54.59 -47.37 23.31
N GLU D 12 53.50 -47.09 24.03
CA GLU D 12 53.45 -46.00 25.01
C GLU D 12 53.84 -44.67 24.37
N LEU D 13 53.05 -44.24 23.38
CA LEU D 13 53.30 -42.99 22.69
C LEU D 13 53.12 -41.79 23.61
N PRO D 14 54.02 -40.80 23.52
CA PRO D 14 53.94 -39.59 24.33
C PRO D 14 52.74 -38.73 23.97
N GLY D 15 52.39 -38.70 22.68
CA GLY D 15 51.27 -37.92 22.21
C GLY D 15 51.70 -36.62 21.55
N SER D 16 50.91 -35.58 21.71
CA SER D 16 51.20 -34.28 21.12
C SER D 16 51.10 -33.15 22.15
N MET D 17 51.29 -31.93 21.68
CA MET D 17 51.24 -30.76 22.56
C MET D 17 50.72 -29.54 21.81
N ILE D 18 49.44 -29.23 22.00
CA ILE D 18 48.82 -28.08 21.35
C ILE D 18 49.39 -26.78 21.90
N GLY D 19 49.74 -25.87 21.00
CA GLY D 19 50.24 -24.56 21.39
C GLY D 19 49.21 -23.78 22.17
N ALA D 20 49.66 -22.99 23.13
CA ALA D 20 48.77 -22.21 23.98
C ALA D 20 48.04 -21.14 23.19
N VAL D 21 46.80 -20.86 23.60
CA VAL D 21 45.99 -19.85 22.93
C VAL D 21 45.91 -18.58 23.77
N ARG D 22 46.41 -17.48 23.21
CA ARG D 22 46.35 -16.20 23.90
C ARG D 22 44.94 -15.62 23.85
N ASP D 23 44.35 -15.42 25.02
CA ASP D 23 43.05 -14.76 25.12
C ASP D 23 43.16 -13.35 24.57
N ARG D 24 42.97 -13.21 23.26
CA ARG D 24 43.17 -11.94 22.58
C ARG D 24 42.17 -10.87 23.02
N ALA D 25 41.00 -11.32 23.45
CA ALA D 25 39.95 -10.39 23.88
C ALA D 25 39.75 -10.45 25.39
N ILE D 26 40.60 -9.72 26.12
CA ILE D 26 40.48 -9.65 27.57
C ILE D 26 39.61 -8.46 27.99
N ASP D 27 38.57 -8.73 28.77
CA ASP D 27 37.70 -7.69 29.28
C ASP D 27 38.44 -6.89 30.36
N SER D 28 39.36 -6.03 29.93
CA SER D 28 40.17 -5.24 30.86
C SER D 28 39.34 -4.20 31.59
N GLY D 29 38.17 -3.89 31.04
CA GLY D 29 37.27 -2.94 31.66
C GLY D 29 37.17 -1.63 30.90
N VAL D 30 36.21 -0.80 31.29
CA VAL D 30 36.03 0.50 30.65
C VAL D 30 36.67 1.62 31.47
N LEU D 31 36.04 2.79 31.44
CA LEU D 31 36.50 3.98 32.15
C LEU D 31 37.84 4.50 31.62
N ALA D 32 38.40 3.80 30.64
CA ALA D 32 39.58 4.28 29.93
C ALA D 32 39.14 4.92 28.63
N LYS D 33 37.89 4.66 28.25
CA LYS D 33 37.29 5.25 27.06
C LYS D 33 36.38 6.41 27.44
N LEU D 34 35.67 6.26 28.55
CA LEU D 34 34.69 7.25 28.98
C LEU D 34 35.37 8.50 29.56
N SER D 35 36.46 8.29 30.28
CA SER D 35 37.18 9.39 30.91
C SER D 35 38.68 9.20 30.78
N PRO D 36 39.37 10.15 30.12
CA PRO D 36 40.83 10.12 29.96
C PRO D 36 41.56 10.13 31.29
N GLU D 37 42.70 9.44 31.35
CA GLU D 37 43.49 9.35 32.57
C GLU D 37 44.11 10.70 32.93
N GLN D 38 44.21 10.97 34.23
CA GLN D 38 44.81 12.20 34.71
C GLN D 38 45.89 11.91 35.76
N PRO D 39 47.09 11.58 35.30
CA PRO D 39 48.22 11.20 36.16
C PRO D 39 48.68 12.34 37.06
N THR D 40 48.69 12.10 38.37
CA THR D 40 49.16 13.08 39.34
C THR D 40 50.22 12.47 40.25
N ILE D 41 50.96 13.31 40.95
CA ILE D 41 51.98 12.84 41.89
C ILE D 41 51.32 12.16 43.07
N PHE D 42 52.12 11.43 43.86
CA PHE D 42 51.59 10.68 45.00
C PHE D 42 51.02 11.61 46.05
N GLY D 43 49.93 11.18 46.69
CA GLY D 43 49.24 11.98 47.68
C GLY D 43 47.77 12.13 47.37
N PRO D 44 47.01 12.70 48.31
CA PRO D 44 45.56 12.92 48.15
C PRO D 44 45.24 13.82 46.96
N VAL D 45 44.05 13.70 46.41
CA VAL D 45 43.62 14.52 45.29
C VAL D 45 42.37 15.30 45.67
N LYS D 46 42.47 16.63 45.66
CA LYS D 46 41.38 17.49 46.11
C LYS D 46 40.92 18.45 45.02
N GLY D 47 39.68 18.90 45.11
CA GLY D 47 39.12 19.82 44.14
C GLY D 47 38.12 20.78 44.76
N ALA D 48 37.43 21.53 43.92
CA ALA D 48 36.45 22.50 44.39
C ALA D 48 35.33 22.71 43.37
N VAL D 49 34.12 22.97 43.86
CA VAL D 49 32.98 23.21 42.98
C VAL D 49 32.13 24.39 43.46
N PHE D 50 31.67 25.19 42.51
CA PHE D 50 30.86 26.36 42.80
C PHE D 50 29.44 26.18 42.28
N SER D 51 28.47 26.55 43.10
CA SER D 51 27.06 26.27 42.80
C SER D 51 26.45 27.23 41.77
N GLY D 52 25.14 27.41 41.87
CA GLY D 52 24.39 28.14 40.87
C GLY D 52 24.54 29.65 40.87
N VAL D 53 23.62 30.30 40.17
CA VAL D 53 23.67 31.75 39.96
C VAL D 53 22.90 32.50 41.05
N PRO D 54 23.51 33.53 41.64
CA PRO D 54 22.85 34.40 42.62
C PRO D 54 21.68 35.16 42.02
N ARG D 55 20.89 35.83 42.87
CA ARG D 55 19.70 36.54 42.40
C ARG D 55 19.86 38.06 42.52
N ALA D 56 19.73 38.76 41.40
CA ALA D 56 19.73 40.22 41.41
C ALA D 56 18.40 40.72 41.95
N LYS D 57 18.37 41.97 42.41
CA LYS D 57 17.13 42.52 42.97
C LYS D 57 16.79 43.88 42.42
N ILE D 58 15.52 44.08 42.10
CA ILE D 58 15.01 45.39 41.71
C ILE D 58 15.07 46.33 42.89
N VAL D 59 15.66 47.50 42.69
CA VAL D 59 15.86 48.46 43.78
C VAL D 59 15.43 49.87 43.38
N GLY D 60 14.78 50.57 44.30
CA GLY D 60 14.40 51.96 44.08
C GLY D 60 15.61 52.87 44.16
N GLU D 61 15.39 54.14 43.88
CA GLU D 61 16.48 55.13 43.88
C GLU D 61 16.99 55.41 45.29
N GLY D 62 16.17 55.10 46.29
CA GLY D 62 16.54 55.35 47.66
C GLY D 62 16.69 54.09 48.50
N GLU D 63 16.05 53.01 48.06
CA GLU D 63 16.08 51.75 48.80
C GLU D 63 17.48 51.13 48.76
N VAL D 64 17.74 50.22 49.69
CA VAL D 64 19.07 49.64 49.84
C VAL D 64 19.39 48.60 48.77
N LYS D 65 20.68 48.34 48.58
CA LYS D 65 21.13 47.33 47.63
C LYS D 65 21.71 46.15 48.40
N PRO D 66 20.90 45.10 48.60
CA PRO D 66 21.23 43.96 49.47
C PRO D 66 22.32 43.05 48.89
N SER D 67 22.54 41.91 49.54
CA SER D 67 23.59 40.99 49.14
C SER D 67 23.04 39.60 48.85
N ALA D 68 23.95 38.68 48.50
CA ALA D 68 23.61 37.30 48.25
C ALA D 68 24.83 36.42 48.48
N SER D 69 24.60 35.20 48.96
CA SER D 69 25.70 34.30 49.28
C SER D 69 26.05 33.39 48.11
N VAL D 70 27.28 32.90 48.11
CA VAL D 70 27.73 31.95 47.10
C VAL D 70 28.08 30.61 47.74
N ASP D 71 27.52 29.54 47.19
CA ASP D 71 27.73 28.20 47.75
C ASP D 71 28.93 27.51 47.13
N VAL D 72 29.95 27.25 47.95
CA VAL D 72 31.14 26.57 47.50
C VAL D 72 31.25 25.21 48.17
N SER D 73 31.83 24.23 47.47
CA SER D 73 31.99 22.89 48.01
C SER D 73 33.32 22.28 47.58
N ALA D 74 33.59 21.06 48.03
CA ALA D 74 34.84 20.38 47.71
C ALA D 74 34.68 18.86 47.81
N PHE D 75 35.61 18.14 47.19
CA PHE D 75 35.64 16.69 47.26
C PHE D 75 37.07 16.18 47.36
N THR D 76 37.27 15.14 48.16
CA THR D 76 38.60 14.60 48.38
C THR D 76 38.70 13.14 47.94
N ALA D 77 39.89 12.73 47.55
CA ALA D 77 40.13 11.35 47.11
C ALA D 77 41.48 10.84 47.58
N GLN D 78 41.46 9.74 48.32
CA GLN D 78 42.67 9.13 48.85
C GLN D 78 43.25 8.10 47.88
N PRO D 79 44.59 8.10 47.73
CA PRO D 79 45.28 7.14 46.86
C PRO D 79 45.24 5.73 47.44
N ILE D 80 45.09 4.73 46.58
CA ILE D 80 45.03 3.34 47.02
C ILE D 80 45.87 2.43 46.14
N LYS D 81 46.64 1.54 46.76
CA LYS D 81 47.52 0.66 45.99
C LYS D 81 46.97 -0.75 45.87
N VAL D 82 46.69 -1.15 44.64
CA VAL D 82 46.28 -2.52 44.34
C VAL D 82 47.49 -3.36 43.94
N VAL D 83 47.44 -4.65 44.26
CA VAL D 83 48.54 -5.55 43.99
C VAL D 83 48.06 -6.99 43.86
N THR D 84 48.44 -7.63 42.76
CA THR D 84 48.11 -9.03 42.54
C THR D 84 49.37 -9.83 42.23
N GLN D 85 49.46 -11.04 42.77
CA GLN D 85 50.65 -11.86 42.59
C GLN D 85 50.36 -13.35 42.75
N GLN D 86 51.13 -14.18 42.06
CA GLN D 86 50.93 -15.63 42.13
C GLN D 86 52.22 -16.43 42.08
N ARG D 87 52.17 -17.63 42.65
CA ARG D 87 53.33 -18.49 42.77
C ARG D 87 53.43 -19.50 41.62
N VAL D 88 54.64 -19.68 41.10
CA VAL D 88 54.91 -20.67 40.06
C VAL D 88 56.22 -21.39 40.31
N SER D 89 56.14 -22.70 40.57
CA SER D 89 57.34 -23.50 40.87
C SER D 89 58.38 -23.46 39.75
N ASP D 90 59.64 -23.62 40.13
CA ASP D 90 60.75 -23.58 39.16
C ASP D 90 60.65 -24.70 38.15
N GLU D 91 60.03 -25.82 38.55
CA GLU D 91 59.83 -26.94 37.65
C GLU D 91 58.90 -26.55 36.50
N PHE D 92 57.90 -25.73 36.82
CA PHE D 92 57.00 -25.21 35.79
C PHE D 92 57.73 -24.26 34.84
N MET D 93 58.58 -23.41 35.41
CA MET D 93 59.39 -22.48 34.63
C MET D 93 60.31 -23.22 33.67
N TRP D 94 60.83 -24.35 34.13
CA TRP D 94 61.66 -25.21 33.30
C TRP D 94 60.81 -25.88 32.21
N ALA D 95 59.58 -26.22 32.58
CA ALA D 95 58.66 -26.90 31.67
C ALA D 95 58.06 -25.94 30.66
N ASP D 96 58.37 -24.65 30.81
CA ASP D 96 57.88 -23.63 29.89
C ASP D 96 58.92 -23.37 28.82
N ALA D 97 60.18 -23.67 29.13
CA ALA D 97 61.28 -23.47 28.19
C ALA D 97 61.58 -24.75 27.41
N ASP D 98 61.64 -25.88 28.11
CA ASP D 98 61.95 -27.16 27.49
C ASP D 98 60.68 -27.98 27.26
N TYR D 99 59.75 -27.37 26.53
CA TYR D 99 58.53 -28.02 26.07
C TYR D 99 57.87 -27.05 25.09
N ARG D 100 58.34 -25.81 25.15
CA ARG D 100 57.90 -24.74 24.26
C ARG D 100 56.40 -24.49 24.32
N LEU D 101 55.94 -24.11 25.51
CA LEU D 101 54.55 -23.71 25.69
C LEU D 101 54.43 -22.19 25.61
N GLY D 102 55.44 -21.49 26.12
CA GLY D 102 55.47 -20.04 26.11
C GLY D 102 54.35 -19.46 26.95
N VAL D 103 54.02 -20.13 28.04
CA VAL D 103 52.89 -19.76 28.89
C VAL D 103 53.11 -18.44 29.63
N LEU D 104 54.25 -18.34 30.33
CA LEU D 104 54.50 -17.23 31.23
C LEU D 104 54.49 -15.87 30.54
N GLN D 105 54.92 -15.83 29.27
CA GLN D 105 55.02 -14.56 28.55
C GLN D 105 53.77 -14.25 27.73
N ASP D 106 53.05 -15.29 27.32
CA ASP D 106 51.89 -15.12 26.45
C ASP D 106 50.56 -15.03 27.22
N LEU D 107 50.49 -15.70 28.37
CA LEU D 107 49.21 -15.83 29.08
C LEU D 107 49.20 -15.18 30.46
N ILE D 108 50.10 -15.60 31.34
CA ILE D 108 50.09 -15.15 32.73
C ILE D 108 50.30 -13.63 32.87
N SER D 109 51.35 -13.13 32.25
CA SER D 109 51.70 -11.71 32.35
C SER D 109 50.63 -10.75 31.80
N PRO D 110 50.05 -11.04 30.61
CA PRO D 110 49.00 -10.14 30.15
C PRO D 110 47.76 -10.15 31.05
N ALA D 111 47.37 -11.33 31.52
CA ALA D 111 46.20 -11.46 32.39
C ALA D 111 46.42 -10.69 33.69
N LEU D 112 47.59 -10.89 34.29
CA LEU D 112 47.96 -10.18 35.51
C LEU D 112 48.00 -8.67 35.27
N GLY D 113 48.34 -8.28 34.04
CA GLY D 113 48.37 -6.88 33.68
C GLY D 113 46.99 -6.26 33.56
N ALA D 114 46.03 -7.07 33.09
CA ALA D 114 44.64 -6.62 32.99
C ALA D 114 43.94 -6.64 34.35
N SER D 115 44.48 -7.44 35.27
CA SER D 115 43.87 -7.66 36.57
C SER D 115 43.71 -6.36 37.37
N ILE D 116 44.57 -5.39 37.12
CA ILE D 116 44.49 -4.08 37.78
C ILE D 116 43.61 -3.11 37.01
N GLY D 117 43.60 -3.28 35.69
CA GLY D 117 42.78 -2.46 34.81
C GLY D 117 41.32 -2.70 35.12
N ARG D 118 41.02 -3.93 35.54
CA ARG D 118 39.68 -4.28 36.03
C ARG D 118 39.47 -3.80 37.46
N ALA D 119 40.56 -3.70 38.21
CA ALA D 119 40.50 -3.31 39.61
C ALA D 119 40.03 -1.86 39.76
N VAL D 120 40.63 -0.95 39.00
CA VAL D 120 40.23 0.46 39.06
C VAL D 120 38.78 0.64 38.62
N ASP D 121 38.40 -0.08 37.58
CA ASP D 121 37.06 0.01 37.01
C ASP D 121 36.03 -0.48 38.02
N LEU D 122 36.42 -1.49 38.80
CA LEU D 122 35.56 -2.08 39.82
C LEU D 122 35.41 -1.16 41.03
N ILE D 123 36.53 -0.56 41.42
CA ILE D 123 36.56 0.38 42.54
C ILE D 123 35.67 1.59 42.26
N ALA D 124 35.73 2.09 41.03
CA ALA D 124 34.98 3.28 40.67
C ALA D 124 33.49 3.02 40.44
N PHE D 125 33.11 1.75 40.40
CA PHE D 125 31.73 1.39 40.09
C PHE D 125 30.97 0.79 41.28
N HIS D 126 31.69 0.11 42.16
CA HIS D 126 31.05 -0.59 43.27
C HIS D 126 31.75 -0.35 44.61
N GLY D 127 32.93 0.25 44.55
CA GLY D 127 33.72 0.50 45.75
C GLY D 127 34.05 -0.79 46.46
N ILE D 128 34.27 -1.84 45.69
CA ILE D 128 34.51 -3.16 46.24
C ILE D 128 35.99 -3.52 46.14
N ASP D 129 36.44 -4.43 47.00
CA ASP D 129 37.77 -5.00 46.85
C ASP D 129 37.68 -6.09 45.78
N PRO D 130 38.45 -5.93 44.69
CA PRO D 130 38.38 -6.89 43.58
C PRO D 130 38.71 -8.33 44.02
N ALA D 131 39.37 -8.48 45.17
CA ALA D 131 39.70 -9.80 45.69
C ALA D 131 38.49 -10.47 46.34
N THR D 132 37.84 -9.75 47.24
CA THR D 132 36.70 -10.30 47.98
C THR D 132 35.45 -9.44 47.80
N GLY D 133 34.30 -10.09 47.62
CA GLY D 133 33.05 -9.39 47.40
C GLY D 133 32.55 -8.58 48.58
N LYS D 134 33.47 -7.96 49.31
CA LYS D 134 33.12 -7.13 50.45
C LYS D 134 33.37 -5.66 50.13
N ALA D 135 32.52 -4.78 50.64
CA ALA D 135 32.69 -3.35 50.42
C ALA D 135 33.96 -2.84 51.09
N ALA D 136 34.62 -1.88 50.45
CA ALA D 136 35.87 -1.33 50.96
C ALA D 136 35.63 -0.26 52.00
N SER D 137 36.56 -0.12 52.94
CA SER D 137 36.47 0.90 53.97
C SER D 137 37.28 2.14 53.58
N ALA D 138 38.25 1.95 52.70
CA ALA D 138 39.10 3.04 52.24
C ALA D 138 38.43 3.80 51.09
N VAL D 139 37.30 3.28 50.62
CA VAL D 139 36.54 3.92 49.55
C VAL D 139 35.22 4.46 50.09
N HIS D 140 34.93 5.72 49.78
CA HIS D 140 33.75 6.39 50.32
C HIS D 140 32.55 6.35 49.36
N THR D 141 32.79 6.72 48.11
CA THR D 141 31.69 6.83 47.14
C THR D 141 31.91 5.99 45.89
N SER D 142 30.81 5.52 45.31
CA SER D 142 30.84 4.75 44.07
C SER D 142 29.75 5.25 43.13
N LEU D 143 29.79 4.83 41.88
CA LEU D 143 28.78 5.25 40.90
C LEU D 143 27.51 4.41 41.02
N ASN D 144 27.48 3.53 42.02
CA ASN D 144 26.31 2.70 42.28
C ASN D 144 25.39 3.36 43.31
N LYS D 145 25.98 4.17 44.17
CA LYS D 145 25.24 4.76 45.29
C LYS D 145 24.43 5.99 44.87
N THR D 146 24.31 6.21 43.56
CA THR D 146 23.48 7.31 43.06
C THR D 146 22.01 7.00 43.32
N LYS D 147 21.22 8.05 43.51
CA LYS D 147 19.81 7.89 43.83
C LYS D 147 18.94 7.85 42.58
N ASN D 148 19.50 8.27 41.45
CA ASN D 148 18.79 8.24 40.18
C ASN D 148 18.80 6.85 39.57
N ILE D 149 18.08 5.91 40.18
CA ILE D 149 18.05 4.55 39.67
C ILE D 149 16.74 4.25 38.95
N VAL D 150 16.79 3.29 38.04
CA VAL D 150 15.61 2.86 37.29
C VAL D 150 15.52 1.33 37.30
N ASP D 151 14.47 0.81 37.93
CA ASP D 151 14.27 -0.64 37.99
C ASP D 151 14.07 -1.22 36.60
N ALA D 152 14.96 -2.13 36.22
CA ALA D 152 14.91 -2.76 34.91
C ALA D 152 13.65 -3.61 34.74
N THR D 153 13.05 -3.54 33.56
CA THR D 153 11.84 -4.30 33.26
C THR D 153 12.11 -5.36 32.20
N ASP D 154 11.05 -5.79 31.53
CA ASP D 154 11.17 -6.79 30.47
C ASP D 154 11.59 -6.14 29.15
N SER D 155 11.43 -4.82 29.08
CA SER D 155 11.73 -4.07 27.87
C SER D 155 13.23 -3.90 27.65
N ALA D 156 13.94 -3.57 28.72
CA ALA D 156 15.39 -3.31 28.69
C ALA D 156 15.76 -2.12 27.80
N THR D 157 15.16 -2.04 26.61
CA THR D 157 15.37 -0.94 25.69
C THR D 157 14.87 0.39 26.26
N ALA D 158 13.68 0.37 26.84
CA ALA D 158 13.06 1.58 27.37
C ALA D 158 13.76 2.07 28.64
N ASP D 159 14.34 1.14 29.38
CA ASP D 159 15.02 1.45 30.63
C ASP D 159 16.19 2.40 30.43
N LEU D 160 16.88 2.24 29.30
CA LEU D 160 18.01 3.10 28.96
C LEU D 160 17.54 4.53 28.67
N VAL D 161 16.43 4.65 27.94
CA VAL D 161 15.89 5.95 27.56
C VAL D 161 15.38 6.67 28.81
N LYS D 162 14.76 5.92 29.71
CA LYS D 162 14.28 6.48 30.97
C LYS D 162 15.45 6.83 31.89
N ALA D 163 16.56 6.12 31.71
CA ALA D 163 17.76 6.36 32.51
C ALA D 163 18.42 7.67 32.11
N VAL D 164 18.60 7.88 30.81
CA VAL D 164 19.16 9.12 30.29
C VAL D 164 18.16 10.26 30.48
N GLY D 165 16.88 9.89 30.58
CA GLY D 165 15.84 10.87 30.81
C GLY D 165 15.83 11.33 32.26
N LEU D 166 16.32 10.46 33.13
CA LEU D 166 16.38 10.78 34.56
C LEU D 166 17.44 11.85 34.85
N ILE D 167 18.53 11.82 34.10
CA ILE D 167 19.61 12.78 34.28
C ILE D 167 19.37 14.04 33.44
N ALA D 168 18.88 13.86 32.22
CA ALA D 168 18.70 14.99 31.31
C ALA D 168 17.29 15.59 31.39
N GLY D 169 16.47 15.08 32.29
CA GLY D 169 15.07 15.50 32.39
C GLY D 169 14.87 16.91 32.91
N ALA D 170 15.68 17.31 33.88
CA ALA D 170 15.54 18.62 34.50
C ALA D 170 16.12 19.72 33.60
N GLY D 171 16.70 19.32 32.47
CA GLY D 171 17.35 20.26 31.58
C GLY D 171 18.73 20.62 32.09
N LEU D 172 19.14 19.94 33.15
CA LEU D 172 20.45 20.18 33.77
C LEU D 172 21.35 18.96 33.59
N GLN D 173 22.65 19.19 33.58
CA GLN D 173 23.65 18.13 33.47
C GLN D 173 23.48 17.31 32.19
N VAL D 174 24.10 17.77 31.11
CA VAL D 174 24.05 17.04 29.84
C VAL D 174 24.84 15.72 29.95
N PRO D 175 24.17 14.60 29.65
CA PRO D 175 24.79 13.28 29.75
C PRO D 175 25.77 12.99 28.62
N ASN D 176 26.79 12.18 28.90
CA ASN D 176 27.72 11.70 27.89
C ASN D 176 28.51 10.52 28.42
N GLY D 177 28.71 9.50 27.59
CA GLY D 177 29.40 8.30 28.01
C GLY D 177 28.46 7.32 28.68
N VAL D 178 28.40 6.10 28.15
CA VAL D 178 27.53 5.06 28.68
C VAL D 178 28.28 3.75 28.93
N ALA D 179 28.19 3.24 30.15
CA ALA D 179 28.81 1.97 30.51
C ALA D 179 27.79 0.84 30.45
N LEU D 180 28.04 -0.15 29.59
CA LEU D 180 27.10 -1.24 29.40
C LEU D 180 27.66 -2.58 29.86
N ASP D 181 26.75 -3.54 30.11
CA ASP D 181 27.14 -4.90 30.42
C ASP D 181 26.91 -5.81 29.22
N PRO D 182 27.76 -6.85 29.08
CA PRO D 182 27.65 -7.77 27.94
C PRO D 182 26.29 -8.48 27.87
N ALA D 183 25.71 -8.76 29.03
CA ALA D 183 24.41 -9.43 29.09
C ALA D 183 23.28 -8.45 28.80
N PHE D 184 23.59 -7.15 28.87
CA PHE D 184 22.60 -6.11 28.61
C PHE D 184 22.78 -5.52 27.22
N SER D 185 23.93 -5.78 26.61
CA SER D 185 24.20 -5.30 25.27
C SER D 185 23.42 -6.11 24.24
N PHE D 186 23.14 -7.36 24.56
CA PHE D 186 22.36 -8.23 23.68
C PHE D 186 20.86 -8.08 23.94
N ALA D 187 20.51 -7.57 25.12
CA ALA D 187 19.11 -7.37 25.48
C ALA D 187 18.50 -6.25 24.64
N LEU D 188 19.34 -5.35 24.16
CA LEU D 188 18.90 -4.24 23.31
C LEU D 188 18.57 -4.73 21.90
N SER D 189 17.49 -4.22 21.34
CA SER D 189 17.07 -4.59 20.00
C SER D 189 18.01 -4.01 18.95
N THR D 190 18.16 -4.72 17.84
CA THR D 190 19.03 -4.29 16.75
C THR D 190 18.25 -3.54 15.68
N GLU D 191 17.24 -2.80 16.09
CA GLU D 191 16.37 -2.06 15.18
C GLU D 191 17.12 -0.92 14.50
N VAL D 192 16.77 -0.64 13.24
CA VAL D 192 17.41 0.40 12.45
C VAL D 192 16.36 1.30 11.81
N TYR D 193 16.64 2.60 11.74
CA TYR D 193 15.74 3.56 11.09
C TYR D 193 15.45 3.16 9.64
N PRO D 194 14.18 3.27 9.22
CA PRO D 194 13.75 2.94 7.86
C PRO D 194 14.33 3.89 6.80
N LYS D 195 13.89 3.72 5.56
CA LYS D 195 14.37 4.54 4.45
C LYS D 195 13.76 5.94 4.45
N GLY D 196 12.48 6.01 4.84
CA GLY D 196 11.74 7.25 4.79
C GLY D 196 12.33 8.38 5.61
N SER D 197 12.63 8.10 6.88
CA SER D 197 13.17 9.10 7.78
C SER D 197 14.67 9.30 7.54
N PRO D 198 15.22 10.45 7.95
CA PRO D 198 16.67 10.63 7.96
C PRO D 198 17.33 9.70 8.98
N LEU D 199 18.66 9.79 9.10
CA LEU D 199 19.42 8.86 9.94
C LEU D 199 19.20 7.42 9.46
N ALA D 200 18.96 7.27 8.16
CA ALA D 200 18.66 5.98 7.57
C ALA D 200 19.88 5.07 7.55
N GLY D 201 19.70 3.83 7.98
CA GLY D 201 20.79 2.86 8.02
C GLY D 201 21.70 3.06 9.20
N GLN D 202 21.17 3.71 10.24
CA GLN D 202 21.94 3.95 11.46
C GLN D 202 21.35 3.19 12.65
N PRO D 203 22.22 2.65 13.51
CA PRO D 203 21.79 1.91 14.70
C PRO D 203 20.93 2.75 15.64
N MET D 204 19.76 2.24 16.00
CA MET D 204 18.82 2.96 16.84
C MET D 204 19.17 2.82 18.31
N TYR D 205 20.02 1.85 18.62
CA TYR D 205 20.44 1.58 19.98
C TYR D 205 21.88 1.08 20.00
N PRO D 206 22.55 1.18 21.16
CA PRO D 206 23.92 0.66 21.30
C PRO D 206 24.05 -0.79 20.85
N ALA D 207 23.13 -1.64 21.29
CA ALA D 207 23.10 -3.05 20.89
C ALA D 207 24.43 -3.76 21.12
N ALA D 208 24.74 -4.74 20.27
CA ALA D 208 25.97 -5.50 20.40
C ALA D 208 26.38 -6.11 19.05
N GLY D 209 25.43 -6.18 18.12
CA GLY D 209 25.68 -6.76 16.82
C GLY D 209 26.46 -5.88 15.89
N PHE D 210 26.39 -4.57 16.12
CA PHE D 210 27.07 -3.60 15.27
C PHE D 210 28.57 -3.58 15.55
N ALA D 211 29.36 -3.43 14.50
CA ALA D 211 30.82 -3.46 14.63
C ALA D 211 31.41 -2.06 14.74
N GLY D 212 32.32 -1.88 15.69
CA GLY D 212 33.04 -0.63 15.86
C GLY D 212 32.15 0.53 16.28
N LEU D 213 31.14 0.23 17.11
CA LEU D 213 30.25 1.29 17.59
C LEU D 213 30.78 1.89 18.89
N ASP D 214 31.29 3.10 18.80
CA ASP D 214 31.81 3.81 19.96
C ASP D 214 30.97 5.05 20.26
N ASN D 215 30.02 5.34 19.38
CA ASN D 215 29.19 6.52 19.51
C ASN D 215 27.71 6.22 19.32
N TRP D 216 26.88 6.84 20.15
CA TRP D 216 25.43 6.67 20.05
C TRP D 216 24.69 7.90 20.55
N ARG D 217 24.06 8.63 19.63
CA ARG D 217 23.32 9.85 19.94
C ARG D 217 24.16 10.88 20.68
N GLY D 218 25.46 10.91 20.36
CA GLY D 218 26.36 11.87 20.96
C GLY D 218 26.99 11.40 22.26
N LEU D 219 26.66 10.17 22.66
CA LEU D 219 27.19 9.61 23.89
C LEU D 219 28.23 8.54 23.59
N ASN D 220 29.27 8.48 24.42
CA ASN D 220 30.29 7.44 24.29
C ASN D 220 29.77 6.11 24.83
N VAL D 221 30.18 5.01 24.20
CA VAL D 221 29.69 3.69 24.60
C VAL D 221 30.84 2.70 24.76
N GLY D 222 30.89 2.06 25.93
CA GLY D 222 31.88 1.03 26.20
C GLY D 222 31.27 -0.11 26.99
N ALA D 223 31.49 -1.34 26.53
CA ALA D 223 30.93 -2.51 27.18
C ALA D 223 31.99 -3.32 27.92
N SER D 224 31.75 -3.57 29.20
CA SER D 224 32.67 -4.37 30.01
C SER D 224 31.90 -5.20 31.03
N SER D 225 32.48 -6.32 31.43
CA SER D 225 31.85 -7.21 32.40
C SER D 225 31.98 -6.68 33.82
N THR D 226 32.70 -5.58 33.98
CA THR D 226 32.95 -5.00 35.29
C THR D 226 31.70 -4.34 35.87
N VAL D 227 30.87 -3.78 34.99
CA VAL D 227 29.68 -3.04 35.40
C VAL D 227 28.68 -3.94 36.12
N SER D 228 28.55 -5.17 35.64
CA SER D 228 27.65 -6.14 36.26
C SER D 228 28.14 -6.56 37.64
N GLY D 229 29.45 -6.75 37.74
CA GLY D 229 30.05 -7.23 38.97
C GLY D 229 31.08 -8.31 38.68
N ALA D 230 30.90 -8.99 37.54
CA ALA D 230 31.85 -9.98 37.04
C ALA D 230 31.97 -11.16 38.02
N PRO D 231 32.84 -12.15 37.71
CA PRO D 231 33.14 -13.15 38.73
C PRO D 231 33.68 -12.57 40.04
N GLU D 232 34.09 -11.31 40.03
CA GLU D 232 34.58 -10.63 41.22
C GLU D 232 33.53 -10.64 42.33
N MET D 233 32.36 -10.09 42.05
CA MET D 233 31.24 -10.12 42.98
C MET D 233 30.66 -11.53 43.05
N SER D 234 29.90 -11.82 44.10
CA SER D 234 29.33 -13.15 44.26
C SER D 234 27.82 -13.18 43.97
N PRO D 235 27.02 -12.28 44.59
CA PRO D 235 25.61 -12.35 44.22
C PRO D 235 25.26 -11.40 43.07
N ALA D 236 26.28 -10.78 42.50
CA ALA D 236 26.14 -9.78 41.43
C ALA D 236 25.43 -8.52 41.92
N SER D 237 25.91 -7.36 41.47
CA SER D 237 25.35 -6.08 41.90
C SER D 237 23.99 -5.82 41.27
N GLY D 238 23.70 -6.52 40.17
CA GLY D 238 22.43 -6.36 39.49
C GLY D 238 22.40 -5.19 38.54
N VAL D 239 23.44 -4.37 38.58
CA VAL D 239 23.55 -3.20 37.72
C VAL D 239 23.76 -3.64 36.27
N LYS D 240 23.12 -2.96 35.34
CA LYS D 240 23.22 -3.32 33.93
C LYS D 240 23.82 -2.20 33.07
N ALA D 241 23.50 -0.95 33.43
CA ALA D 241 23.98 0.19 32.66
C ALA D 241 24.22 1.41 33.54
N ILE D 242 25.23 2.20 33.20
CA ILE D 242 25.53 3.43 33.92
C ILE D 242 25.64 4.60 32.95
N VAL D 243 24.77 5.59 33.13
CA VAL D 243 24.74 6.76 32.25
C VAL D 243 24.90 8.05 33.04
N GLY D 244 25.85 8.89 32.61
CA GLY D 244 26.07 10.17 33.25
C GLY D 244 27.35 10.83 32.76
N ASP D 245 27.46 12.13 32.96
CA ASP D 245 28.63 12.89 32.52
C ASP D 245 29.90 12.37 33.21
N PHE D 246 30.70 11.62 32.47
CA PHE D 246 31.92 11.03 33.01
C PHE D 246 33.06 12.04 33.12
N SER D 247 32.76 13.30 32.82
CA SER D 247 33.72 14.37 33.02
C SER D 247 33.80 14.73 34.50
N ARG D 248 32.82 14.24 35.26
CA ARG D 248 32.75 14.48 36.70
C ARG D 248 33.54 13.43 37.49
N VAL D 249 34.20 12.53 36.77
CA VAL D 249 35.02 11.50 37.41
C VAL D 249 36.49 11.69 37.05
N HIS D 250 37.32 11.90 38.06
CA HIS D 250 38.75 12.06 37.87
C HIS D 250 39.51 10.88 38.47
N TRP D 251 39.86 9.93 37.61
CA TRP D 251 40.64 8.77 38.02
C TRP D 251 42.08 8.91 37.53
N GLY D 252 43.00 8.15 38.13
CA GLY D 252 44.37 8.19 37.67
C GLY D 252 45.36 7.23 38.32
N PHE D 253 46.40 6.89 37.56
CA PHE D 253 47.51 6.09 38.06
C PHE D 253 48.62 6.98 38.59
N GLN D 254 48.78 7.02 39.92
CA GLN D 254 49.82 7.84 40.53
C GLN D 254 51.20 7.20 40.33
N ARG D 255 51.21 5.88 40.19
CA ARG D 255 52.44 5.13 39.88
C ARG D 255 52.09 3.74 39.35
N ASN D 256 52.48 3.48 38.11
CA ASN D 256 52.21 2.19 37.48
C ASN D 256 53.48 1.37 37.26
N PHE D 257 53.64 0.31 38.05
CA PHE D 257 54.80 -0.56 37.94
C PHE D 257 54.58 -1.67 36.92
N PRO D 258 55.65 -2.09 36.23
CA PRO D 258 55.58 -3.22 35.30
C PRO D 258 55.53 -4.55 36.04
N ILE D 259 55.48 -5.65 35.30
CA ILE D 259 55.48 -6.98 35.89
C ILE D 259 56.86 -7.31 36.45
N GLU D 260 56.91 -7.71 37.72
CA GLU D 260 58.19 -8.01 38.38
C GLU D 260 58.24 -9.43 38.93
N LEU D 261 59.42 -10.04 38.87
CA LEU D 261 59.62 -11.39 39.39
C LEU D 261 60.38 -11.38 40.71
N ILE D 262 59.67 -11.76 41.78
CA ILE D 262 60.27 -11.90 43.10
C ILE D 262 60.85 -13.31 43.27
N GLU D 263 62.17 -13.40 43.29
CA GLU D 263 62.84 -14.69 43.41
C GLU D 263 63.09 -15.08 44.86
N TYR D 264 63.49 -14.12 45.67
CA TYR D 264 63.87 -14.39 47.05
C TYR D 264 62.77 -13.99 48.03
N GLY D 265 62.94 -14.40 49.28
CA GLY D 265 62.08 -13.96 50.37
C GLY D 265 60.72 -14.62 50.45
N ASP D 266 59.94 -14.17 51.43
CA ASP D 266 58.57 -14.65 51.63
C ASP D 266 57.58 -13.52 51.37
N PRO D 267 57.12 -13.39 50.11
CA PRO D 267 56.36 -12.24 49.62
C PRO D 267 54.87 -12.22 49.97
N ASP D 268 54.35 -13.29 50.57
CA ASP D 268 52.93 -13.31 50.93
C ASP D 268 52.72 -13.61 52.41
N GLN D 269 53.82 -13.62 53.17
CA GLN D 269 53.79 -13.76 54.63
C GLN D 269 53.06 -15.03 55.08
N THR D 270 53.18 -16.10 54.30
CA THR D 270 52.59 -17.37 54.67
C THR D 270 53.58 -18.25 55.40
N GLY D 271 54.87 -18.09 55.08
CA GLY D 271 55.93 -18.82 55.75
C GLY D 271 56.79 -19.67 54.85
N ARG D 272 56.36 -19.82 53.60
CA ARG D 272 57.11 -20.62 52.63
C ARG D 272 58.11 -19.78 51.85
N ASP D 273 59.37 -19.83 52.26
CA ASP D 273 60.43 -19.08 51.58
C ASP D 273 60.59 -19.57 50.14
N LEU D 274 60.72 -18.63 49.21
CA LEU D 274 60.68 -18.94 47.78
C LEU D 274 61.91 -19.72 47.31
N LYS D 275 63.04 -19.54 47.98
CA LYS D 275 64.23 -20.32 47.66
C LYS D 275 64.30 -21.55 48.55
N GLY D 276 63.26 -21.76 49.33
CA GLY D 276 63.14 -22.94 50.18
C GLY D 276 62.15 -23.93 49.60
N HIS D 277 61.44 -23.51 48.56
CA HIS D 277 60.48 -24.37 47.89
C HIS D 277 60.68 -24.34 46.38
N ASN D 278 61.72 -23.63 45.96
CA ASN D 278 62.04 -23.47 44.53
C ASN D 278 60.86 -22.92 43.75
N GLU D 279 60.31 -21.80 44.23
CA GLU D 279 59.17 -21.17 43.58
C GLU D 279 59.45 -19.71 43.26
N VAL D 280 58.87 -19.23 42.16
CA VAL D 280 59.04 -17.84 41.76
C VAL D 280 57.71 -17.10 41.93
N MET D 281 57.79 -15.87 42.43
CA MET D 281 56.60 -15.03 42.58
C MET D 281 56.48 -14.09 41.39
N VAL D 282 55.29 -14.03 40.81
CA VAL D 282 55.03 -13.07 39.74
C VAL D 282 54.09 -12.01 40.26
N ARG D 283 54.56 -10.76 40.27
CA ARG D 283 53.86 -9.66 40.95
C ARG D 283 53.56 -8.48 40.03
N ALA D 284 52.36 -7.93 40.19
CA ALA D 284 51.96 -6.71 39.50
C ALA D 284 51.34 -5.73 40.51
N GLU D 285 51.99 -4.59 40.68
CA GLU D 285 51.54 -3.58 41.64
C GLU D 285 51.29 -2.24 40.96
N ALA D 286 50.22 -1.58 41.36
CA ALA D 286 49.92 -0.24 40.85
C ALA D 286 49.20 0.56 41.93
N VAL D 287 49.28 1.88 41.87
CA VAL D 287 48.53 2.71 42.82
C VAL D 287 47.68 3.73 42.07
N LEU D 288 46.39 3.68 42.33
CA LEU D 288 45.44 4.51 41.60
C LEU D 288 44.56 5.33 42.53
N TYR D 289 43.70 6.15 41.93
CA TYR D 289 42.72 6.91 42.69
C TYR D 289 41.51 7.23 41.84
N VAL D 290 40.35 7.39 42.49
CA VAL D 290 39.14 7.79 41.80
C VAL D 290 38.43 8.90 42.58
N ALA D 291 38.10 9.98 41.88
CA ALA D 291 37.45 11.13 42.51
C ALA D 291 36.11 11.44 41.86
N ILE D 292 35.04 11.38 42.64
CA ILE D 292 33.71 11.67 42.12
C ILE D 292 33.27 13.07 42.52
N GLU D 293 33.29 13.98 41.54
CA GLU D 293 32.97 15.38 41.78
C GLU D 293 31.53 15.58 42.25
N SER D 294 30.59 14.92 41.57
CA SER D 294 29.19 15.01 41.94
C SER D 294 28.47 13.70 41.61
N LEU D 295 27.64 13.24 42.54
CA LEU D 295 26.96 11.96 42.39
C LEU D 295 25.52 12.15 41.88
N ASP D 296 25.06 13.38 41.87
CA ASP D 296 23.71 13.69 41.39
C ASP D 296 23.64 13.66 39.86
N SER D 297 24.77 13.37 39.22
CA SER D 297 24.83 13.35 37.77
C SER D 297 24.48 11.97 37.20
N PHE D 298 25.13 10.93 37.73
CA PHE D 298 25.00 9.59 37.17
C PHE D 298 23.66 8.93 37.46
N ALA D 299 23.38 7.86 36.73
CA ALA D 299 22.12 7.14 36.85
C ALA D 299 22.29 5.70 36.36
N VAL D 300 21.83 4.74 37.17
CA VAL D 300 22.05 3.34 36.84
C VAL D 300 20.75 2.60 36.54
N VAL D 301 20.86 1.54 35.75
CA VAL D 301 19.73 0.66 35.47
C VAL D 301 19.87 -0.63 36.27
N LYS D 302 19.37 -0.61 37.51
CA LYS D 302 19.51 -1.75 38.40
C LYS D 302 18.37 -2.76 38.21
N GLU D 303 18.51 -3.92 38.82
CA GLU D 303 17.48 -4.95 38.74
C GLU D 303 16.80 -5.17 40.09
N ASP E 4 56.96 -2.15 63.97
CA ASP E 4 57.17 -0.71 63.99
C ASP E 4 58.10 -0.28 62.86
N PHE E 5 57.74 0.81 62.18
CA PHE E 5 58.52 1.31 61.07
C PHE E 5 58.14 2.73 60.71
N LEU E 6 58.95 3.37 59.87
CA LEU E 6 58.66 4.71 59.39
C LEU E 6 57.63 4.65 58.28
N SER E 7 56.52 5.35 58.45
CA SER E 7 55.43 5.32 57.48
C SER E 7 55.23 6.67 56.82
N VAL E 8 54.21 6.76 55.97
CA VAL E 8 53.82 8.04 55.38
C VAL E 8 53.02 8.80 56.43
N GLY E 9 52.52 8.07 57.42
CA GLY E 9 51.94 8.68 58.61
C GLY E 9 53.06 9.35 59.38
N LYS E 10 52.70 10.20 60.35
CA LYS E 10 53.66 11.04 61.09
C LYS E 10 54.21 12.14 60.17
N LEU E 11 54.17 11.90 58.87
CA LEU E 11 54.45 12.89 57.84
C LEU E 11 53.11 13.27 57.20
N GLU E 12 53.05 14.43 56.56
CA GLU E 12 51.81 14.85 55.92
C GLU E 12 52.03 15.47 54.54
N LEU E 13 51.48 14.82 53.52
CA LEU E 13 51.58 15.30 52.15
C LEU E 13 50.41 16.22 51.80
N PRO E 14 50.71 17.34 51.11
CA PRO E 14 49.68 18.29 50.68
C PRO E 14 48.73 17.70 49.64
N GLY E 15 49.30 17.01 48.65
CA GLY E 15 48.50 16.40 47.61
C GLY E 15 48.49 17.20 46.33
N SER E 16 47.35 17.20 45.64
CA SER E 16 47.23 17.92 44.37
C SER E 16 45.85 18.53 44.21
N MET E 17 45.79 19.71 43.61
CA MET E 17 44.52 20.34 43.29
C MET E 17 44.25 20.26 41.80
N ILE E 18 43.10 19.68 41.44
CA ILE E 18 42.73 19.52 40.04
C ILE E 18 41.98 20.74 39.52
N GLY E 19 42.21 21.89 40.14
CA GLY E 19 41.59 23.14 39.71
C GLY E 19 40.14 23.25 40.10
N ALA E 20 39.66 24.48 40.22
CA ALA E 20 38.27 24.73 40.55
C ALA E 20 37.39 24.70 39.31
N VAL E 21 36.15 24.29 39.47
CA VAL E 21 35.20 24.19 38.37
C VAL E 21 33.78 24.32 38.91
N ARG E 22 32.79 24.40 38.04
CA ARG E 22 31.42 24.59 38.48
C ARG E 22 30.48 23.50 37.95
N ASP E 23 29.50 23.13 38.77
CA ASP E 23 28.49 22.15 38.36
C ASP E 23 27.44 22.81 37.48
N ARG E 24 27.26 22.27 36.27
CA ARG E 24 26.33 22.75 35.26
C ARG E 24 26.64 24.18 34.78
N ALA E 25 26.49 24.40 33.49
CA ALA E 25 26.76 25.71 32.91
C ALA E 25 25.71 26.73 33.33
N ILE E 26 26.13 27.98 33.50
CA ILE E 26 25.21 29.04 33.91
C ILE E 26 24.13 29.27 32.87
N ASP E 27 22.97 29.74 33.33
CA ASP E 27 21.84 29.99 32.44
C ASP E 27 21.64 31.47 32.17
N SER E 28 22.22 31.95 31.09
CA SER E 28 21.99 33.33 30.66
C SER E 28 20.56 33.46 30.16
N GLY E 29 20.01 34.67 30.27
CA GLY E 29 18.64 34.94 29.88
C GLY E 29 18.34 34.60 28.43
N VAL E 30 17.07 34.28 28.16
CA VAL E 30 16.65 33.88 26.83
C VAL E 30 16.33 35.06 25.93
N LEU E 31 15.86 36.15 26.53
CA LEU E 31 15.42 37.32 25.77
C LEU E 31 16.48 37.90 24.84
N ALA E 32 17.75 37.61 25.10
CA ALA E 32 18.82 38.08 24.24
C ALA E 32 18.76 37.40 22.86
N LYS E 33 18.20 36.20 22.83
CA LYS E 33 18.08 35.45 21.58
C LYS E 33 16.79 35.78 20.84
N LEU E 34 15.66 35.74 21.54
CA LEU E 34 14.36 35.93 20.93
C LEU E 34 14.16 37.36 20.41
N SER E 35 14.75 38.32 21.10
CA SER E 35 14.59 39.73 20.74
C SER E 35 15.90 40.50 20.83
N PRO E 36 16.15 41.40 19.86
CA PRO E 36 17.33 42.25 19.88
C PRO E 36 17.20 43.39 20.89
N GLU E 37 18.30 43.74 21.54
CA GLU E 37 18.28 44.81 22.54
C GLU E 37 18.21 46.19 21.86
N GLN E 38 17.46 47.09 22.47
CA GLN E 38 17.31 48.45 21.96
C GLN E 38 17.72 49.47 23.02
N PRO E 39 19.02 49.80 23.06
CA PRO E 39 19.57 50.74 24.04
C PRO E 39 19.06 52.16 23.86
N THR E 40 18.53 52.74 24.94
CA THR E 40 18.03 54.11 24.90
C THR E 40 18.63 54.94 26.03
N ILE E 41 18.44 56.26 25.94
CA ILE E 41 18.90 57.16 27.00
C ILE E 41 18.04 56.97 28.24
N PHE E 42 18.61 57.28 29.41
CA PHE E 42 17.91 57.10 30.68
C PHE E 42 16.59 57.86 30.72
N GLY E 43 15.59 57.27 31.39
CA GLY E 43 14.29 57.88 31.50
C GLY E 43 13.18 56.94 31.05
N PRO E 44 11.92 57.35 31.27
CA PRO E 44 10.74 56.57 30.88
C PRO E 44 10.67 56.33 29.37
N VAL E 45 10.00 55.26 28.97
CA VAL E 45 9.88 54.92 27.55
C VAL E 45 8.41 54.81 27.16
N LYS E 46 7.95 55.77 26.36
CA LYS E 46 6.55 55.83 25.96
C LYS E 46 6.36 55.30 24.54
N GLY E 47 5.10 55.05 24.17
CA GLY E 47 4.78 54.56 22.84
C GLY E 47 3.31 54.63 22.54
N ALA E 48 2.96 55.10 21.35
CA ALA E 48 1.56 55.23 20.95
C ALA E 48 1.19 54.20 19.88
N VAL E 49 0.03 53.56 20.05
CA VAL E 49 -0.45 52.59 19.09
C VAL E 49 -1.87 52.91 18.63
N PHE E 50 -2.07 52.98 17.32
CA PHE E 50 -3.38 53.25 16.75
C PHE E 50 -4.05 51.93 16.36
N SER E 51 -5.20 51.65 16.97
CA SER E 51 -5.81 50.33 16.84
C SER E 51 -7.12 50.34 16.05
N GLY E 52 -7.37 49.26 15.32
CA GLY E 52 -8.63 49.06 14.63
C GLY E 52 -8.80 49.84 13.34
N VAL E 53 -9.76 49.41 12.53
CA VAL E 53 -10.10 50.12 11.30
C VAL E 53 -11.51 50.69 11.39
N PRO E 54 -11.71 51.89 10.84
CA PRO E 54 -13.03 52.55 10.87
C PRO E 54 -14.07 51.81 10.02
N ARG E 55 -15.33 52.19 10.18
CA ARG E 55 -16.42 51.53 9.47
C ARG E 55 -17.09 52.47 8.46
N ALA E 56 -17.17 52.04 7.21
CA ALA E 56 -17.83 52.82 6.18
C ALA E 56 -19.35 52.66 6.26
N LYS E 57 -20.08 53.58 5.64
CA LYS E 57 -21.53 53.50 5.63
C LYS E 57 -22.09 53.62 4.21
N ILE E 58 -23.15 52.88 3.93
CA ILE E 58 -23.82 52.94 2.64
C ILE E 58 -24.76 54.13 2.59
N VAL E 59 -24.55 55.02 1.63
CA VAL E 59 -25.40 56.20 1.48
C VAL E 59 -26.06 56.26 0.12
N GLY E 60 -27.26 56.81 0.08
CA GLY E 60 -27.96 57.02 -1.17
C GLY E 60 -27.80 58.46 -1.62
N GLU E 61 -28.40 58.79 -2.76
CA GLU E 61 -28.33 60.15 -3.29
C GLU E 61 -29.13 61.12 -2.41
N GLY E 62 -28.43 62.07 -1.80
CA GLY E 62 -29.07 63.07 -0.97
C GLY E 62 -29.12 62.69 0.50
N GLU E 63 -28.49 61.59 0.86
CA GLU E 63 -28.46 61.16 2.25
C GLU E 63 -27.15 61.56 2.92
N VAL E 64 -27.24 61.91 4.20
CA VAL E 64 -26.11 62.44 4.96
C VAL E 64 -24.96 61.44 5.09
N LYS E 65 -23.79 61.82 4.61
CA LYS E 65 -22.59 61.01 4.74
C LYS E 65 -21.95 61.27 6.09
N PRO E 66 -22.04 60.31 7.02
CA PRO E 66 -21.61 60.48 8.41
C PRO E 66 -20.11 60.31 8.61
N SER E 67 -19.66 60.46 9.86
CA SER E 67 -18.24 60.33 10.19
C SER E 67 -18.00 59.19 11.16
N ALA E 68 -16.74 59.03 11.58
CA ALA E 68 -16.36 57.99 12.54
C ALA E 68 -15.33 58.51 13.52
N SER E 69 -14.78 57.62 14.33
CA SER E 69 -13.79 58.01 15.33
C SER E 69 -12.53 57.14 15.25
N VAL E 70 -11.46 57.60 15.90
CA VAL E 70 -10.19 56.88 15.89
C VAL E 70 -9.79 56.47 17.31
N ASP E 71 -9.34 55.23 17.45
CA ASP E 71 -8.93 54.72 18.75
C ASP E 71 -7.41 54.62 18.87
N VAL E 72 -6.84 55.41 19.77
CA VAL E 72 -5.40 55.41 20.00
C VAL E 72 -5.06 55.19 21.47
N SER E 73 -4.24 54.18 21.73
CA SER E 73 -3.80 53.87 23.09
C SER E 73 -2.33 54.20 23.27
N ALA E 74 -1.87 54.23 24.51
CA ALA E 74 -0.49 54.56 24.81
C ALA E 74 0.06 53.73 25.96
N PHE E 75 1.25 53.16 25.77
CA PHE E 75 1.91 52.37 26.80
C PHE E 75 3.19 53.06 27.27
N THR E 76 3.58 52.79 28.51
CA THR E 76 4.77 53.41 29.09
C THR E 76 5.50 52.44 30.01
N ALA E 77 6.82 52.36 29.86
CA ALA E 77 7.63 51.53 30.73
C ALA E 77 8.65 52.37 31.51
N GLN E 78 8.71 52.13 32.81
CA GLN E 78 9.62 52.87 33.68
C GLN E 78 10.95 52.12 33.81
N PRO E 79 12.06 52.88 33.84
CA PRO E 79 13.40 52.29 33.97
C PRO E 79 13.60 51.68 35.35
N ILE E 80 14.25 50.52 35.42
CA ILE E 80 14.46 49.85 36.70
C ILE E 80 15.91 49.38 36.87
N LYS E 81 16.44 49.59 38.07
CA LYS E 81 17.79 49.17 38.41
C LYS E 81 17.80 47.75 38.96
N VAL E 82 18.79 46.95 38.54
CA VAL E 82 19.04 45.66 39.16
C VAL E 82 20.48 45.58 39.64
N VAL E 83 20.68 44.98 40.80
CA VAL E 83 21.99 44.92 41.43
C VAL E 83 22.21 43.58 42.12
N THR E 84 23.39 43.00 41.93
CA THR E 84 23.77 41.78 42.62
C THR E 84 25.18 41.91 43.20
N GLN E 85 25.32 41.59 44.47
CA GLN E 85 26.59 41.72 45.17
C GLN E 85 27.01 40.45 45.86
N GLN E 86 28.31 40.30 46.08
CA GLN E 86 28.85 39.16 46.82
C GLN E 86 30.02 39.58 47.70
N ARG E 87 30.06 39.05 48.92
CA ARG E 87 31.12 39.34 49.88
C ARG E 87 32.22 38.28 49.82
N VAL E 88 33.45 38.72 49.58
CA VAL E 88 34.60 37.82 49.53
C VAL E 88 35.72 38.31 50.44
N SER E 89 36.04 37.51 51.46
CA SER E 89 37.11 37.87 52.40
C SER E 89 38.44 38.04 51.68
N ASP E 90 39.25 38.99 52.14
CA ASP E 90 40.54 39.28 51.53
C ASP E 90 41.49 38.09 51.64
N GLU E 91 41.29 37.28 52.68
CA GLU E 91 42.08 36.06 52.87
C GLU E 91 41.87 35.12 51.70
N PHE E 92 40.63 35.07 51.20
CA PHE E 92 40.30 34.26 50.04
C PHE E 92 40.95 34.85 48.78
N MET E 93 40.83 36.16 48.62
CA MET E 93 41.30 36.85 47.44
C MET E 93 42.82 36.79 47.32
N TRP E 94 43.49 36.61 48.46
CA TRP E 94 44.94 36.43 48.47
C TRP E 94 45.32 35.05 47.94
N ALA E 95 44.45 34.08 48.18
CA ALA E 95 44.68 32.71 47.74
C ALA E 95 44.29 32.52 46.28
N ASP E 96 43.97 33.62 45.61
CA ASP E 96 43.65 33.58 44.19
C ASP E 96 44.87 34.02 43.37
N ALA E 97 45.80 34.70 44.04
CA ALA E 97 47.05 35.10 43.42
C ALA E 97 48.11 34.02 43.63
N ASP E 98 48.39 33.71 44.89
CA ASP E 98 49.24 32.58 45.23
C ASP E 98 48.35 31.38 45.50
N TYR E 99 48.93 30.17 45.46
CA TYR E 99 48.14 28.94 45.57
C TYR E 99 47.06 28.98 44.50
N ARG E 100 47.48 29.36 43.29
CA ARG E 100 46.61 29.81 42.21
C ARG E 100 45.36 28.94 41.97
N LEU E 101 44.23 29.62 41.79
CA LEU E 101 42.97 28.96 41.50
C LEU E 101 42.31 29.59 40.27
N GLY E 102 42.39 30.91 40.17
CA GLY E 102 41.76 31.63 39.08
C GLY E 102 40.25 31.62 39.22
N VAL E 103 39.77 32.01 40.40
CA VAL E 103 38.35 31.95 40.71
C VAL E 103 37.60 33.22 40.32
N LEU E 104 38.17 34.36 40.68
CA LEU E 104 37.51 35.66 40.51
C LEU E 104 37.31 36.06 39.04
N GLN E 105 37.83 35.25 38.12
CA GLN E 105 37.73 35.57 36.70
C GLN E 105 36.99 34.49 35.92
N ASP E 106 36.84 33.32 36.52
CA ASP E 106 36.23 32.18 35.84
C ASP E 106 34.95 31.68 36.49
N LEU E 107 34.74 32.02 37.75
CA LEU E 107 33.65 31.44 38.52
C LEU E 107 32.74 32.45 39.22
N ILE E 108 33.24 33.66 39.43
CA ILE E 108 32.47 34.68 40.14
C ILE E 108 31.96 35.76 39.20
N SER E 109 32.85 36.28 38.36
CA SER E 109 32.48 37.33 37.42
C SER E 109 31.44 36.88 36.38
N PRO E 110 31.60 35.68 35.80
CA PRO E 110 30.51 35.25 34.91
C PRO E 110 29.21 34.96 35.66
N ALA E 111 29.33 34.45 36.88
CA ALA E 111 28.16 34.12 37.69
C ALA E 111 27.33 35.36 38.02
N LEU E 112 28.01 36.48 38.26
CA LEU E 112 27.34 37.74 38.52
C LEU E 112 26.87 38.41 37.23
N GLY E 113 27.62 38.20 36.15
CA GLY E 113 27.28 38.77 34.87
C GLY E 113 26.02 38.17 34.28
N ALA E 114 25.81 36.88 34.54
CA ALA E 114 24.63 36.19 34.05
C ALA E 114 23.38 36.52 34.89
N SER E 115 23.62 37.04 36.10
CA SER E 115 22.54 37.30 37.04
C SER E 115 21.59 38.40 36.56
N ILE E 116 22.14 39.47 36.02
CA ILE E 116 21.32 40.58 35.53
C ILE E 116 20.61 40.24 34.22
N GLY E 117 21.27 39.45 33.38
CA GLY E 117 20.69 39.02 32.12
C GLY E 117 19.54 38.07 32.38
N ARG E 118 19.66 37.33 33.48
CA ARG E 118 18.58 36.49 33.98
C ARG E 118 17.46 37.34 34.56
N ALA E 119 17.84 38.42 35.22
CA ALA E 119 16.87 39.32 35.86
C ALA E 119 15.97 39.98 34.82
N VAL E 120 16.55 40.31 33.65
CA VAL E 120 15.77 40.88 32.55
C VAL E 120 14.61 39.96 32.16
N ASP E 121 14.94 38.70 31.90
CA ASP E 121 13.94 37.70 31.52
C ASP E 121 12.94 37.40 32.63
N LEU E 122 13.40 37.46 33.87
CA LEU E 122 12.53 37.17 35.00
C LEU E 122 11.59 38.34 35.30
N ILE E 123 11.96 39.51 34.82
CA ILE E 123 11.12 40.70 34.94
C ILE E 123 10.12 40.75 33.80
N ALA E 124 10.57 40.36 32.62
CA ALA E 124 9.71 40.37 31.44
C ALA E 124 8.66 39.26 31.46
N PHE E 125 9.04 38.10 31.98
CA PHE E 125 8.19 36.91 31.90
C PHE E 125 7.23 36.76 33.06
N HIS E 126 7.65 37.16 34.27
CA HIS E 126 6.82 36.97 35.45
C HIS E 126 6.59 38.28 36.21
N GLY E 127 7.46 39.25 35.99
CA GLY E 127 7.32 40.55 36.61
C GLY E 127 7.55 40.54 38.11
N ILE E 128 8.54 39.78 38.55
CA ILE E 128 8.89 39.71 39.97
C ILE E 128 10.37 40.06 40.16
N ASP E 129 10.70 40.53 41.36
CA ASP E 129 12.10 40.75 41.71
C ASP E 129 12.71 39.43 42.17
N PRO E 130 13.70 38.93 41.42
CA PRO E 130 14.30 37.60 41.58
C PRO E 130 14.77 37.29 42.99
N ALA E 131 15.10 38.31 43.78
CA ALA E 131 15.59 38.11 45.14
C ALA E 131 14.50 37.56 46.05
N THR E 132 13.44 38.33 46.23
CA THR E 132 12.35 37.95 47.12
C THR E 132 11.51 36.81 46.56
N GLY E 133 11.19 36.90 45.27
CA GLY E 133 10.37 35.90 44.62
C GLY E 133 8.91 36.28 44.62
N LYS E 134 8.61 37.45 45.20
CA LYS E 134 7.24 37.95 45.26
C LYS E 134 6.99 38.94 44.11
N ALA E 135 5.72 39.21 43.85
CA ALA E 135 5.35 40.13 42.77
C ALA E 135 5.89 41.53 43.00
N ALA E 136 6.52 42.09 41.98
CA ALA E 136 7.10 43.43 42.07
C ALA E 136 6.02 44.52 42.04
N SER E 137 6.43 45.76 42.30
CA SER E 137 5.50 46.88 42.32
C SER E 137 5.86 47.92 41.27
N ALA E 138 7.11 47.90 40.83
CA ALA E 138 7.58 48.85 39.83
C ALA E 138 7.07 48.48 38.44
N VAL E 139 6.69 47.23 38.26
CA VAL E 139 6.20 46.75 36.98
C VAL E 139 4.70 46.47 37.02
N HIS E 140 4.05 46.53 35.86
CA HIS E 140 2.62 46.26 35.76
C HIS E 140 2.36 45.18 34.73
N THR E 141 2.90 45.38 33.53
CA THR E 141 2.71 44.43 32.43
C THR E 141 3.68 43.27 32.51
N SER E 142 3.13 42.07 32.65
CA SER E 142 3.94 40.85 32.65
C SER E 142 3.52 39.97 31.48
N LEU E 143 4.47 39.22 30.93
CA LEU E 143 4.20 38.36 29.78
C LEU E 143 3.62 37.02 30.23
N ASN E 144 3.13 36.98 31.47
CA ASN E 144 2.53 35.77 32.02
C ASN E 144 1.03 35.96 32.21
N LYS E 145 0.61 37.22 32.31
CA LYS E 145 -0.79 37.55 32.54
C LYS E 145 -1.58 37.50 31.24
N THR E 146 -0.98 36.88 30.22
CA THR E 146 -1.63 36.70 28.92
C THR E 146 -2.88 35.85 29.06
N LYS E 147 -3.96 36.28 28.40
CA LYS E 147 -5.25 35.60 28.54
C LYS E 147 -5.31 34.33 27.70
N ASN E 148 -4.37 34.17 26.78
CA ASN E 148 -4.31 32.99 25.92
C ASN E 148 -3.57 31.84 26.59
N ILE E 149 -4.33 30.99 27.29
CA ILE E 149 -3.74 29.89 28.04
C ILE E 149 -4.07 28.54 27.42
N VAL E 150 -3.06 27.68 27.29
CA VAL E 150 -3.26 26.33 26.78
C VAL E 150 -2.79 25.29 27.80
N ASP E 151 -3.68 24.38 28.18
CA ASP E 151 -3.34 23.35 29.14
C ASP E 151 -2.36 22.35 28.55
N ALA E 152 -1.36 21.96 29.35
CA ALA E 152 -0.32 21.05 28.90
C ALA E 152 -0.84 19.63 28.73
N THR E 153 -0.50 19.00 27.61
CA THR E 153 -0.89 17.62 27.34
C THR E 153 0.36 16.75 27.17
N ASP E 154 0.14 15.46 26.94
CA ASP E 154 1.25 14.52 26.79
C ASP E 154 2.00 14.70 25.49
N SER E 155 1.35 15.34 24.52
CA SER E 155 1.92 15.47 23.17
C SER E 155 3.06 16.48 23.11
N ALA E 156 2.96 17.54 23.89
CA ALA E 156 3.96 18.61 23.95
C ALA E 156 4.12 19.39 22.63
N THR E 157 4.15 18.69 21.50
CA THR E 157 4.30 19.35 20.20
C THR E 157 2.96 19.87 19.69
N ALA E 158 1.88 19.36 20.24
CA ALA E 158 0.55 19.79 19.85
C ALA E 158 0.10 20.97 20.71
N ASP E 159 0.56 20.98 21.96
CA ASP E 159 0.23 22.03 22.91
C ASP E 159 0.88 23.34 22.49
N LEU E 160 1.92 23.22 21.66
CA LEU E 160 2.62 24.40 21.14
C LEU E 160 1.93 24.94 19.88
N VAL E 161 1.47 24.02 19.03
CA VAL E 161 0.77 24.40 17.82
C VAL E 161 -0.55 25.06 18.17
N LYS E 162 -1.25 24.49 19.15
CA LYS E 162 -2.50 25.06 19.63
C LYS E 162 -2.26 26.42 20.27
N ALA E 163 -1.06 26.61 20.83
CA ALA E 163 -0.68 27.88 21.42
C ALA E 163 -0.46 28.92 20.35
N VAL E 164 0.13 28.50 19.23
CA VAL E 164 0.28 29.36 18.07
C VAL E 164 -1.08 29.70 17.47
N GLY E 165 -2.03 28.78 17.64
CA GLY E 165 -3.38 28.95 17.10
C GLY E 165 -4.20 30.03 17.77
N LEU E 166 -3.63 30.68 18.78
CA LEU E 166 -4.33 31.76 19.47
C LEU E 166 -3.74 33.13 19.09
N ILE E 167 -2.69 33.10 18.28
CA ILE E 167 -2.07 34.33 17.81
C ILE E 167 -2.38 34.53 16.33
N ALA E 168 -2.43 33.42 15.59
CA ALA E 168 -2.82 33.46 14.18
C ALA E 168 -4.33 33.30 14.07
N GLY E 169 -4.95 32.82 15.16
CA GLY E 169 -6.39 32.70 15.22
C GLY E 169 -7.04 34.07 15.23
N ALA E 170 -6.61 34.91 16.18
CA ALA E 170 -7.02 36.31 16.21
C ALA E 170 -6.02 37.13 15.40
N GLY E 171 -6.49 37.69 14.29
CA GLY E 171 -5.67 38.38 13.30
C GLY E 171 -4.45 39.14 13.80
N LEU E 172 -3.30 38.47 13.80
CA LEU E 172 -2.04 39.06 14.22
C LEU E 172 -0.88 38.53 13.39
N GLN E 173 0.31 39.06 13.63
CA GLN E 173 1.51 38.54 12.99
C GLN E 173 1.79 37.13 13.50
N VAL E 174 2.18 36.25 12.59
CA VAL E 174 2.55 34.88 12.97
C VAL E 174 3.76 34.90 13.90
N PRO E 175 3.63 34.26 15.07
CA PRO E 175 4.69 34.20 16.10
C PRO E 175 6.05 33.81 15.51
N ASN E 176 7.12 34.38 16.08
CA ASN E 176 8.47 34.07 15.61
C ASN E 176 9.38 33.59 16.74
N GLY E 177 8.96 33.85 17.98
CA GLY E 177 9.77 33.51 19.15
C GLY E 177 9.11 32.54 20.10
N VAL E 178 9.88 31.56 20.55
CA VAL E 178 9.41 30.58 21.51
C VAL E 178 10.43 30.39 22.64
N ALA E 179 9.99 30.64 23.87
CA ALA E 179 10.82 30.38 25.04
C ALA E 179 10.32 29.12 25.75
N LEU E 180 11.25 28.25 26.13
CA LEU E 180 10.89 26.97 26.71
C LEU E 180 11.54 26.73 28.07
N ASP E 181 10.79 26.09 28.96
CA ASP E 181 11.36 25.59 30.21
C ASP E 181 12.28 24.43 29.86
N PRO E 182 13.43 24.33 30.54
CA PRO E 182 14.41 23.29 30.22
C PRO E 182 13.85 21.87 30.35
N ALA E 183 12.85 21.70 31.21
CA ALA E 183 12.19 20.42 31.37
C ALA E 183 11.30 20.12 30.17
N PHE E 184 10.57 21.13 29.72
CA PHE E 184 9.67 20.99 28.58
C PHE E 184 10.45 20.93 27.27
N SER E 185 11.66 21.48 27.29
CA SER E 185 12.51 21.48 26.10
C SER E 185 13.12 20.10 25.86
N PHE E 186 13.13 19.27 26.89
CA PHE E 186 13.61 17.90 26.77
C PHE E 186 12.50 16.99 26.27
N ALA E 187 11.26 17.43 26.47
CA ALA E 187 10.11 16.72 25.92
C ALA E 187 10.21 16.74 24.40
N LEU E 188 10.49 17.92 23.84
CA LEU E 188 10.82 18.04 22.43
C LEU E 188 12.22 17.48 22.19
N SER E 189 12.55 17.25 20.92
CA SER E 189 13.85 16.70 20.53
C SER E 189 14.10 15.31 21.10
N THR E 190 13.06 14.73 21.72
CA THR E 190 13.13 13.39 22.28
C THR E 190 11.73 12.78 22.18
N GLU E 191 10.81 13.57 21.68
CA GLU E 191 9.42 13.15 21.56
C GLU E 191 9.22 12.13 20.45
N VAL E 192 8.47 11.07 20.76
CA VAL E 192 8.10 10.08 19.77
C VAL E 192 6.59 10.04 19.63
N TYR E 193 6.12 9.58 18.46
CA TYR E 193 4.68 9.44 18.24
C TYR E 193 4.10 8.41 19.20
N PRO E 194 2.84 8.61 19.63
CA PRO E 194 2.19 7.67 20.55
C PRO E 194 1.89 6.33 19.89
N LYS E 195 1.33 5.40 20.66
CA LYS E 195 0.95 4.10 20.14
C LYS E 195 -0.28 4.21 19.24
N GLY E 196 -0.36 3.34 18.24
CA GLY E 196 -1.46 3.38 17.29
C GLY E 196 -1.07 4.14 16.03
N SER E 197 -0.15 5.08 16.19
CA SER E 197 0.36 5.86 15.06
C SER E 197 1.14 4.97 14.11
N PRO E 198 1.25 5.38 12.83
CA PRO E 198 2.02 4.58 11.86
C PRO E 198 3.50 4.55 12.18
N LEU E 199 3.94 5.46 13.05
CA LEU E 199 5.31 5.46 13.53
C LEU E 199 5.29 5.35 15.05
N ALA E 200 6.02 4.37 15.58
CA ALA E 200 5.98 4.12 17.02
C ALA E 200 7.04 4.93 17.75
N GLY E 201 8.15 4.29 18.09
CA GLY E 201 9.21 4.93 18.84
C GLY E 201 10.17 5.75 18.00
N GLN E 202 9.73 6.12 16.80
CA GLN E 202 10.55 6.95 15.92
C GLN E 202 10.52 8.40 16.35
N PRO E 203 11.71 9.02 16.48
CA PRO E 203 11.82 10.43 16.83
C PRO E 203 11.34 11.35 15.70
N MET E 204 10.36 12.20 15.99
CA MET E 204 9.80 13.10 14.98
C MET E 204 10.73 14.29 14.73
N TYR E 205 11.72 14.44 15.60
CA TYR E 205 12.75 15.46 15.41
C TYR E 205 14.13 14.82 15.41
N PRO E 206 14.67 14.55 14.20
CA PRO E 206 15.94 13.84 14.02
C PRO E 206 17.16 14.73 14.24
N ALA E 207 18.32 14.10 14.39
CA ALA E 207 19.61 14.80 14.55
C ALA E 207 19.61 15.77 15.74
N ALA E 208 18.72 15.54 16.69
CA ALA E 208 18.66 16.37 17.90
C ALA E 208 19.65 15.84 18.94
N GLY E 209 19.46 14.59 19.34
CA GLY E 209 20.36 13.92 20.25
C GLY E 209 20.47 14.57 21.62
N PHE E 210 19.34 14.65 22.33
CA PHE E 210 19.28 15.14 23.70
C PHE E 210 19.71 16.60 23.85
N ALA E 211 20.01 17.25 22.73
CA ALA E 211 20.35 18.66 22.72
C ALA E 211 19.14 19.47 22.27
N GLY E 212 18.79 20.49 23.04
CA GLY E 212 17.64 21.32 22.74
C GLY E 212 17.68 21.92 21.36
N LEU E 213 16.69 21.58 20.54
CA LEU E 213 16.62 22.07 19.17
C LEU E 213 16.54 23.59 19.13
N ASP E 214 17.23 24.20 18.17
CA ASP E 214 17.29 25.66 18.07
C ASP E 214 16.19 26.19 17.17
N ASN E 215 15.73 25.38 16.22
CA ASN E 215 14.64 25.76 15.33
C ASN E 215 13.48 24.78 15.35
N TRP E 216 12.26 25.31 15.33
CA TRP E 216 11.07 24.49 15.33
C TRP E 216 9.96 25.10 14.47
N ARG E 217 9.72 24.47 13.31
CA ARG E 217 8.70 24.92 12.36
C ARG E 217 8.86 26.37 11.95
N GLY E 218 10.10 26.79 11.74
CA GLY E 218 10.38 28.13 11.25
C GLY E 218 10.36 29.20 12.32
N LEU E 219 10.49 28.79 13.58
CA LEU E 219 10.52 29.74 14.67
C LEU E 219 11.87 29.70 15.38
N ASN E 220 12.17 30.75 16.15
CA ASN E 220 13.39 30.77 16.94
C ASN E 220 13.12 30.30 18.35
N VAL E 221 13.80 29.23 18.76
CA VAL E 221 13.56 28.60 20.04
C VAL E 221 14.73 28.79 21.02
N GLY E 222 14.41 29.32 22.19
CA GLY E 222 15.41 29.46 23.25
C GLY E 222 14.96 28.77 24.52
N ALA E 223 15.87 28.06 25.16
CA ALA E 223 15.54 27.33 26.39
C ALA E 223 16.35 27.83 27.58
N SER E 224 15.66 28.12 28.68
CA SER E 224 16.31 28.56 29.90
C SER E 224 15.39 28.37 31.12
N SER E 225 15.97 28.33 32.30
CA SER E 225 15.22 28.10 33.53
C SER E 225 14.53 29.37 34.03
N THR E 226 14.34 30.34 33.14
CA THR E 226 13.71 31.60 33.51
C THR E 226 12.22 31.60 33.16
N VAL E 227 11.85 30.73 32.21
CA VAL E 227 10.48 30.67 31.72
C VAL E 227 9.53 30.20 32.82
N SER E 228 10.07 29.49 33.80
CA SER E 228 9.28 29.09 34.97
C SER E 228 9.88 29.68 36.24
N GLY E 229 11.17 29.98 36.19
CA GLY E 229 11.88 30.53 37.34
C GLY E 229 11.90 29.55 38.49
N ALA E 230 12.33 28.32 38.22
CA ALA E 230 12.32 27.26 39.22
C ALA E 230 13.15 27.57 40.47
N PRO E 231 14.41 28.02 40.30
CA PRO E 231 15.14 28.28 41.55
C PRO E 231 14.82 29.64 42.18
N GLU E 232 14.53 30.63 41.36
CA GLU E 232 14.29 31.99 41.84
C GLU E 232 12.93 32.14 42.50
N MET E 233 11.89 31.62 41.84
CA MET E 233 10.55 31.66 42.40
C MET E 233 10.38 30.51 43.39
N SER E 234 9.30 30.54 44.18
CA SER E 234 9.09 29.54 45.20
C SER E 234 8.03 28.49 44.83
N PRO E 235 6.82 28.91 44.41
CA PRO E 235 5.86 27.86 44.09
C PRO E 235 5.88 27.46 42.61
N ALA E 236 6.68 28.18 41.81
CA ALA E 236 6.78 27.98 40.37
C ALA E 236 5.48 28.33 39.64
N SER E 237 5.60 29.04 38.52
CA SER E 237 4.44 29.48 37.77
C SER E 237 3.72 28.32 37.09
N GLY E 238 4.48 27.26 36.78
CA GLY E 238 3.92 26.10 36.12
C GLY E 238 3.93 26.26 34.61
N VAL E 239 4.40 27.41 34.15
CA VAL E 239 4.49 27.71 32.72
C VAL E 239 5.64 26.94 32.07
N LYS E 240 5.35 26.29 30.96
CA LYS E 240 6.34 25.47 30.28
C LYS E 240 6.82 26.12 28.98
N ALA E 241 6.05 27.07 28.47
CA ALA E 241 6.40 27.70 27.19
C ALA E 241 5.71 29.06 27.00
N ILE E 242 6.43 29.97 26.33
CA ILE E 242 5.87 31.27 25.95
C ILE E 242 6.12 31.51 24.47
N VAL E 243 5.03 31.64 23.71
CA VAL E 243 5.13 31.78 22.25
C VAL E 243 4.53 33.09 21.78
N GLY E 244 5.17 33.73 20.81
CA GLY E 244 4.61 34.94 20.23
C GLY E 244 5.56 35.79 19.41
N ASP E 245 5.06 36.96 19.01
CA ASP E 245 5.86 37.94 18.26
C ASP E 245 6.73 38.72 19.24
N PHE E 246 7.97 38.30 19.39
CA PHE E 246 8.87 38.92 20.36
C PHE E 246 9.48 40.22 19.84
N SER E 247 8.91 40.76 18.75
CA SER E 247 9.27 42.09 18.29
C SER E 247 8.34 43.10 18.95
N ARG E 248 7.23 42.59 19.49
CA ARG E 248 6.25 43.43 20.17
C ARG E 248 6.72 43.88 21.54
N VAL E 249 7.75 43.21 22.07
CA VAL E 249 8.29 43.57 23.37
C VAL E 249 9.63 44.29 23.21
N HIS E 250 9.64 45.58 23.53
CA HIS E 250 10.85 46.39 23.46
C HIS E 250 11.57 46.37 24.79
N TRP E 251 12.83 45.95 24.79
CA TRP E 251 13.63 45.96 26.02
C TRP E 251 15.04 46.46 25.72
N GLY E 252 15.71 46.98 26.74
CA GLY E 252 17.07 47.47 26.58
C GLY E 252 17.74 47.93 27.85
N PHE E 253 19.08 47.92 27.83
CA PHE E 253 19.87 48.47 28.92
C PHE E 253 20.13 49.96 28.68
N GLN E 254 19.56 50.80 29.53
CA GLN E 254 19.79 52.23 29.45
C GLN E 254 21.19 52.56 29.98
N ARG E 255 21.71 51.67 30.82
CA ARG E 255 23.06 51.78 31.33
C ARG E 255 23.51 50.42 31.90
N ASN E 256 24.60 49.90 31.36
CA ASN E 256 25.10 48.59 31.81
C ASN E 256 26.55 48.66 32.28
N PHE E 257 26.74 48.60 33.60
CA PHE E 257 28.06 48.67 34.20
C PHE E 257 28.82 47.35 34.09
N PRO E 258 30.16 47.40 34.09
CA PRO E 258 30.97 46.20 34.25
C PRO E 258 31.01 45.75 35.70
N ILE E 259 31.83 44.75 36.01
CA ILE E 259 31.95 44.27 37.39
C ILE E 259 32.73 45.25 38.24
N GLU E 260 32.14 45.66 39.36
CA GLU E 260 32.75 46.66 40.25
C GLU E 260 33.22 46.05 41.57
N LEU E 261 34.45 46.36 41.95
CA LEU E 261 35.00 45.94 43.24
C LEU E 261 35.02 47.10 44.24
N ILE E 262 34.23 46.96 45.30
CA ILE E 262 34.22 47.93 46.38
C ILE E 262 34.99 47.41 47.59
N GLU E 263 35.88 48.23 48.13
CA GLU E 263 36.67 47.82 49.29
C GLU E 263 36.60 48.86 50.40
N TYR E 264 35.52 49.62 50.41
CA TYR E 264 35.29 50.63 51.44
C TYR E 264 33.83 50.69 51.85
N GLY E 265 33.56 51.18 53.05
CA GLY E 265 32.20 51.39 53.52
C GLY E 265 31.42 50.09 53.70
N ASP E 266 30.10 50.21 53.68
CA ASP E 266 29.22 49.06 53.85
C ASP E 266 28.11 49.07 52.80
N PRO E 267 28.34 48.38 51.67
CA PRO E 267 27.39 48.30 50.56
C PRO E 267 26.11 47.53 50.92
N ASP E 268 26.26 46.48 51.71
CA ASP E 268 25.14 45.61 52.06
C ASP E 268 24.19 46.29 53.06
N GLN E 269 24.68 47.33 53.72
CA GLN E 269 23.93 48.04 54.76
C GLN E 269 23.44 47.05 55.82
N THR E 270 24.39 46.42 56.49
CA THR E 270 24.09 45.46 57.55
C THR E 270 24.93 45.75 58.79
N GLY E 271 25.64 46.86 58.77
CA GLY E 271 26.46 47.27 59.89
C GLY E 271 27.90 46.82 59.80
N ARG E 272 28.12 45.71 59.10
CA ARG E 272 29.46 45.16 58.95
C ARG E 272 30.26 45.89 57.87
N ASP E 273 31.12 46.81 58.29
CA ASP E 273 31.97 47.55 57.36
C ASP E 273 32.96 46.62 56.68
N LEU E 274 33.46 47.04 55.52
CA LEU E 274 34.34 46.19 54.72
C LEU E 274 35.76 46.16 55.26
N LYS E 275 36.34 47.33 55.49
CA LYS E 275 37.69 47.41 56.04
C LYS E 275 37.71 46.96 57.50
N GLY E 276 36.54 46.95 58.12
CA GLY E 276 36.42 46.51 59.51
C GLY E 276 36.37 45.00 59.65
N HIS E 277 36.13 44.32 58.52
CA HIS E 277 36.07 42.87 58.51
C HIS E 277 36.98 42.28 57.43
N ASN E 278 37.79 43.15 56.83
CA ASN E 278 38.73 42.76 55.78
C ASN E 278 38.06 41.99 54.64
N GLU E 279 36.91 42.50 54.18
CA GLU E 279 36.18 41.87 53.09
C GLU E 279 36.13 42.77 51.85
N VAL E 280 35.75 42.18 50.73
CA VAL E 280 35.69 42.89 49.46
C VAL E 280 34.40 42.56 48.72
N MET E 281 33.70 43.59 48.25
CA MET E 281 32.42 43.42 47.58
C MET E 281 32.58 43.36 46.06
N VAL E 282 31.90 42.41 45.44
CA VAL E 282 31.83 42.36 43.99
C VAL E 282 30.39 42.56 43.54
N ARG E 283 30.13 43.69 42.88
CA ARG E 283 28.77 44.00 42.48
C ARG E 283 28.64 44.21 40.97
N ALA E 284 27.41 44.03 40.48
CA ALA E 284 27.10 44.24 39.07
C ALA E 284 25.75 44.92 38.92
N GLU E 285 25.78 46.22 38.63
CA GLU E 285 24.55 46.99 38.49
C GLU E 285 24.21 47.24 37.03
N ALA E 286 22.91 47.27 36.73
CA ALA E 286 22.44 47.58 35.38
C ALA E 286 20.99 48.05 35.39
N VAL E 287 20.71 49.14 34.69
CA VAL E 287 19.33 49.62 34.59
C VAL E 287 18.75 49.30 33.22
N LEU E 288 17.61 48.62 33.23
CA LEU E 288 16.96 48.21 31.97
C LEU E 288 15.49 48.61 31.97
N TYR E 289 14.85 48.45 30.82
CA TYR E 289 13.41 48.71 30.71
C TYR E 289 12.70 47.64 29.90
N VAL E 290 11.48 47.31 30.32
CA VAL E 290 10.68 46.30 29.62
C VAL E 290 9.30 46.85 29.24
N ALA E 291 9.13 47.16 27.95
CA ALA E 291 7.88 47.69 27.44
C ALA E 291 7.15 46.67 26.58
N ILE E 292 5.88 46.43 26.89
CA ILE E 292 5.07 45.50 26.12
C ILE E 292 3.92 46.25 25.45
N GLU E 293 3.95 46.30 24.12
CA GLU E 293 2.95 47.05 23.35
C GLU E 293 1.57 46.43 23.49
N SER E 294 1.47 45.12 23.24
CA SER E 294 0.21 44.42 23.35
C SER E 294 0.41 43.05 24.00
N LEU E 295 -0.58 42.59 24.75
CA LEU E 295 -0.49 41.32 25.46
C LEU E 295 -1.23 40.21 24.74
N ASP E 296 -2.06 40.57 23.77
CA ASP E 296 -2.86 39.58 23.05
C ASP E 296 -2.03 38.89 21.97
N SER E 297 -0.75 39.26 21.87
CA SER E 297 0.14 38.71 20.86
C SER E 297 1.04 37.62 21.42
N PHE E 298 0.63 37.02 22.53
CA PHE E 298 1.43 35.97 23.18
C PHE E 298 0.56 34.81 23.66
N ALA E 299 1.21 33.71 24.06
CA ALA E 299 0.50 32.54 24.54
C ALA E 299 1.39 31.71 25.48
N VAL E 300 0.84 31.38 26.64
CA VAL E 300 1.57 30.57 27.62
C VAL E 300 0.98 29.18 27.73
N VAL E 301 1.83 28.20 28.02
CA VAL E 301 1.38 26.82 28.16
C VAL E 301 1.50 26.35 29.61
N LYS E 302 0.50 26.67 30.42
CA LYS E 302 0.52 26.31 31.83
C LYS E 302 0.18 24.83 32.03
N GLU E 303 0.39 24.35 33.25
CA GLU E 303 0.12 22.95 33.58
C GLU E 303 -1.33 22.75 34.02
N ASP F 4 16.77 62.34 53.26
CA ASP F 4 16.36 63.28 52.22
C ASP F 4 17.52 63.60 51.29
N PHE F 5 17.22 63.78 50.01
CA PHE F 5 18.23 64.07 49.00
C PHE F 5 17.61 64.59 47.71
N LEU F 6 18.45 64.88 46.73
CA LEU F 6 17.98 65.29 45.42
C LEU F 6 17.69 64.05 44.57
N SER F 7 16.49 63.98 44.02
CA SER F 7 16.07 62.81 43.26
C SER F 7 16.01 63.10 41.76
N VAL F 8 15.68 62.07 40.98
CA VAL F 8 15.61 62.19 39.53
C VAL F 8 14.25 62.75 39.12
N GLY F 9 13.24 62.55 39.96
CA GLY F 9 11.89 62.97 39.65
C GLY F 9 11.67 64.46 39.60
N LYS F 10 12.57 65.22 40.21
CA LYS F 10 12.45 66.66 40.26
C LYS F 10 12.93 67.33 38.96
N LEU F 11 13.71 66.59 38.19
CA LEU F 11 14.21 67.09 36.91
C LEU F 11 13.23 66.83 35.78
N GLU F 12 12.30 65.90 36.03
CA GLU F 12 11.31 65.43 35.08
C GLU F 12 11.77 65.39 33.62
N LEU F 13 12.83 64.62 33.35
CA LEU F 13 13.29 64.39 31.99
C LEU F 13 12.18 63.68 31.22
N PRO F 14 11.85 64.19 30.02
CA PRO F 14 10.73 63.66 29.22
C PRO F 14 10.84 62.16 28.94
N GLY F 15 12.05 61.68 28.71
CA GLY F 15 12.27 60.27 28.47
C GLY F 15 12.63 59.96 27.02
N SER F 16 11.91 59.04 26.42
CA SER F 16 12.17 58.65 25.03
C SER F 16 10.92 58.07 24.38
N MET F 17 10.71 58.41 23.12
CA MET F 17 9.55 57.92 22.38
C MET F 17 9.95 56.86 21.35
N ILE F 18 9.29 55.72 21.40
CA ILE F 18 9.52 54.64 20.44
C ILE F 18 8.98 55.03 19.07
N GLY F 19 7.77 55.59 19.07
CA GLY F 19 7.12 55.98 17.83
C GLY F 19 5.70 55.47 17.77
N ALA F 20 5.05 55.68 16.62
CA ALA F 20 3.68 55.22 16.43
C ALA F 20 3.65 54.00 15.51
N VAL F 21 2.89 52.99 15.90
CA VAL F 21 2.81 51.75 15.14
C VAL F 21 1.43 51.10 15.30
N ARG F 22 0.95 50.47 14.23
CA ARG F 22 -0.35 49.81 14.25
C ARG F 22 -0.37 48.61 15.20
N ASP F 23 -1.51 48.41 15.85
CA ASP F 23 -1.67 47.28 16.77
C ASP F 23 -1.71 45.96 16.02
N ARG F 24 -2.57 45.89 15.00
CA ARG F 24 -2.67 44.70 14.16
C ARG F 24 -2.47 45.08 12.70
N ALA F 25 -2.03 44.11 11.89
CA ALA F 25 -1.92 44.32 10.46
C ALA F 25 -3.32 44.44 9.85
N ILE F 26 -3.52 45.45 9.02
CA ILE F 26 -4.84 45.71 8.45
C ILE F 26 -5.30 44.61 7.50
N ASP F 27 -6.51 44.11 7.73
CA ASP F 27 -7.11 43.11 6.85
C ASP F 27 -8.04 43.79 5.85
N SER F 28 -7.56 43.93 4.61
CA SER F 28 -8.34 44.58 3.56
C SER F 28 -9.60 43.79 3.23
N GLY F 29 -9.49 42.47 3.30
CA GLY F 29 -10.63 41.60 3.02
C GLY F 29 -10.46 40.79 1.75
N VAL F 30 -11.12 39.63 1.70
CA VAL F 30 -11.04 38.77 0.53
C VAL F 30 -11.96 39.26 -0.58
N LEU F 31 -12.62 38.31 -1.25
CA LEU F 31 -13.54 38.60 -2.35
C LEU F 31 -12.82 39.21 -3.56
N ALA F 32 -11.52 39.42 -3.43
CA ALA F 32 -10.70 39.94 -4.52
C ALA F 32 -9.74 38.86 -5.00
N LYS F 33 -9.56 37.83 -4.18
CA LYS F 33 -8.73 36.70 -4.54
C LYS F 33 -9.58 35.60 -5.19
N LEU F 34 -10.84 35.54 -4.78
CA LEU F 34 -11.75 34.50 -5.27
C LEU F 34 -12.35 34.89 -6.62
N SER F 35 -12.86 36.11 -6.71
CA SER F 35 -13.46 36.61 -7.94
C SER F 35 -12.83 37.92 -8.37
N PRO F 36 -12.23 37.94 -9.57
CA PRO F 36 -11.56 39.14 -10.10
C PRO F 36 -12.54 40.29 -10.32
N GLU F 37 -12.09 41.51 -10.08
CA GLU F 37 -12.93 42.70 -10.22
C GLU F 37 -13.32 42.95 -11.67
N GLN F 38 -14.51 43.50 -11.87
CA GLN F 38 -15.00 43.81 -13.20
C GLN F 38 -15.43 45.28 -13.26
N PRO F 39 -14.46 46.19 -13.43
CA PRO F 39 -14.73 47.63 -13.44
C PRO F 39 -15.57 48.07 -14.63
N THR F 40 -16.68 48.76 -14.34
CA THR F 40 -17.57 49.25 -15.38
C THR F 40 -17.86 50.74 -15.18
N ILE F 41 -18.41 51.38 -16.21
CA ILE F 41 -18.81 52.76 -16.11
C ILE F 41 -19.99 52.89 -15.15
N PHE F 42 -20.23 54.10 -14.65
CA PHE F 42 -21.29 54.32 -13.68
C PHE F 42 -22.66 54.00 -14.26
N GLY F 43 -23.52 53.42 -13.42
CA GLY F 43 -24.84 53.01 -13.85
C GLY F 43 -25.14 51.59 -13.43
N PRO F 44 -26.43 51.27 -13.23
CA PRO F 44 -26.87 49.94 -12.81
C PRO F 44 -26.42 48.86 -13.78
N VAL F 45 -25.88 47.75 -13.26
CA VAL F 45 -25.41 46.68 -14.14
C VAL F 45 -26.41 45.52 -14.20
N LYS F 46 -26.43 44.82 -15.32
CA LYS F 46 -27.38 43.74 -15.53
C LYS F 46 -26.88 42.78 -16.60
N GLY F 47 -27.20 41.49 -16.43
CA GLY F 47 -26.78 40.46 -17.35
C GLY F 47 -27.71 39.26 -17.38
N ALA F 48 -27.23 38.16 -17.94
CA ALA F 48 -28.04 36.95 -18.06
C ALA F 48 -27.42 35.79 -17.29
N VAL F 49 -28.26 35.05 -16.57
CA VAL F 49 -27.82 33.90 -15.79
C VAL F 49 -28.50 32.62 -16.27
N PHE F 50 -27.69 31.61 -16.56
CA PHE F 50 -28.19 30.33 -17.02
C PHE F 50 -27.54 29.19 -16.25
N SER F 51 -28.33 28.47 -15.46
CA SER F 51 -27.79 27.40 -14.62
C SER F 51 -28.47 26.06 -14.91
N GLY F 52 -27.68 24.99 -14.84
CA GLY F 52 -28.21 23.64 -14.96
C GLY F 52 -28.37 23.13 -16.38
N VAL F 53 -28.68 21.84 -16.50
CA VAL F 53 -28.88 21.19 -17.78
C VAL F 53 -30.30 20.63 -17.86
N PRO F 54 -31.03 20.98 -18.93
CA PRO F 54 -32.42 20.54 -19.11
C PRO F 54 -32.57 19.02 -19.14
N ARG F 55 -33.71 18.52 -18.68
CA ARG F 55 -33.99 17.09 -18.64
C ARG F 55 -34.19 16.54 -20.05
N ALA F 56 -34.28 15.21 -20.16
CA ALA F 56 -34.50 14.56 -21.44
C ALA F 56 -35.56 13.46 -21.31
N LYS F 57 -36.55 13.50 -22.20
CA LYS F 57 -37.67 12.56 -22.13
C LYS F 57 -37.50 11.38 -23.11
N ILE F 58 -37.90 10.20 -22.66
CA ILE F 58 -37.90 9.02 -23.53
C ILE F 58 -39.17 9.00 -24.40
N VAL F 59 -38.99 8.74 -25.69
CA VAL F 59 -40.09 8.82 -26.63
C VAL F 59 -40.38 7.48 -27.31
N GLY F 60 -41.65 7.16 -27.47
CA GLY F 60 -42.07 5.98 -28.21
C GLY F 60 -42.02 6.23 -29.71
N GLU F 61 -42.54 5.30 -30.49
CA GLU F 61 -42.50 5.42 -31.94
C GLU F 61 -43.53 6.42 -32.45
N GLY F 62 -44.65 6.55 -31.72
CA GLY F 62 -45.70 7.47 -32.10
C GLY F 62 -46.13 8.36 -30.96
N GLU F 63 -45.42 8.28 -29.84
CA GLU F 63 -45.77 9.07 -28.66
C GLU F 63 -45.30 10.51 -28.82
N VAL F 64 -45.91 11.42 -28.04
CA VAL F 64 -45.66 12.85 -28.18
C VAL F 64 -44.34 13.29 -27.54
N LYS F 65 -43.50 13.98 -28.31
CA LYS F 65 -42.27 14.55 -27.80
C LYS F 65 -42.56 15.88 -27.08
N PRO F 66 -42.36 15.91 -25.76
CA PRO F 66 -42.71 17.07 -24.94
C PRO F 66 -41.65 18.17 -24.95
N SER F 67 -41.90 19.24 -24.20
CA SER F 67 -40.97 20.34 -24.10
C SER F 67 -40.53 20.57 -22.65
N ALA F 68 -39.26 20.90 -22.47
CA ALA F 68 -38.72 21.15 -21.13
C ALA F 68 -38.24 22.59 -20.99
N SER F 69 -38.85 23.33 -20.08
CA SER F 69 -38.49 24.73 -19.87
C SER F 69 -37.13 24.86 -19.20
N VAL F 70 -36.50 26.01 -19.35
CA VAL F 70 -35.20 26.27 -18.75
C VAL F 70 -35.20 27.56 -17.93
N ASP F 71 -34.10 27.81 -17.22
CA ASP F 71 -34.03 28.97 -16.33
C ASP F 71 -33.06 30.03 -16.82
N VAL F 72 -33.58 30.99 -17.57
CA VAL F 72 -32.80 32.17 -17.94
C VAL F 72 -33.23 33.34 -17.07
N SER F 73 -32.42 33.65 -16.06
CA SER F 73 -32.80 34.66 -15.08
C SER F 73 -31.91 35.90 -15.14
N ALA F 74 -32.53 37.07 -15.14
CA ALA F 74 -31.80 38.33 -15.16
C ALA F 74 -31.59 38.85 -13.75
N PHE F 75 -30.55 39.67 -13.57
CA PHE F 75 -30.26 40.29 -12.29
C PHE F 75 -29.80 41.73 -12.47
N THR F 76 -29.96 42.55 -11.45
CA THR F 76 -29.62 43.96 -11.55
C THR F 76 -29.00 44.50 -10.27
N ALA F 77 -27.77 44.99 -10.39
CA ALA F 77 -27.09 45.60 -9.26
C ALA F 77 -27.08 47.12 -9.39
N GLN F 78 -27.62 47.78 -8.39
CA GLN F 78 -27.66 49.23 -8.35
C GLN F 78 -26.42 49.77 -7.65
N PRO F 79 -25.74 50.73 -8.28
CA PRO F 79 -24.48 51.30 -7.77
C PRO F 79 -24.63 51.89 -6.37
N ILE F 80 -23.78 51.45 -5.44
CA ILE F 80 -23.82 51.96 -4.08
C ILE F 80 -22.54 52.73 -3.73
N LYS F 81 -22.72 53.82 -3.00
CA LYS F 81 -21.61 54.70 -2.62
C LYS F 81 -21.23 54.52 -1.16
N VAL F 82 -20.01 54.03 -0.91
CA VAL F 82 -19.47 53.93 0.43
C VAL F 82 -18.52 55.09 0.72
N VAL F 83 -18.62 55.62 1.93
CA VAL F 83 -17.78 56.76 2.35
C VAL F 83 -17.20 56.50 3.73
N THR F 84 -16.06 57.13 4.00
CA THR F 84 -15.44 57.06 5.32
C THR F 84 -14.70 58.36 5.58
N GLN F 85 -14.93 58.95 6.75
CA GLN F 85 -14.31 60.23 7.09
C GLN F 85 -14.18 60.41 8.59
N GLN F 86 -13.06 60.96 9.03
CA GLN F 86 -12.83 61.16 10.46
C GLN F 86 -12.15 62.49 10.76
N ARG F 87 -12.76 63.25 11.66
CA ARG F 87 -12.26 64.58 12.02
C ARG F 87 -10.91 64.52 12.73
N VAL F 88 -10.02 65.43 12.35
CA VAL F 88 -8.69 65.52 12.93
C VAL F 88 -8.38 66.98 13.26
N SER F 89 -8.19 67.27 14.55
CA SER F 89 -7.93 68.63 15.00
C SER F 89 -6.68 69.22 14.35
N ASP F 90 -6.74 70.50 14.02
CA ASP F 90 -5.64 71.17 13.33
C ASP F 90 -4.41 71.30 14.24
N GLU F 91 -4.63 71.18 15.54
CA GLU F 91 -3.54 71.22 16.51
C GLU F 91 -2.72 69.92 16.42
N PHE F 92 -3.41 68.82 16.16
CA PHE F 92 -2.77 67.52 16.01
C PHE F 92 -1.95 67.46 14.72
N MET F 93 -2.51 68.03 13.65
CA MET F 93 -1.86 68.00 12.35
C MET F 93 -0.59 68.86 12.34
N TRP F 94 -0.49 69.76 13.32
CA TRP F 94 0.73 70.54 13.51
C TRP F 94 1.77 69.71 14.26
N ALA F 95 1.31 68.97 15.26
CA ALA F 95 2.17 68.12 16.05
C ALA F 95 2.75 66.99 15.21
N ASP F 96 2.02 66.62 14.15
CA ASP F 96 2.50 65.62 13.21
C ASP F 96 3.64 66.16 12.34
N ALA F 97 3.83 67.47 12.40
CA ALA F 97 4.87 68.12 11.60
C ALA F 97 6.02 68.60 12.47
N ASP F 98 5.73 68.86 13.74
CA ASP F 98 6.75 69.35 14.67
C ASP F 98 7.76 68.27 15.05
N TYR F 99 7.24 67.11 15.48
CA TYR F 99 8.11 66.02 15.91
C TYR F 99 8.41 65.04 14.79
N ARG F 100 7.82 65.28 13.62
CA ARG F 100 8.02 64.46 12.44
C ARG F 100 7.60 63.00 12.66
N LEU F 101 6.36 62.80 13.11
CA LEU F 101 5.86 61.45 13.34
C LEU F 101 5.50 60.75 12.03
N GLY F 102 4.70 61.42 11.20
CA GLY F 102 4.23 60.84 9.96
C GLY F 102 3.05 59.92 10.21
N VAL F 103 2.17 60.34 11.11
CA VAL F 103 1.01 59.53 11.50
C VAL F 103 -0.08 59.57 10.42
N LEU F 104 -0.34 60.76 9.89
CA LEU F 104 -1.42 60.95 8.93
C LEU F 104 -1.11 60.33 7.56
N GLN F 105 0.12 59.82 7.40
CA GLN F 105 0.52 59.21 6.14
C GLN F 105 0.77 57.71 6.28
N ASP F 106 1.02 57.25 7.49
CA ASP F 106 1.36 55.85 7.72
C ASP F 106 0.29 55.09 8.50
N LEU F 107 -0.47 55.79 9.33
CA LEU F 107 -1.40 55.13 10.24
C LEU F 107 -2.86 55.50 10.01
N ILE F 108 -3.11 56.54 9.22
CA ILE F 108 -4.47 56.97 8.96
C ILE F 108 -4.88 56.66 7.53
N SER F 109 -4.07 57.08 6.57
CA SER F 109 -4.35 56.85 5.15
C SER F 109 -4.43 55.36 4.77
N PRO F 110 -3.46 54.54 5.22
CA PRO F 110 -3.61 53.12 4.86
C PRO F 110 -4.79 52.46 5.59
N ALA F 111 -5.08 52.94 6.80
CA ALA F 111 -6.17 52.39 7.59
C ALA F 111 -7.53 52.83 7.06
N LEU F 112 -7.54 53.98 6.38
CA LEU F 112 -8.77 54.53 5.82
C LEU F 112 -9.04 53.95 4.45
N GLY F 113 -7.98 53.67 3.69
CA GLY F 113 -8.10 53.09 2.36
C GLY F 113 -8.56 51.65 2.41
N ALA F 114 -8.26 50.97 3.51
CA ALA F 114 -8.66 49.59 3.71
C ALA F 114 -10.07 49.52 4.27
N SER F 115 -10.60 50.66 4.71
CA SER F 115 -11.93 50.71 5.30
C SER F 115 -13.02 50.56 4.24
N ILE F 116 -12.65 50.76 2.99
CA ILE F 116 -13.59 50.58 1.88
C ILE F 116 -13.43 49.21 1.25
N GLY F 117 -12.35 48.52 1.60
CA GLY F 117 -12.09 47.18 1.10
C GLY F 117 -12.89 46.15 1.86
N ARG F 118 -13.03 46.36 3.16
CA ARG F 118 -13.85 45.48 4.01
C ARG F 118 -15.33 45.71 3.75
N ALA F 119 -15.64 46.88 3.18
CA ALA F 119 -17.02 47.24 2.90
C ALA F 119 -17.67 46.29 1.90
N VAL F 120 -17.05 46.14 0.73
CA VAL F 120 -17.60 45.29 -0.33
C VAL F 120 -17.70 43.84 0.11
N ASP F 121 -16.74 43.40 0.92
CA ASP F 121 -16.71 42.02 1.38
C ASP F 121 -17.82 41.77 2.40
N LEU F 122 -18.09 42.76 3.23
CA LEU F 122 -19.15 42.67 4.23
C LEU F 122 -20.53 42.72 3.60
N ILE F 123 -20.67 43.56 2.58
CA ILE F 123 -21.91 43.66 1.81
C ILE F 123 -22.19 42.34 1.09
N ALA F 124 -21.14 41.75 0.52
CA ALA F 124 -21.28 40.51 -0.22
C ALA F 124 -21.53 39.31 0.69
N PHE F 125 -20.96 39.33 1.89
CA PHE F 125 -21.01 38.15 2.76
C PHE F 125 -22.09 38.20 3.83
N HIS F 126 -22.65 39.37 4.08
CA HIS F 126 -23.64 39.49 5.16
C HIS F 126 -24.79 40.42 4.80
N GLY F 127 -24.63 41.18 3.73
CA GLY F 127 -25.64 42.13 3.30
C GLY F 127 -25.85 43.20 4.35
N ILE F 128 -24.77 43.55 5.05
CA ILE F 128 -24.83 44.50 6.15
C ILE F 128 -24.20 45.82 5.74
N ASP F 129 -24.58 46.90 6.40
CA ASP F 129 -23.90 48.17 6.25
C ASP F 129 -22.89 48.33 7.38
N PRO F 130 -21.60 48.15 7.06
CA PRO F 130 -20.49 48.04 8.03
C PRO F 130 -20.50 49.09 9.15
N ALA F 131 -21.22 50.20 8.96
CA ALA F 131 -21.33 51.22 9.99
C ALA F 131 -22.13 50.73 11.19
N THR F 132 -23.37 50.31 10.93
CA THR F 132 -24.26 49.84 12.00
C THR F 132 -24.51 48.34 11.89
N GLY F 133 -24.96 47.74 12.99
CA GLY F 133 -25.14 46.30 13.06
C GLY F 133 -26.37 45.76 12.36
N LYS F 134 -27.25 46.63 11.91
CA LYS F 134 -28.50 46.22 11.28
C LYS F 134 -28.36 46.09 9.77
N ALA F 135 -29.25 45.31 9.16
CA ALA F 135 -29.19 45.02 7.73
C ALA F 135 -29.54 46.24 6.89
N ALA F 136 -28.89 46.35 5.73
CA ALA F 136 -29.13 47.47 4.81
C ALA F 136 -30.37 47.23 3.97
N SER F 137 -30.96 48.31 3.46
CA SER F 137 -32.17 48.22 2.65
C SER F 137 -31.86 48.25 1.16
N ALA F 138 -30.69 48.78 0.81
CA ALA F 138 -30.29 48.91 -0.58
C ALA F 138 -29.88 47.56 -1.19
N VAL F 139 -29.38 46.66 -0.34
CA VAL F 139 -28.91 45.37 -0.80
C VAL F 139 -30.07 44.38 -0.93
N HIS F 140 -29.96 43.47 -1.90
CA HIS F 140 -30.98 42.46 -2.13
C HIS F 140 -30.82 41.31 -1.14
N THR F 141 -29.78 40.51 -1.34
CA THR F 141 -29.48 39.39 -0.43
C THR F 141 -27.97 39.17 -0.34
N SER F 142 -27.55 38.25 0.52
CA SER F 142 -26.14 37.99 0.71
C SER F 142 -25.83 36.49 0.74
N LEU F 143 -24.55 36.17 0.91
CA LEU F 143 -24.08 34.79 0.88
C LEU F 143 -24.35 34.05 2.19
N ASN F 144 -24.38 34.80 3.29
CA ASN F 144 -24.69 34.22 4.60
C ASN F 144 -26.13 33.70 4.64
N LYS F 145 -27.00 34.38 3.93
CA LYS F 145 -28.41 34.02 3.91
C LYS F 145 -28.71 32.95 2.87
N THR F 146 -28.26 31.73 3.18
CA THR F 146 -28.52 30.58 2.31
C THR F 146 -28.98 29.40 3.15
N LYS F 147 -29.53 28.38 2.49
CA LYS F 147 -30.10 27.24 3.20
C LYS F 147 -29.28 25.97 3.01
N ASN F 148 -27.97 26.12 2.94
CA ASN F 148 -27.06 24.97 2.86
C ASN F 148 -26.10 24.96 4.04
N ILE F 149 -26.64 25.19 5.23
CA ILE F 149 -25.82 25.28 6.44
C ILE F 149 -25.31 23.91 6.89
N VAL F 150 -24.11 23.91 7.47
CA VAL F 150 -23.52 22.70 8.03
C VAL F 150 -23.00 22.99 9.42
N ASP F 151 -23.48 22.25 10.42
CA ASP F 151 -23.06 22.45 11.80
C ASP F 151 -21.58 22.14 11.97
N ALA F 152 -20.82 23.14 12.39
CA ALA F 152 -19.37 23.01 12.53
C ALA F 152 -18.99 22.06 13.66
N THR F 153 -18.17 21.07 13.34
CA THR F 153 -17.69 20.11 14.34
C THR F 153 -16.26 20.42 14.75
N ASP F 154 -15.64 19.49 15.47
CA ASP F 154 -14.26 19.66 15.92
C ASP F 154 -13.27 19.16 14.88
N SER F 155 -13.47 19.57 13.63
CA SER F 155 -12.58 19.21 12.53
C SER F 155 -12.69 20.23 11.40
N ALA F 156 -11.55 20.69 10.92
CA ALA F 156 -11.51 21.76 9.92
C ALA F 156 -11.90 21.28 8.53
N THR F 157 -11.39 20.12 8.14
CA THR F 157 -11.63 19.59 6.80
C THR F 157 -12.98 18.88 6.68
N ALA F 158 -13.46 18.35 7.80
CA ALA F 158 -14.73 17.63 7.80
C ALA F 158 -15.91 18.54 7.45
N ASP F 159 -15.90 19.73 8.03
CA ASP F 159 -16.93 20.73 7.75
C ASP F 159 -16.89 21.15 6.28
N LEU F 160 -15.69 21.18 5.71
CA LEU F 160 -15.52 21.54 4.31
C LEU F 160 -15.99 20.42 3.37
N VAL F 161 -15.66 19.19 3.72
CA VAL F 161 -16.10 18.02 2.95
C VAL F 161 -17.63 17.91 2.96
N LYS F 162 -18.23 18.18 4.11
CA LYS F 162 -19.68 18.23 4.22
C LYS F 162 -20.28 19.37 3.40
N ALA F 163 -19.64 20.54 3.47
CA ALA F 163 -20.13 21.72 2.77
C ALA F 163 -20.14 21.49 1.25
N VAL F 164 -19.10 20.83 0.77
CA VAL F 164 -19.02 20.42 -0.63
C VAL F 164 -20.08 19.36 -0.91
N GLY F 165 -20.25 18.43 0.03
CA GLY F 165 -21.20 17.35 -0.12
C GLY F 165 -22.65 17.81 -0.09
N LEU F 166 -22.87 19.07 0.27
CA LEU F 166 -24.22 19.63 0.30
C LEU F 166 -24.67 20.09 -1.08
N ILE F 167 -23.76 20.71 -1.82
CA ILE F 167 -24.08 21.25 -3.14
C ILE F 167 -23.71 20.29 -4.27
N ALA F 168 -22.78 19.38 -4.00
CA ALA F 168 -22.41 18.36 -4.98
C ALA F 168 -23.44 17.23 -4.97
N GLY F 169 -24.23 17.17 -3.91
CA GLY F 169 -25.27 16.15 -3.79
C GLY F 169 -26.58 16.62 -4.38
N ALA F 170 -26.71 17.94 -4.56
CA ALA F 170 -27.91 18.52 -5.15
C ALA F 170 -27.79 18.58 -6.67
N GLY F 171 -26.59 18.34 -7.16
CA GLY F 171 -26.34 18.30 -8.60
C GLY F 171 -26.01 19.64 -9.22
N LEU F 172 -25.17 20.41 -8.55
CA LEU F 172 -24.70 21.68 -9.10
C LEU F 172 -23.20 21.63 -9.38
N GLN F 173 -22.65 22.77 -9.78
CA GLN F 173 -21.23 22.84 -10.10
C GLN F 173 -20.38 22.79 -8.83
N VAL F 174 -19.31 22.00 -8.88
CA VAL F 174 -18.36 21.92 -7.77
C VAL F 174 -17.79 23.30 -7.44
N PRO F 175 -17.88 23.69 -6.16
CA PRO F 175 -17.48 25.02 -5.67
C PRO F 175 -16.08 25.42 -6.12
N ASN F 176 -15.96 26.62 -6.69
CA ASN F 176 -14.70 27.10 -7.21
C ASN F 176 -13.80 27.68 -6.13
N GLY F 177 -14.42 28.29 -5.12
CA GLY F 177 -13.66 28.92 -4.06
C GLY F 177 -14.27 28.78 -2.68
N VAL F 178 -13.48 29.16 -1.68
CA VAL F 178 -13.92 29.11 -0.29
C VAL F 178 -13.17 30.14 0.55
N ALA F 179 -13.93 31.02 1.21
CA ALA F 179 -13.36 32.00 2.13
C ALA F 179 -13.65 31.57 3.56
N LEU F 180 -12.73 31.84 4.48
CA LEU F 180 -12.90 31.37 5.86
C LEU F 180 -12.28 32.28 6.92
N ASP F 181 -12.85 32.23 8.11
CA ASP F 181 -12.41 33.02 9.25
C ASP F 181 -10.99 32.64 9.67
N PRO F 182 -10.20 33.64 10.12
CA PRO F 182 -8.80 33.47 10.53
C PRO F 182 -8.53 32.28 11.44
N ALA F 183 -9.37 32.08 12.46
CA ALA F 183 -9.21 30.97 13.38
C ALA F 183 -9.40 29.63 12.68
N PHE F 184 -10.54 29.49 12.00
CA PHE F 184 -10.83 28.31 11.21
C PHE F 184 -9.76 28.11 10.13
N SER F 185 -9.30 29.21 9.55
CA SER F 185 -8.27 29.18 8.52
C SER F 185 -6.99 28.56 9.04
N PHE F 186 -6.61 28.91 10.27
CA PHE F 186 -5.45 28.31 10.91
C PHE F 186 -5.71 26.84 11.21
N ALA F 187 -6.92 26.54 11.68
CA ALA F 187 -7.31 25.19 12.01
C ALA F 187 -7.21 24.26 10.80
N LEU F 188 -7.36 24.83 9.61
CA LEU F 188 -7.28 24.06 8.38
C LEU F 188 -5.85 23.61 8.08
N SER F 189 -4.93 24.58 8.08
CA SER F 189 -3.56 24.33 7.66
C SER F 189 -2.78 23.40 8.59
N THR F 190 -3.31 23.17 9.80
CA THR F 190 -2.61 22.35 10.77
C THR F 190 -3.38 21.07 11.11
N GLU F 191 -4.35 20.70 10.29
CA GLU F 191 -5.08 19.45 10.46
C GLU F 191 -4.14 18.29 10.20
N VAL F 192 -4.31 17.21 10.96
CA VAL F 192 -3.33 16.11 10.94
C VAL F 192 -3.96 14.72 10.81
N TYR F 193 -5.03 14.61 10.02
CA TYR F 193 -5.74 13.35 9.80
C TYR F 193 -6.40 12.79 11.06
N PRO F 194 -7.47 12.01 10.89
CA PRO F 194 -8.12 11.37 12.04
C PRO F 194 -7.34 10.18 12.57
N LYS F 195 -7.93 9.44 13.49
CA LYS F 195 -7.30 8.24 14.05
C LYS F 195 -7.73 6.99 13.29
N GLY F 196 -6.76 6.31 12.68
CA GLY F 196 -7.04 5.12 11.92
C GLY F 196 -6.53 5.20 10.49
N SER F 197 -6.45 6.43 9.98
CA SER F 197 -5.93 6.67 8.64
C SER F 197 -4.46 6.26 8.54
N PRO F 198 -4.02 5.83 7.35
CA PRO F 198 -2.66 5.36 7.10
C PRO F 198 -1.55 6.33 7.49
N LEU F 199 -1.89 7.58 7.78
CA LEU F 199 -0.89 8.56 8.21
C LEU F 199 -1.11 9.03 9.65
N ALA F 200 -2.38 9.20 10.03
CA ALA F 200 -2.78 9.44 11.41
C ALA F 200 -2.10 10.64 12.11
N GLY F 201 -0.78 10.69 12.09
CA GLY F 201 -0.04 11.70 12.82
C GLY F 201 0.45 12.88 11.99
N GLN F 202 0.99 12.58 10.82
CA GLN F 202 1.56 13.60 9.94
C GLN F 202 0.53 14.66 9.54
N PRO F 203 0.99 15.90 9.32
CA PRO F 203 0.09 16.98 8.90
C PRO F 203 -0.50 16.75 7.51
N MET F 204 -1.76 17.14 7.32
CA MET F 204 -2.44 16.95 6.04
C MET F 204 -1.75 17.72 4.93
N TYR F 205 -1.25 18.92 5.25
CA TYR F 205 -0.64 19.78 4.26
C TYR F 205 0.78 20.17 4.65
N PRO F 206 1.77 19.43 4.16
CA PRO F 206 3.19 19.70 4.41
C PRO F 206 3.58 21.11 3.99
N ALA F 207 3.01 21.57 2.88
CA ALA F 207 3.24 22.93 2.41
C ALA F 207 2.48 23.91 3.28
N ALA F 208 2.98 25.15 3.33
CA ALA F 208 2.37 26.23 4.10
C ALA F 208 2.24 25.89 5.58
N GLY F 209 3.31 26.16 6.33
CA GLY F 209 3.30 26.00 7.77
C GLY F 209 3.02 27.32 8.45
N PHE F 210 1.98 27.36 9.28
CA PHE F 210 1.53 28.59 9.95
C PHE F 210 1.16 29.67 8.93
N ALA F 211 0.75 29.24 7.74
CA ALA F 211 0.38 30.16 6.67
C ALA F 211 -0.94 29.74 6.05
N GLY F 212 -1.75 30.73 5.68
CA GLY F 212 -3.04 30.47 5.06
C GLY F 212 -2.89 29.76 3.74
N LEU F 213 -3.70 28.73 3.53
CA LEU F 213 -3.66 27.94 2.30
C LEU F 213 -4.02 28.78 1.08
N ASP F 214 -3.21 28.65 0.04
CA ASP F 214 -3.50 29.31 -1.24
C ASP F 214 -4.40 28.42 -2.07
N ASN F 215 -4.10 27.12 -2.08
CA ASN F 215 -4.91 26.12 -2.76
C ASN F 215 -5.37 25.02 -1.81
N TRP F 216 -6.63 24.63 -1.92
CA TRP F 216 -7.15 23.52 -1.14
C TRP F 216 -7.83 22.50 -2.05
N ARG F 217 -7.07 21.45 -2.40
CA ARG F 217 -7.51 20.37 -3.28
C ARG F 217 -8.46 20.80 -4.41
N GLY F 218 -8.06 21.82 -5.15
CA GLY F 218 -8.82 22.25 -6.31
C GLY F 218 -9.32 23.68 -6.23
N LEU F 219 -9.74 24.11 -5.05
CA LEU F 219 -10.33 25.43 -4.88
C LEU F 219 -9.33 26.41 -4.29
N ASN F 220 -9.40 27.67 -4.75
CA ASN F 220 -8.55 28.72 -4.20
C ASN F 220 -9.11 29.25 -2.88
N VAL F 221 -8.22 29.57 -1.95
CA VAL F 221 -8.64 29.92 -0.59
C VAL F 221 -8.15 31.31 -0.17
N GLY F 222 -9.06 32.10 0.38
CA GLY F 222 -8.71 33.39 0.96
C GLY F 222 -9.14 33.46 2.41
N ALA F 223 -8.37 34.16 3.23
CA ALA F 223 -8.67 34.27 4.65
C ALA F 223 -8.75 35.73 5.10
N SER F 224 -9.90 36.12 5.62
CA SER F 224 -10.09 37.47 6.14
C SER F 224 -11.01 37.46 7.36
N SER F 225 -10.91 38.51 8.18
CA SER F 225 -11.71 38.60 9.39
C SER F 225 -13.14 39.03 9.09
N THR F 226 -13.40 39.37 7.83
CA THR F 226 -14.70 39.88 7.42
C THR F 226 -15.79 38.80 7.38
N VAL F 227 -15.42 37.63 6.88
CA VAL F 227 -16.38 36.54 6.67
C VAL F 227 -17.00 36.08 8.00
N SER F 228 -16.25 36.18 9.09
CA SER F 228 -16.74 35.76 10.40
C SER F 228 -17.72 36.77 10.98
N GLY F 229 -17.89 37.90 10.28
CA GLY F 229 -18.76 38.95 10.75
C GLY F 229 -17.97 40.13 11.27
N ALA F 230 -16.80 39.83 11.86
CA ALA F 230 -15.87 40.85 12.34
C ALA F 230 -16.47 41.69 13.48
N PRO F 231 -15.66 42.54 14.13
CA PRO F 231 -16.22 43.47 15.12
C PRO F 231 -17.30 44.40 14.56
N GLU F 232 -17.47 44.44 13.24
CA GLU F 232 -18.51 45.26 12.62
C GLU F 232 -19.91 44.80 13.02
N MET F 233 -20.17 43.50 12.92
CA MET F 233 -21.45 42.95 13.37
C MET F 233 -21.47 42.84 14.87
N SER F 234 -22.67 42.95 15.46
CA SER F 234 -22.80 43.00 16.91
C SER F 234 -23.02 41.63 17.58
N PRO F 235 -24.03 40.86 17.13
CA PRO F 235 -24.25 39.62 17.88
C PRO F 235 -23.41 38.44 17.37
N ALA F 236 -22.47 38.72 16.47
CA ALA F 236 -21.61 37.71 15.85
C ALA F 236 -22.40 36.71 15.00
N SER F 237 -22.06 36.64 13.72
CA SER F 237 -22.77 35.77 12.79
C SER F 237 -22.56 34.30 13.10
N GLY F 238 -21.38 33.97 13.61
CA GLY F 238 -21.05 32.59 13.93
C GLY F 238 -20.52 31.83 12.73
N VAL F 239 -20.55 32.48 11.56
CA VAL F 239 -20.07 31.89 10.32
C VAL F 239 -18.56 31.76 10.33
N LYS F 240 -18.06 30.59 9.95
CA LYS F 240 -16.62 30.36 9.91
C LYS F 240 -16.09 30.14 8.49
N ALA F 241 -16.97 29.77 7.57
CA ALA F 241 -16.55 29.48 6.20
C ALA F 241 -17.69 29.55 5.19
N ILE F 242 -17.45 30.25 4.08
CA ILE F 242 -18.37 30.28 2.96
C ILE F 242 -17.74 29.58 1.76
N VAL F 243 -18.40 28.55 1.27
CA VAL F 243 -17.93 27.76 0.14
C VAL F 243 -18.89 27.85 -1.04
N GLY F 244 -18.36 27.95 -2.25
CA GLY F 244 -19.22 27.97 -3.42
C GLY F 244 -18.55 28.39 -4.73
N ASP F 245 -19.36 28.45 -5.77
CA ASP F 245 -18.90 28.85 -7.09
C ASP F 245 -18.76 30.38 -7.16
N PHE F 246 -17.63 30.88 -6.69
CA PHE F 246 -17.40 32.33 -6.66
C PHE F 246 -17.15 32.93 -8.04
N SER F 247 -17.28 32.11 -9.08
CA SER F 247 -17.11 32.58 -10.45
C SER F 247 -18.35 33.31 -10.94
N ARG F 248 -19.43 33.20 -10.19
CA ARG F 248 -20.71 33.76 -10.62
C ARG F 248 -21.21 34.87 -9.69
N VAL F 249 -20.33 35.34 -8.80
CA VAL F 249 -20.64 36.53 -8.01
C VAL F 249 -19.88 37.72 -8.59
N HIS F 250 -20.62 38.63 -9.22
CA HIS F 250 -20.01 39.75 -9.93
C HIS F 250 -19.91 40.98 -9.04
N TRP F 251 -18.76 41.66 -9.11
CA TRP F 251 -18.54 42.88 -8.36
C TRP F 251 -17.50 43.74 -9.07
N GLY F 252 -17.32 44.98 -8.61
CA GLY F 252 -16.36 45.87 -9.20
C GLY F 252 -16.49 47.31 -8.74
N PHE F 253 -15.41 48.07 -8.86
CA PHE F 253 -15.43 49.48 -8.51
C PHE F 253 -15.84 50.33 -9.70
N GLN F 254 -17.03 50.93 -9.62
CA GLN F 254 -17.50 51.81 -10.67
C GLN F 254 -16.73 53.13 -10.65
N ARG F 255 -16.36 53.58 -9.46
CA ARG F 255 -15.46 54.73 -9.36
C ARG F 255 -14.73 54.75 -8.02
N ASN F 256 -13.41 54.61 -8.07
CA ASN F 256 -12.58 54.57 -6.87
C ASN F 256 -11.77 55.86 -6.71
N PHE F 257 -12.11 56.65 -5.71
CA PHE F 257 -11.40 57.89 -5.43
C PHE F 257 -10.19 57.65 -4.53
N PRO F 258 -9.20 58.57 -4.57
CA PRO F 258 -8.11 58.54 -3.60
C PRO F 258 -8.57 59.05 -2.23
N ILE F 259 -7.67 59.63 -1.46
CA ILE F 259 -8.02 60.14 -0.14
C ILE F 259 -8.00 61.66 -0.11
N GLU F 260 -9.18 62.26 -0.13
CA GLU F 260 -9.31 63.71 -0.10
C GLU F 260 -8.97 64.25 1.29
N LEU F 261 -8.82 65.57 1.40
CA LEU F 261 -8.41 66.18 2.65
C LEU F 261 -9.52 67.00 3.31
N ILE F 262 -10.12 67.91 2.54
CA ILE F 262 -11.24 68.75 3.00
C ILE F 262 -10.85 69.72 4.12
N GLU F 263 -11.20 70.98 3.95
CA GLU F 263 -10.88 72.00 4.95
C GLU F 263 -12.07 72.91 5.25
N TYR F 264 -13.07 72.91 4.37
CA TYR F 264 -14.19 73.83 4.50
C TYR F 264 -15.53 73.11 4.65
N GLY F 265 -16.59 73.89 4.82
CA GLY F 265 -17.93 73.35 4.95
C GLY F 265 -18.12 72.55 6.21
N ASP F 266 -19.20 71.77 6.27
CA ASP F 266 -19.46 70.93 7.43
C ASP F 266 -19.90 69.53 7.01
N PRO F 267 -18.93 68.66 6.71
CA PRO F 267 -19.21 67.24 6.45
C PRO F 267 -19.88 66.59 7.66
N ASP F 268 -20.57 65.47 7.44
CA ASP F 268 -21.35 64.79 8.48
C ASP F 268 -22.59 65.59 8.89
N GLN F 269 -22.57 66.89 8.58
CA GLN F 269 -23.64 67.82 8.93
C GLN F 269 -24.01 67.72 10.41
N THR F 270 -23.00 67.76 11.26
CA THR F 270 -23.22 67.72 12.71
C THR F 270 -23.60 69.11 13.21
N GLY F 271 -23.28 70.13 12.43
CA GLY F 271 -23.56 71.50 12.79
C GLY F 271 -22.29 72.21 13.23
N ARG F 272 -21.15 71.59 12.96
CA ARG F 272 -19.86 72.13 13.36
C ARG F 272 -18.98 72.43 12.15
N ASP F 273 -18.98 73.67 11.72
CA ASP F 273 -18.17 74.10 10.58
C ASP F 273 -16.69 73.89 10.88
N LEU F 274 -15.96 73.31 9.94
CA LEU F 274 -14.56 72.94 10.14
C LEU F 274 -13.65 74.13 10.45
N LYS F 275 -13.78 75.18 9.64
CA LYS F 275 -12.97 76.38 9.84
C LYS F 275 -13.36 77.10 11.13
N GLY F 276 -14.59 76.84 11.59
CA GLY F 276 -15.08 77.45 12.82
C GLY F 276 -14.59 76.73 14.06
N HIS F 277 -14.18 75.49 13.90
CA HIS F 277 -13.68 74.69 15.01
C HIS F 277 -12.23 74.27 14.81
N ASN F 278 -11.63 74.75 13.72
CA ASN F 278 -10.26 74.43 13.36
C ASN F 278 -10.01 72.93 13.27
N GLU F 279 -10.83 72.25 12.48
CA GLU F 279 -10.70 70.80 12.30
C GLU F 279 -10.58 70.45 10.82
N VAL F 280 -10.01 69.28 10.54
CA VAL F 280 -9.79 68.83 9.18
C VAL F 280 -10.36 67.42 8.98
N MET F 281 -11.30 67.29 8.05
CA MET F 281 -12.00 66.02 7.85
C MET F 281 -11.39 65.16 6.73
N VAL F 282 -10.48 64.26 7.09
CA VAL F 282 -9.91 63.32 6.13
C VAL F 282 -10.98 62.33 5.68
N ARG F 283 -11.05 62.07 4.38
CA ARG F 283 -12.16 61.35 3.77
C ARG F 283 -11.71 60.32 2.72
N ALA F 284 -12.45 59.22 2.60
CA ALA F 284 -12.18 58.20 1.60
C ALA F 284 -13.47 57.62 1.03
N GLU F 285 -13.79 58.00 -0.21
CA GLU F 285 -15.04 57.60 -0.84
C GLU F 285 -14.81 56.70 -2.05
N ALA F 286 -15.73 55.75 -2.27
CA ALA F 286 -15.70 54.92 -3.46
C ALA F 286 -17.12 54.44 -3.78
N VAL F 287 -17.39 54.14 -5.04
CA VAL F 287 -18.69 53.60 -5.41
C VAL F 287 -18.56 52.30 -6.20
N LEU F 288 -19.20 51.26 -5.69
CA LEU F 288 -19.08 49.91 -6.23
C LEU F 288 -20.44 49.23 -6.41
N TYR F 289 -20.41 47.94 -6.69
CA TYR F 289 -21.62 47.14 -6.82
C TYR F 289 -21.37 45.66 -6.54
N VAL F 290 -22.36 44.99 -5.95
CA VAL F 290 -22.27 43.55 -5.71
C VAL F 290 -23.52 42.85 -6.22
N ALA F 291 -23.32 41.90 -7.13
CA ALA F 291 -24.45 41.19 -7.74
C ALA F 291 -24.30 39.68 -7.57
N ILE F 292 -25.31 39.07 -6.97
CA ILE F 292 -25.31 37.63 -6.72
C ILE F 292 -26.26 36.90 -7.66
N GLU F 293 -25.71 36.13 -8.58
CA GLU F 293 -26.53 35.37 -9.53
C GLU F 293 -27.31 34.27 -8.82
N SER F 294 -26.64 33.16 -8.54
CA SER F 294 -27.27 32.05 -7.83
C SER F 294 -27.10 32.18 -6.33
N LEU F 295 -27.91 31.44 -5.58
CA LEU F 295 -27.82 31.43 -4.13
C LEU F 295 -27.95 30.00 -3.62
N ASP F 296 -28.43 29.11 -4.50
CA ASP F 296 -28.54 27.69 -4.18
C ASP F 296 -27.24 26.96 -4.52
N SER F 297 -26.16 27.73 -4.68
CA SER F 297 -24.87 27.16 -5.03
C SER F 297 -23.81 27.49 -3.97
N PHE F 298 -24.27 28.01 -2.84
CA PHE F 298 -23.36 28.40 -1.76
C PHE F 298 -23.68 27.69 -0.45
N ALA F 299 -22.68 27.02 0.11
CA ALA F 299 -22.79 26.39 1.41
C ALA F 299 -22.09 27.24 2.47
N VAL F 300 -22.56 27.18 3.70
CA VAL F 300 -21.98 27.98 4.77
C VAL F 300 -21.82 27.14 6.03
N VAL F 301 -20.74 27.39 6.78
CA VAL F 301 -20.44 26.63 7.98
C VAL F 301 -20.51 27.52 9.22
N LYS F 302 -21.53 27.28 10.05
CA LYS F 302 -21.72 28.09 11.25
C LYS F 302 -21.78 27.22 12.51
N GLU F 303 -21.41 27.81 13.64
CA GLU F 303 -21.42 27.10 14.91
C GLU F 303 -22.79 27.20 15.57
N ASP G 4 -25.35 -79.03 -87.93
CA ASP G 4 -25.16 -78.99 -89.38
C ASP G 4 -24.04 -78.03 -89.75
N PHE G 5 -23.79 -77.06 -88.88
CA PHE G 5 -22.76 -76.05 -89.14
C PHE G 5 -22.30 -75.36 -87.86
N LEU G 6 -21.25 -74.56 -87.97
CA LEU G 6 -20.74 -73.79 -86.85
C LEU G 6 -21.55 -72.51 -86.69
N SER G 7 -22.06 -72.27 -85.49
CA SER G 7 -22.89 -71.10 -85.23
C SER G 7 -22.25 -70.14 -84.25
N VAL G 8 -23.05 -69.18 -83.76
CA VAL G 8 -22.57 -68.19 -82.81
C VAL G 8 -22.84 -68.66 -81.37
N GLY G 9 -23.78 -69.59 -81.23
CA GLY G 9 -24.14 -70.12 -79.93
C GLY G 9 -22.98 -70.79 -79.21
N LYS G 10 -22.16 -71.52 -79.96
CA LYS G 10 -21.00 -72.19 -79.39
C LYS G 10 -19.94 -71.18 -78.97
N LEU G 11 -19.84 -70.10 -79.73
CA LEU G 11 -18.95 -69.00 -79.39
C LEU G 11 -19.71 -67.99 -78.54
N GLU G 12 -19.88 -68.31 -77.26
CA GLU G 12 -20.67 -67.48 -76.36
C GLU G 12 -20.13 -66.06 -76.24
N LEU G 13 -20.83 -65.13 -76.90
CA LEU G 13 -20.45 -63.72 -76.89
C LEU G 13 -20.93 -63.02 -75.62
N PRO G 14 -20.11 -62.11 -75.09
CA PRO G 14 -20.49 -61.32 -73.90
C PRO G 14 -21.59 -60.30 -74.20
N GLY G 15 -21.38 -59.49 -75.23
CA GLY G 15 -22.34 -58.46 -75.60
C GLY G 15 -21.72 -57.08 -75.62
N SER G 16 -22.53 -56.07 -75.30
CA SER G 16 -22.04 -54.70 -75.25
C SER G 16 -22.95 -53.84 -74.38
N MET G 17 -22.42 -52.72 -73.90
CA MET G 17 -23.16 -51.85 -73.00
C MET G 17 -23.43 -50.47 -73.61
N ILE G 18 -24.69 -50.05 -73.56
CA ILE G 18 -25.08 -48.71 -74.00
C ILE G 18 -25.83 -48.00 -72.87
N GLY G 19 -25.12 -47.82 -71.76
CA GLY G 19 -25.69 -47.35 -70.51
C GLY G 19 -26.77 -46.29 -70.53
N ALA G 20 -26.38 -45.03 -70.70
CA ALA G 20 -27.32 -43.94 -70.51
C ALA G 20 -27.31 -42.91 -71.64
N VAL G 21 -28.39 -42.14 -71.71
CA VAL G 21 -28.49 -40.99 -72.60
C VAL G 21 -28.22 -39.75 -71.77
N ARG G 22 -27.40 -38.84 -72.29
CA ARG G 22 -26.90 -37.71 -71.51
C ARG G 22 -27.97 -36.70 -71.10
N ASP G 23 -29.00 -36.51 -71.93
CA ASP G 23 -29.99 -35.49 -71.64
C ASP G 23 -31.44 -35.95 -71.83
N ARG G 24 -32.05 -36.44 -70.75
CA ARG G 24 -33.47 -36.73 -70.74
C ARG G 24 -34.23 -35.56 -70.12
N ALA G 25 -35.51 -35.44 -70.44
CA ALA G 25 -36.35 -34.40 -69.85
C ALA G 25 -36.85 -34.85 -68.48
N ILE G 26 -36.52 -34.06 -67.45
CA ILE G 26 -36.94 -34.37 -66.09
C ILE G 26 -37.89 -33.29 -65.57
N ASP G 27 -38.90 -33.71 -64.81
CA ASP G 27 -39.88 -32.79 -64.25
C ASP G 27 -39.22 -31.69 -63.42
N SER G 28 -38.28 -32.11 -62.55
CA SER G 28 -37.49 -31.18 -61.73
C SER G 28 -38.37 -30.24 -60.92
N GLY G 29 -38.11 -28.94 -61.02
CA GLY G 29 -38.88 -27.97 -60.27
C GLY G 29 -39.49 -26.81 -61.03
N VAL G 30 -40.82 -26.75 -61.03
CA VAL G 30 -41.58 -25.69 -61.69
C VAL G 30 -41.48 -24.28 -61.10
N LEU G 31 -41.47 -24.20 -59.77
CA LEU G 31 -41.47 -22.92 -59.06
C LEU G 31 -40.33 -22.02 -59.50
N ALA G 32 -39.16 -22.61 -59.71
CA ALA G 32 -37.97 -21.86 -60.11
C ALA G 32 -38.18 -21.11 -61.42
N LYS G 33 -39.28 -21.43 -62.11
CA LYS G 33 -39.57 -20.83 -63.41
C LYS G 33 -40.41 -19.56 -63.27
N LEU G 34 -41.17 -19.48 -62.19
CA LEU G 34 -42.16 -18.42 -62.02
C LEU G 34 -41.64 -17.23 -61.21
N SER G 35 -40.55 -17.43 -60.48
CA SER G 35 -39.99 -16.38 -59.65
C SER G 35 -38.48 -16.54 -59.47
N PRO G 36 -37.76 -15.42 -59.35
CA PRO G 36 -36.30 -15.44 -59.15
C PRO G 36 -35.89 -16.17 -57.87
N GLU G 37 -34.61 -16.48 -57.75
CA GLU G 37 -34.15 -17.33 -56.65
C GLU G 37 -33.85 -16.57 -55.36
N GLN G 38 -33.40 -15.32 -55.48
CA GLN G 38 -33.08 -14.48 -54.31
C GLN G 38 -32.27 -15.19 -53.22
N PRO G 39 -31.01 -15.53 -53.52
CA PRO G 39 -30.18 -16.25 -52.55
C PRO G 39 -29.74 -15.35 -51.39
N THR G 40 -29.73 -15.89 -50.18
CA THR G 40 -29.36 -15.12 -48.99
C THR G 40 -28.44 -15.88 -48.05
N ILE G 41 -27.99 -15.20 -47.01
CA ILE G 41 -27.14 -15.79 -45.97
C ILE G 41 -27.97 -16.76 -45.12
N PHE G 42 -27.31 -17.73 -44.49
CA PHE G 42 -27.99 -18.67 -43.61
C PHE G 42 -28.64 -17.94 -42.45
N GLY G 43 -29.82 -18.41 -42.05
CA GLY G 43 -30.58 -17.78 -40.98
C GLY G 43 -31.98 -17.43 -41.45
N PRO G 44 -32.87 -17.14 -40.50
CA PRO G 44 -34.27 -16.78 -40.80
C PRO G 44 -34.38 -15.51 -41.63
N VAL G 45 -35.18 -15.57 -42.69
CA VAL G 45 -35.33 -14.44 -43.61
C VAL G 45 -36.59 -13.65 -43.31
N LYS G 46 -36.47 -12.32 -43.30
CA LYS G 46 -37.63 -11.46 -43.07
C LYS G 46 -37.71 -10.34 -44.11
N GLY G 47 -38.92 -10.03 -44.54
CA GLY G 47 -39.16 -8.98 -45.50
C GLY G 47 -40.40 -8.16 -45.19
N ALA G 48 -40.77 -7.27 -46.10
CA ALA G 48 -41.94 -6.42 -45.91
C ALA G 48 -43.06 -6.78 -46.89
N VAL G 49 -44.30 -6.73 -46.41
CA VAL G 49 -45.45 -7.04 -47.25
C VAL G 49 -46.37 -5.83 -47.44
N PHE G 50 -46.43 -5.30 -48.66
CA PHE G 50 -47.35 -4.22 -48.98
C PHE G 50 -48.67 -4.80 -49.49
N SER G 51 -49.75 -4.56 -48.75
CA SER G 51 -51.01 -5.23 -49.01
C SER G 51 -52.05 -4.37 -49.72
N GLY G 52 -52.54 -3.34 -49.02
CA GLY G 52 -53.64 -2.54 -49.50
C GLY G 52 -53.38 -1.71 -50.74
N VAL G 53 -54.36 -0.88 -51.10
CA VAL G 53 -54.26 -0.01 -52.26
C VAL G 53 -54.70 1.42 -51.92
N PRO G 54 -53.80 2.40 -52.10
CA PRO G 54 -54.10 3.80 -51.82
C PRO G 54 -54.93 4.45 -52.92
N ARG G 55 -55.93 5.23 -52.53
CA ARG G 55 -56.78 5.92 -53.50
C ARG G 55 -56.86 7.41 -53.21
N ALA G 56 -56.47 8.21 -54.19
CA ALA G 56 -56.46 9.66 -54.05
C ALA G 56 -57.89 10.21 -54.03
N LYS G 57 -58.03 11.44 -53.57
CA LYS G 57 -59.34 12.07 -53.48
C LYS G 57 -59.34 13.44 -54.15
N ILE G 58 -60.44 13.76 -54.83
CA ILE G 58 -60.59 15.05 -55.48
C ILE G 58 -60.65 16.17 -54.43
N VAL G 59 -59.79 17.17 -54.60
CA VAL G 59 -59.70 18.25 -53.63
C VAL G 59 -60.06 19.60 -54.23
N GLY G 60 -61.00 20.29 -53.59
CA GLY G 60 -61.35 21.65 -54.00
C GLY G 60 -60.27 22.63 -53.54
N GLU G 61 -60.42 23.90 -53.90
CA GLU G 61 -59.42 24.89 -53.56
C GLU G 61 -59.42 25.22 -52.07
N GLY G 62 -60.38 24.70 -51.34
CA GLY G 62 -60.50 24.98 -49.92
C GLY G 62 -60.54 23.76 -49.01
N GLU G 63 -61.13 22.67 -49.52
CA GLU G 63 -61.33 21.46 -48.71
C GLU G 63 -60.00 20.84 -48.24
N VAL G 64 -60.08 20.09 -47.14
CA VAL G 64 -58.91 19.49 -46.53
C VAL G 64 -58.43 18.26 -47.30
N LYS G 65 -57.14 18.25 -47.65
CA LYS G 65 -56.54 17.10 -48.33
C LYS G 65 -56.33 15.95 -47.34
N PRO G 66 -57.12 14.87 -47.50
CA PRO G 66 -57.14 13.76 -46.54
C PRO G 66 -55.98 12.79 -46.71
N SER G 67 -55.88 11.82 -45.80
CA SER G 67 -54.82 10.83 -45.85
C SER G 67 -55.40 9.42 -46.02
N ALA G 68 -54.74 8.60 -46.83
CA ALA G 68 -55.16 7.23 -47.03
C ALA G 68 -54.47 6.31 -46.02
N SER G 69 -54.94 5.07 -45.92
CA SER G 69 -54.40 4.13 -44.96
C SER G 69 -53.87 2.87 -45.63
N VAL G 70 -52.55 2.70 -45.62
CA VAL G 70 -51.92 1.51 -46.14
C VAL G 70 -51.26 0.71 -45.01
N ASP G 71 -51.55 -0.58 -44.95
CA ASP G 71 -51.04 -1.42 -43.88
C ASP G 71 -49.87 -2.29 -44.34
N VAL G 72 -48.69 -2.03 -43.80
CA VAL G 72 -47.51 -2.81 -44.13
C VAL G 72 -47.30 -3.91 -43.10
N SER G 73 -47.19 -5.14 -43.58
CA SER G 73 -46.96 -6.30 -42.71
C SER G 73 -45.54 -6.82 -42.89
N ALA G 74 -45.24 -7.94 -42.24
CA ALA G 74 -43.92 -8.54 -42.31
C ALA G 74 -43.98 -10.06 -42.13
N PHE G 75 -43.37 -10.79 -43.05
CA PHE G 75 -43.34 -12.25 -42.96
C PHE G 75 -42.04 -12.73 -42.34
N THR G 76 -41.95 -14.04 -42.14
CA THR G 76 -40.74 -14.64 -41.61
C THR G 76 -40.63 -16.10 -42.04
N ALA G 77 -39.46 -16.47 -42.58
CA ALA G 77 -39.25 -17.81 -43.08
C ALA G 77 -38.02 -18.44 -42.43
N GLN G 78 -38.25 -19.55 -41.74
CA GLN G 78 -37.16 -20.29 -41.11
C GLN G 78 -36.50 -21.23 -42.11
N PRO G 79 -35.15 -21.24 -42.13
CA PRO G 79 -34.42 -22.09 -43.07
C PRO G 79 -34.60 -23.57 -42.78
N ILE G 80 -34.92 -24.34 -43.82
CA ILE G 80 -35.08 -25.79 -43.69
C ILE G 80 -34.09 -26.53 -44.57
N LYS G 81 -33.53 -27.61 -44.01
CA LYS G 81 -32.56 -28.42 -44.73
C LYS G 81 -33.17 -29.68 -45.34
N VAL G 82 -33.03 -29.82 -46.65
CA VAL G 82 -33.49 -31.03 -47.33
C VAL G 82 -32.29 -31.85 -47.83
N VAL G 83 -32.35 -33.15 -47.59
CA VAL G 83 -31.23 -34.04 -47.87
C VAL G 83 -31.69 -35.33 -48.55
N THR G 84 -31.02 -35.70 -49.64
CA THR G 84 -31.30 -36.96 -50.31
C THR G 84 -30.05 -37.84 -50.36
N GLN G 85 -30.13 -39.01 -49.75
CA GLN G 85 -28.99 -39.91 -49.66
C GLN G 85 -29.25 -41.21 -50.42
N GLN G 86 -28.17 -41.88 -50.79
CA GLN G 86 -28.25 -43.16 -51.50
C GLN G 86 -26.93 -43.91 -51.43
N ARG G 87 -27.00 -45.22 -51.27
CA ARG G 87 -25.80 -46.04 -51.15
C ARG G 87 -25.67 -47.06 -52.29
N VAL G 88 -24.52 -47.06 -52.94
CA VAL G 88 -24.21 -48.01 -54.00
C VAL G 88 -23.01 -48.86 -53.62
N SER G 89 -22.94 -50.07 -54.15
CA SER G 89 -21.85 -50.98 -53.84
C SER G 89 -20.56 -50.56 -54.53
N ASP G 90 -19.44 -50.97 -53.94
CA ASP G 90 -18.13 -50.68 -54.51
C ASP G 90 -17.97 -51.35 -55.88
N GLU G 91 -18.47 -52.57 -55.98
CA GLU G 91 -18.42 -53.33 -57.23
C GLU G 91 -19.18 -52.60 -58.33
N PHE G 92 -20.31 -52.01 -57.97
CA PHE G 92 -21.12 -51.25 -58.92
C PHE G 92 -20.39 -50.00 -59.39
N MET G 93 -19.80 -49.28 -58.44
CA MET G 93 -19.02 -48.08 -58.73
C MET G 93 -17.87 -48.38 -59.67
N TRP G 94 -17.29 -49.57 -59.51
CA TRP G 94 -16.25 -50.06 -60.41
C TRP G 94 -16.82 -50.35 -61.80
N ALA G 95 -17.98 -51.00 -61.81
CA ALA G 95 -18.63 -51.41 -63.05
C ALA G 95 -18.99 -50.23 -63.94
N ASP G 96 -19.31 -49.10 -63.31
CA ASP G 96 -19.64 -47.89 -64.05
C ASP G 96 -18.42 -47.30 -64.75
N ALA G 97 -17.26 -47.48 -64.12
CA ALA G 97 -16.00 -46.92 -64.62
C ALA G 97 -15.32 -47.83 -65.64
N ASP G 98 -15.60 -49.13 -65.53
CA ASP G 98 -14.96 -50.12 -66.40
C ASP G 98 -15.64 -50.27 -67.75
N TYR G 99 -16.96 -50.14 -67.77
CA TYR G 99 -17.73 -50.37 -69.00
C TYR G 99 -18.14 -49.08 -69.71
N ARG G 100 -17.63 -47.95 -69.22
CA ARG G 100 -17.99 -46.63 -69.77
C ARG G 100 -19.51 -46.45 -69.74
N LEU G 101 -20.12 -46.86 -68.63
CA LEU G 101 -21.57 -46.86 -68.50
C LEU G 101 -22.12 -45.46 -68.28
N GLY G 102 -21.53 -44.76 -67.31
CA GLY G 102 -21.92 -43.38 -67.03
C GLY G 102 -23.14 -43.24 -66.15
N VAL G 103 -23.53 -44.31 -65.49
CA VAL G 103 -24.72 -44.32 -64.64
C VAL G 103 -24.61 -43.32 -63.48
N LEU G 104 -23.45 -43.29 -62.85
CA LEU G 104 -23.23 -42.45 -61.67
C LEU G 104 -23.27 -40.96 -62.00
N GLN G 105 -23.12 -40.63 -63.28
CA GLN G 105 -23.05 -39.22 -63.70
C GLN G 105 -24.23 -38.81 -64.57
N ASP G 106 -24.87 -39.78 -65.23
CA ASP G 106 -25.93 -39.47 -66.19
C ASP G 106 -27.33 -39.84 -65.69
N LEU G 107 -27.41 -40.47 -64.52
CA LEU G 107 -28.70 -40.91 -63.99
C LEU G 107 -28.90 -40.58 -62.51
N ILE G 108 -27.93 -40.95 -61.68
CA ILE G 108 -28.03 -40.73 -60.25
C ILE G 108 -27.95 -39.23 -59.91
N SER G 109 -26.94 -38.56 -60.46
CA SER G 109 -26.77 -37.14 -60.23
C SER G 109 -27.92 -36.27 -60.75
N PRO G 110 -28.43 -36.55 -61.97
CA PRO G 110 -29.60 -35.77 -62.39
C PRO G 110 -30.83 -35.98 -61.51
N ALA G 111 -31.09 -37.23 -61.12
CA ALA G 111 -32.26 -37.54 -60.31
C ALA G 111 -32.17 -36.89 -58.92
N LEU G 112 -31.07 -37.15 -58.22
CA LEU G 112 -30.85 -36.60 -56.89
C LEU G 112 -30.78 -35.07 -56.92
N GLY G 113 -30.23 -34.53 -58.00
CA GLY G 113 -30.14 -33.09 -58.16
C GLY G 113 -31.49 -32.46 -58.40
N ALA G 114 -32.36 -33.18 -59.09
CA ALA G 114 -33.71 -32.68 -59.38
C ALA G 114 -34.64 -32.85 -58.19
N SER G 115 -34.34 -33.82 -57.34
CA SER G 115 -35.19 -34.12 -56.20
C SER G 115 -35.26 -32.96 -55.21
N ILE G 116 -34.12 -32.33 -54.94
CA ILE G 116 -34.05 -31.24 -53.99
C ILE G 116 -34.63 -29.95 -54.58
N GLY G 117 -34.66 -29.87 -55.91
CA GLY G 117 -35.27 -28.75 -56.60
C GLY G 117 -36.75 -29.00 -56.77
N ARG G 118 -37.16 -30.21 -56.41
CA ARG G 118 -38.55 -30.64 -56.47
C ARG G 118 -39.21 -30.46 -55.12
N ALA G 119 -38.41 -30.68 -54.07
CA ALA G 119 -38.85 -30.52 -52.70
C ALA G 119 -39.28 -29.09 -52.41
N VAL G 120 -38.64 -28.13 -53.08
CA VAL G 120 -39.00 -26.73 -52.95
C VAL G 120 -40.45 -26.53 -53.36
N ASP G 121 -40.78 -27.04 -54.55
CA ASP G 121 -42.12 -26.90 -55.10
C ASP G 121 -43.15 -27.65 -54.28
N LEU G 122 -42.78 -28.81 -53.77
CA LEU G 122 -43.70 -29.59 -52.94
C LEU G 122 -44.00 -28.90 -51.61
N ILE G 123 -42.96 -28.34 -51.00
CA ILE G 123 -43.10 -27.60 -49.74
C ILE G 123 -43.93 -26.35 -49.94
N ALA G 124 -43.69 -25.63 -51.03
CA ALA G 124 -44.42 -24.40 -51.30
C ALA G 124 -45.88 -24.65 -51.66
N PHE G 125 -46.13 -25.71 -52.40
CA PHE G 125 -47.47 -25.96 -52.93
C PHE G 125 -48.37 -26.78 -52.01
N HIS G 126 -47.78 -27.55 -51.10
CA HIS G 126 -48.59 -28.42 -50.24
C HIS G 126 -48.15 -28.42 -48.79
N GLY G 127 -46.99 -27.82 -48.52
CA GLY G 127 -46.46 -27.79 -47.16
C GLY G 127 -46.16 -29.18 -46.62
N ILE G 128 -45.92 -30.12 -47.53
CA ILE G 128 -45.70 -31.51 -47.16
C ILE G 128 -44.25 -31.92 -47.43
N ASP G 129 -43.67 -32.72 -46.54
CA ASP G 129 -42.31 -33.20 -46.77
C ASP G 129 -42.34 -34.33 -47.80
N PRO G 130 -41.38 -34.32 -48.73
CA PRO G 130 -41.35 -35.25 -49.86
C PRO G 130 -41.21 -36.71 -49.43
N ALA G 131 -40.50 -36.96 -48.34
CA ALA G 131 -40.23 -38.33 -47.90
C ALA G 131 -41.50 -39.08 -47.52
N THR G 132 -42.27 -38.51 -46.60
CA THR G 132 -43.49 -39.14 -46.13
C THR G 132 -44.72 -38.28 -46.43
N GLY G 133 -45.83 -38.93 -46.77
CA GLY G 133 -47.04 -38.22 -47.11
C GLY G 133 -47.78 -37.63 -45.91
N LYS G 134 -47.07 -36.86 -45.10
CA LYS G 134 -47.65 -36.24 -43.91
C LYS G 134 -47.32 -34.75 -43.86
N ALA G 135 -48.23 -33.97 -43.27
CA ALA G 135 -48.04 -32.52 -43.16
C ALA G 135 -46.79 -32.18 -42.35
N ALA G 136 -45.98 -31.27 -42.87
CA ALA G 136 -44.75 -30.86 -42.20
C ALA G 136 -45.05 -29.91 -41.03
N SER G 137 -44.28 -30.04 -39.96
CA SER G 137 -44.50 -29.23 -38.76
C SER G 137 -43.78 -27.89 -38.83
N ALA G 138 -42.81 -27.78 -39.73
CA ALA G 138 -42.00 -26.58 -39.84
C ALA G 138 -42.72 -25.47 -40.60
N VAL G 139 -43.50 -25.84 -41.61
CA VAL G 139 -44.20 -24.87 -42.44
C VAL G 139 -45.63 -24.65 -41.95
N HIS G 140 -46.01 -23.39 -41.77
CA HIS G 140 -47.34 -23.04 -41.29
C HIS G 140 -48.38 -23.08 -42.40
N THR G 141 -48.17 -22.29 -43.44
CA THR G 141 -49.14 -22.17 -44.51
C THR G 141 -48.59 -22.67 -45.85
N SER G 142 -49.46 -23.30 -46.63
CA SER G 142 -49.11 -23.77 -47.97
C SER G 142 -49.98 -23.09 -49.01
N LEU G 143 -49.57 -23.19 -50.27
CA LEU G 143 -50.28 -22.51 -51.35
C LEU G 143 -51.57 -23.23 -51.73
N ASN G 144 -51.68 -24.50 -51.33
CA ASN G 144 -52.87 -25.29 -51.60
C ASN G 144 -54.04 -24.82 -50.74
N LYS G 145 -53.77 -24.57 -49.47
CA LYS G 145 -54.80 -24.10 -48.54
C LYS G 145 -55.11 -22.63 -48.76
N THR G 146 -56.05 -22.36 -49.67
CA THR G 146 -56.49 -20.99 -49.94
C THR G 146 -58.01 -20.95 -50.08
N LYS G 147 -58.60 -19.81 -49.77
CA LYS G 147 -60.04 -19.65 -49.82
C LYS G 147 -60.56 -19.66 -51.26
N ASN G 148 -59.80 -19.05 -52.16
CA ASN G 148 -60.16 -19.04 -53.58
C ASN G 148 -60.06 -20.44 -54.18
N ILE G 149 -61.21 -21.02 -54.50
CA ILE G 149 -61.26 -22.39 -55.01
C ILE G 149 -62.33 -22.54 -56.10
N VAL G 150 -61.97 -23.21 -57.18
CA VAL G 150 -62.92 -23.49 -58.26
C VAL G 150 -62.97 -24.98 -58.56
N ASP G 151 -64.19 -25.51 -58.67
CA ASP G 151 -64.38 -26.93 -58.94
C ASP G 151 -63.96 -27.29 -60.37
N ALA G 152 -63.26 -28.40 -60.51
CA ALA G 152 -62.76 -28.85 -61.81
C ALA G 152 -63.90 -29.33 -62.71
N THR G 153 -63.99 -28.76 -63.89
CA THR G 153 -65.02 -29.13 -64.85
C THR G 153 -64.41 -29.95 -65.99
N ASP G 154 -65.22 -30.22 -67.02
CA ASP G 154 -64.75 -30.98 -68.17
C ASP G 154 -63.85 -30.11 -69.05
N SER G 155 -64.26 -28.86 -69.25
CA SER G 155 -63.46 -27.91 -70.01
C SER G 155 -62.27 -27.44 -69.17
N ALA G 156 -61.09 -27.43 -69.77
CA ALA G 156 -59.86 -27.11 -69.04
C ALA G 156 -59.55 -25.62 -69.02
N THR G 157 -59.93 -24.92 -70.09
CA THR G 157 -59.63 -23.49 -70.21
C THR G 157 -60.65 -22.60 -69.48
N ALA G 158 -61.92 -22.94 -69.60
CA ALA G 158 -62.98 -22.16 -68.98
C ALA G 158 -62.83 -22.18 -67.47
N ASP G 159 -62.40 -23.31 -66.94
CA ASP G 159 -62.18 -23.48 -65.51
C ASP G 159 -61.04 -22.58 -65.04
N LEU G 160 -60.01 -22.46 -65.88
CA LEU G 160 -58.85 -21.62 -65.56
C LEU G 160 -59.22 -20.14 -65.59
N VAL G 161 -60.10 -19.79 -66.52
CA VAL G 161 -60.59 -18.41 -66.64
C VAL G 161 -61.42 -18.03 -65.42
N LYS G 162 -62.34 -18.91 -65.07
CA LYS G 162 -63.16 -18.73 -63.88
C LYS G 162 -62.29 -18.68 -62.62
N ALA G 163 -61.13 -19.34 -62.68
CA ALA G 163 -60.17 -19.32 -61.57
C ALA G 163 -59.47 -17.97 -61.43
N VAL G 164 -58.93 -17.47 -62.54
CA VAL G 164 -58.23 -16.19 -62.56
C VAL G 164 -59.19 -15.01 -62.34
N GLY G 165 -60.48 -15.26 -62.54
CA GLY G 165 -61.48 -14.22 -62.35
C GLY G 165 -61.59 -13.79 -60.90
N LEU G 166 -61.24 -14.69 -59.99
CA LEU G 166 -61.30 -14.41 -58.56
C LEU G 166 -60.09 -13.61 -58.08
N ILE G 167 -59.03 -13.63 -58.88
CA ILE G 167 -57.78 -12.96 -58.51
C ILE G 167 -57.63 -11.61 -59.21
N ALA G 168 -58.23 -11.49 -60.39
CA ALA G 168 -58.14 -10.28 -61.19
C ALA G 168 -58.73 -9.06 -60.49
N GLY G 169 -59.77 -9.30 -59.68
CA GLY G 169 -60.47 -8.22 -59.01
C GLY G 169 -59.84 -7.77 -57.71
N ALA G 170 -58.70 -7.08 -57.81
CA ALA G 170 -58.03 -6.55 -56.63
C ALA G 170 -57.15 -5.35 -57.00
N GLY G 171 -56.65 -4.67 -55.97
CA GLY G 171 -55.87 -3.46 -56.18
C GLY G 171 -54.37 -3.69 -56.28
N LEU G 172 -53.79 -3.17 -57.37
CA LEU G 172 -52.34 -3.16 -57.57
C LEU G 172 -51.71 -4.56 -57.59
N GLN G 173 -52.50 -5.58 -57.92
CA GLN G 173 -51.96 -6.91 -58.08
C GLN G 173 -52.60 -7.64 -59.28
N VAL G 174 -51.75 -8.21 -60.12
CA VAL G 174 -52.20 -8.90 -61.33
C VAL G 174 -51.55 -10.28 -61.42
N PRO G 175 -52.36 -11.31 -61.68
CA PRO G 175 -51.88 -12.69 -61.85
C PRO G 175 -50.74 -12.78 -62.88
N ASN G 176 -49.61 -13.31 -62.46
CA ASN G 176 -48.43 -13.35 -63.31
C ASN G 176 -48.04 -14.78 -63.70
N GLY G 177 -48.32 -15.73 -62.82
CA GLY G 177 -47.89 -17.10 -63.03
C GLY G 177 -48.96 -18.16 -62.83
N VAL G 178 -48.83 -19.24 -63.60
CA VAL G 178 -49.71 -20.39 -63.51
C VAL G 178 -48.91 -21.68 -63.44
N ALA G 179 -49.20 -22.51 -62.45
CA ALA G 179 -48.56 -23.82 -62.32
C ALA G 179 -49.55 -24.91 -62.69
N LEU G 180 -49.15 -25.82 -63.57
CA LEU G 180 -50.07 -26.81 -64.12
C LEU G 180 -49.63 -28.24 -63.90
N ASP G 181 -50.60 -29.11 -63.62
CA ASP G 181 -50.38 -30.55 -63.59
C ASP G 181 -50.08 -31.03 -65.01
N PRO G 182 -49.15 -32.00 -65.15
CA PRO G 182 -48.69 -32.46 -66.46
C PRO G 182 -49.81 -32.93 -67.40
N ALA G 183 -50.90 -33.43 -66.84
CA ALA G 183 -52.02 -33.91 -67.64
C ALA G 183 -52.93 -32.76 -68.05
N PHE G 184 -52.91 -31.69 -67.26
CA PHE G 184 -53.79 -30.54 -67.50
C PHE G 184 -53.26 -29.64 -68.60
N SER G 185 -51.94 -29.60 -68.75
CA SER G 185 -51.29 -28.70 -69.72
C SER G 185 -51.63 -29.06 -71.17
N PHE G 186 -51.78 -30.34 -71.44
CA PHE G 186 -52.03 -30.81 -72.80
C PHE G 186 -53.46 -30.51 -73.26
N ALA G 187 -54.30 -30.08 -72.32
CA ALA G 187 -55.67 -29.71 -72.65
C ALA G 187 -55.80 -28.20 -72.83
N LEU G 188 -54.77 -27.60 -73.40
CA LEU G 188 -54.76 -26.15 -73.65
C LEU G 188 -54.22 -25.84 -75.04
N LEU G 213 -46.11 -25.52 -73.38
CA LEU G 213 -46.42 -24.10 -73.40
C LEU G 213 -45.56 -23.32 -72.39
N ASP G 214 -44.90 -22.28 -72.89
CA ASP G 214 -44.07 -21.43 -72.04
C ASP G 214 -44.81 -20.13 -71.72
N ASN G 215 -45.75 -19.77 -72.59
CA ASN G 215 -46.54 -18.57 -72.41
C ASN G 215 -48.02 -18.81 -72.67
N TRP G 216 -48.89 -18.11 -71.95
CA TRP G 216 -50.32 -18.29 -72.09
C TRP G 216 -50.98 -17.03 -72.67
N ARG G 217 -52.20 -16.74 -72.23
CA ARG G 217 -52.92 -15.57 -72.71
C ARG G 217 -52.32 -14.28 -72.16
N GLY G 218 -51.47 -14.41 -71.15
CA GLY G 218 -50.80 -13.27 -70.56
C GLY G 218 -50.10 -13.63 -69.26
N LEU G 219 -49.75 -14.90 -69.10
CA LEU G 219 -49.09 -15.37 -67.89
C LEU G 219 -47.88 -16.24 -68.21
N ASN G 220 -47.08 -16.52 -67.18
CA ASN G 220 -46.00 -17.49 -67.29
C ASN G 220 -46.49 -18.87 -66.88
N VAL G 221 -46.19 -19.87 -67.69
CA VAL G 221 -46.70 -21.21 -67.45
C VAL G 221 -45.59 -22.25 -67.29
N GLY G 222 -45.61 -22.95 -66.17
CA GLY G 222 -44.69 -24.04 -65.92
C GLY G 222 -45.46 -25.32 -65.58
N ALA G 223 -45.08 -26.42 -66.22
CA ALA G 223 -45.77 -27.68 -66.01
C ALA G 223 -44.89 -28.70 -65.29
N SER G 224 -45.38 -29.22 -64.17
CA SER G 224 -44.66 -30.23 -63.40
C SER G 224 -45.62 -31.09 -62.58
N SER G 225 -45.15 -32.27 -62.18
CA SER G 225 -45.97 -33.21 -61.43
C SER G 225 -46.28 -32.72 -60.01
N THR G 226 -45.38 -31.89 -59.48
CA THR G 226 -45.48 -31.40 -58.11
C THR G 226 -46.81 -30.71 -57.83
N VAL G 227 -47.35 -30.04 -58.84
CA VAL G 227 -48.61 -29.33 -58.70
C VAL G 227 -49.74 -30.28 -58.33
N SER G 228 -49.74 -31.46 -58.95
CA SER G 228 -50.77 -32.45 -58.68
C SER G 228 -50.58 -33.07 -57.30
N GLY G 229 -49.35 -33.00 -56.80
CA GLY G 229 -49.02 -33.59 -55.51
C GLY G 229 -48.05 -34.74 -55.64
N ALA G 230 -47.70 -35.08 -56.89
CA ALA G 230 -46.73 -36.13 -57.19
C ALA G 230 -47.20 -37.51 -56.72
N PRO G 231 -46.49 -38.58 -57.13
CA PRO G 231 -46.80 -39.90 -56.54
C PRO G 231 -46.38 -39.98 -55.07
N GLU G 232 -45.70 -38.94 -54.59
CA GLU G 232 -45.17 -38.92 -53.23
C GLU G 232 -46.27 -38.80 -52.18
N MET G 233 -47.28 -38.00 -52.48
CA MET G 233 -48.43 -37.87 -51.58
C MET G 233 -49.35 -39.06 -51.74
N SER G 234 -49.66 -39.74 -50.63
CA SER G 234 -50.45 -40.96 -50.68
C SER G 234 -51.87 -40.72 -51.23
N PRO G 235 -52.58 -39.69 -50.72
CA PRO G 235 -53.82 -39.36 -51.43
C PRO G 235 -53.62 -38.12 -52.29
N ALA G 236 -53.54 -38.32 -53.60
CA ALA G 236 -53.27 -37.22 -54.54
C ALA G 236 -54.32 -36.12 -54.42
N SER G 237 -53.88 -34.95 -53.97
CA SER G 237 -54.75 -33.78 -53.89
C SER G 237 -55.27 -33.41 -55.27
N GLY G 238 -56.57 -33.22 -55.37
CA GLY G 238 -57.22 -32.99 -56.66
C GLY G 238 -56.85 -31.71 -57.38
N VAL G 239 -55.88 -30.98 -56.83
CA VAL G 239 -55.43 -29.73 -57.43
C VAL G 239 -54.79 -29.96 -58.80
N LYS G 240 -55.25 -29.22 -59.81
CA LYS G 240 -54.73 -29.35 -61.16
C LYS G 240 -53.97 -28.10 -61.59
N ALA G 241 -54.32 -26.96 -61.01
CA ALA G 241 -53.74 -25.69 -61.42
C ALA G 241 -53.67 -24.67 -60.28
N ILE G 242 -52.59 -23.90 -60.26
CA ILE G 242 -52.40 -22.83 -59.28
C ILE G 242 -52.10 -21.51 -59.97
N VAL G 243 -53.04 -20.58 -59.93
CA VAL G 243 -52.89 -19.30 -60.60
C VAL G 243 -52.73 -18.16 -59.59
N GLY G 244 -51.79 -17.26 -59.86
CA GLY G 244 -51.60 -16.11 -58.99
C GLY G 244 -50.35 -15.31 -59.27
N ASP G 245 -50.18 -14.24 -58.52
CA ASP G 245 -49.00 -13.38 -58.65
C ASP G 245 -47.82 -13.99 -57.91
N PHE G 246 -46.96 -14.70 -58.64
CA PHE G 246 -45.83 -15.37 -58.02
C PHE G 246 -44.68 -14.42 -57.67
N SER G 247 -44.97 -13.13 -57.66
CA SER G 247 -44.02 -12.13 -57.19
C SER G 247 -44.09 -12.04 -55.67
N ARG G 248 -45.11 -12.67 -55.10
CA ARG G 248 -45.33 -12.64 -53.65
C ARG G 248 -44.52 -13.71 -52.94
N VAL G 249 -44.49 -14.91 -53.51
CA VAL G 249 -43.75 -16.02 -52.92
C VAL G 249 -42.24 -15.79 -53.01
N HIS G 250 -41.58 -15.81 -51.86
CA HIS G 250 -40.13 -15.60 -51.80
C HIS G 250 -39.40 -16.85 -51.34
N TRP G 251 -38.88 -17.61 -52.31
CA TRP G 251 -38.09 -18.80 -52.00
C TRP G 251 -36.62 -18.52 -52.29
N GLY G 252 -35.74 -19.44 -51.90
CA GLY G 252 -34.32 -19.27 -52.16
C GLY G 252 -33.40 -20.30 -51.54
N PHE G 253 -32.29 -20.58 -52.22
CA PHE G 253 -31.27 -21.48 -51.73
C PHE G 253 -30.28 -20.75 -50.83
N GLN G 254 -30.16 -21.21 -49.59
CA GLN G 254 -29.20 -20.62 -48.65
C GLN G 254 -27.86 -21.32 -48.78
N ARG G 255 -27.88 -22.65 -48.88
CA ARG G 255 -26.66 -23.41 -49.17
C ARG G 255 -26.98 -24.57 -50.10
N ASN G 256 -26.40 -24.54 -51.30
CA ASN G 256 -26.64 -25.59 -52.30
C ASN G 256 -25.36 -26.36 -52.62
N PHE G 257 -25.14 -27.45 -51.89
CA PHE G 257 -23.96 -28.29 -52.11
C PHE G 257 -24.11 -29.14 -53.36
N PRO G 258 -22.99 -29.48 -54.01
CA PRO G 258 -23.03 -30.40 -55.15
C PRO G 258 -23.21 -31.85 -54.70
N ILE G 259 -22.84 -32.80 -55.55
CA ILE G 259 -22.95 -34.21 -55.19
C ILE G 259 -21.73 -34.68 -54.41
N GLU G 260 -21.92 -34.90 -53.11
CA GLU G 260 -20.84 -35.38 -52.24
C GLU G 260 -20.86 -36.90 -52.16
N LEU G 261 -19.66 -37.50 -52.15
CA LEU G 261 -19.55 -38.94 -51.96
C LEU G 261 -18.95 -39.26 -50.60
N ILE G 262 -19.69 -40.06 -49.83
CA ILE G 262 -19.25 -40.43 -48.49
C ILE G 262 -18.69 -41.85 -48.48
N GLU G 263 -17.42 -41.98 -48.08
CA GLU G 263 -16.75 -43.27 -48.08
C GLU G 263 -16.78 -43.92 -46.71
N TYR G 264 -16.83 -43.11 -45.66
CA TYR G 264 -16.75 -43.64 -44.30
C TYR G 264 -18.02 -43.38 -43.50
N GLY G 265 -18.14 -44.06 -42.37
CA GLY G 265 -19.21 -43.80 -41.41
C GLY G 265 -20.47 -44.63 -41.63
N ASP G 266 -21.57 -44.13 -41.07
CA ASP G 266 -22.87 -44.78 -41.21
C ASP G 266 -23.98 -43.75 -41.33
N PRO G 267 -24.04 -43.04 -42.48
CA PRO G 267 -25.12 -42.07 -42.69
C PRO G 267 -26.45 -42.78 -42.91
N ASP G 268 -27.56 -42.09 -42.64
CA ASP G 268 -28.88 -42.73 -42.61
C ASP G 268 -28.79 -43.91 -41.66
N GLN G 269 -28.62 -43.59 -40.37
CA GLN G 269 -28.25 -44.58 -39.37
C GLN G 269 -29.22 -45.76 -39.27
N THR G 270 -28.82 -46.87 -39.88
CA THR G 270 -29.58 -48.11 -39.80
C THR G 270 -28.75 -49.19 -39.12
N GLY G 271 -27.43 -49.00 -39.11
CA GLY G 271 -26.54 -49.93 -38.45
C GLY G 271 -25.64 -50.70 -39.40
N ARG G 272 -25.18 -50.03 -40.45
CA ARG G 272 -24.30 -50.65 -41.44
C ARG G 272 -23.16 -49.72 -41.84
N ASP G 273 -21.93 -50.10 -41.52
CA ASP G 273 -20.76 -49.31 -41.90
C ASP G 273 -20.49 -49.39 -43.39
N LEU G 274 -20.01 -48.29 -43.96
CA LEU G 274 -19.72 -48.22 -45.39
C LEU G 274 -18.45 -48.96 -45.74
N LYS G 275 -17.56 -49.10 -44.76
CA LYS G 275 -16.32 -49.86 -44.97
C LYS G 275 -16.51 -51.32 -44.58
N GLY G 276 -17.60 -51.59 -43.87
CA GLY G 276 -17.92 -52.94 -43.45
C GLY G 276 -18.64 -53.71 -44.55
N HIS G 277 -19.39 -52.99 -45.38
CA HIS G 277 -20.12 -53.61 -46.48
C HIS G 277 -19.59 -53.11 -47.83
N ASN G 278 -18.50 -52.36 -47.77
CA ASN G 278 -17.85 -51.80 -48.96
C ASN G 278 -18.75 -50.86 -49.77
N GLU G 279 -19.89 -50.49 -49.21
CA GLU G 279 -20.84 -49.61 -49.89
C GLU G 279 -20.37 -48.15 -49.85
N VAL G 280 -20.88 -47.35 -50.77
CA VAL G 280 -20.49 -45.95 -50.87
C VAL G 280 -21.71 -45.05 -50.93
N MET G 281 -21.72 -43.98 -50.14
CA MET G 281 -22.89 -43.11 -50.04
C MET G 281 -22.87 -41.95 -51.04
N VAL G 282 -24.05 -41.60 -51.53
CA VAL G 282 -24.20 -40.46 -52.42
C VAL G 282 -25.15 -39.44 -51.78
N ARG G 283 -24.68 -38.20 -51.67
CA ARG G 283 -25.37 -37.18 -50.89
C ARG G 283 -25.88 -36.01 -51.75
N ALA G 284 -26.99 -35.41 -51.32
CA ALA G 284 -27.54 -34.23 -52.00
C ALA G 284 -28.09 -33.23 -50.98
N GLU G 285 -27.20 -32.59 -50.22
CA GLU G 285 -27.60 -31.64 -49.20
C GLU G 285 -27.95 -30.28 -49.79
N ALA G 286 -29.02 -29.68 -49.29
CA ALA G 286 -29.38 -28.32 -49.69
C ALA G 286 -30.32 -27.68 -48.68
N VAL G 287 -29.92 -26.54 -48.12
CA VAL G 287 -30.81 -25.83 -47.20
C VAL G 287 -31.36 -24.56 -47.85
N LEU G 288 -32.68 -24.46 -47.82
CA LEU G 288 -33.41 -23.40 -48.51
C LEU G 288 -34.49 -22.80 -47.62
N TYR G 289 -35.26 -21.86 -48.15
CA TYR G 289 -36.39 -21.28 -47.42
C TYR G 289 -37.54 -20.95 -48.36
N VAL G 290 -38.76 -21.05 -47.84
CA VAL G 290 -39.95 -20.72 -48.62
C VAL G 290 -40.89 -19.83 -47.83
N ALA G 291 -41.09 -18.61 -48.33
CA ALA G 291 -41.96 -17.64 -47.67
C ALA G 291 -43.15 -17.28 -48.54
N ILE G 292 -44.31 -17.14 -47.89
CA ILE G 292 -45.54 -16.76 -48.59
C ILE G 292 -46.15 -15.51 -47.96
N GLU G 293 -46.09 -14.40 -48.67
CA GLU G 293 -46.55 -13.11 -48.16
C GLU G 293 -48.06 -13.09 -47.91
N SER G 294 -48.83 -13.48 -48.92
CA SER G 294 -50.29 -13.44 -48.82
C SER G 294 -50.94 -14.69 -49.40
N LEU G 295 -52.23 -14.88 -49.13
CA LEU G 295 -52.96 -16.03 -49.63
C LEU G 295 -54.28 -15.62 -50.27
N ASP G 296 -54.58 -14.33 -50.24
CA ASP G 296 -55.77 -13.79 -50.89
C ASP G 296 -55.51 -13.55 -52.37
N SER G 297 -54.37 -14.03 -52.86
CA SER G 297 -53.95 -13.74 -54.23
C SER G 297 -53.74 -15.00 -55.06
N PHE G 298 -54.00 -16.16 -54.48
CA PHE G 298 -53.80 -17.42 -55.19
C PHE G 298 -55.08 -18.25 -55.31
N ALA G 299 -55.34 -18.77 -56.50
CA ALA G 299 -56.49 -19.62 -56.75
C ALA G 299 -56.04 -21.00 -57.19
N VAL G 300 -56.77 -22.02 -56.76
CA VAL G 300 -56.43 -23.40 -57.11
C VAL G 300 -57.59 -24.10 -57.80
N VAL G 301 -57.27 -25.20 -58.48
CA VAL G 301 -58.29 -25.96 -59.21
C VAL G 301 -58.34 -27.41 -58.74
N LYS G 302 -59.32 -27.73 -57.89
CA LYS G 302 -59.44 -29.08 -57.34
C LYS G 302 -60.53 -29.90 -58.02
N GLU G 303 -60.33 -31.22 -58.08
CA GLU G 303 -61.32 -32.11 -58.66
C GLU G 303 -62.53 -32.26 -57.75
#